data_6NF7
#
_entry.id   6NF7
#
_cell.length_a   64.046
_cell.length_b   205.860
_cell.length_c   100.673
_cell.angle_alpha   90.000
_cell.angle_beta   103.250
_cell.angle_gamma   90.000
#
_symmetry.space_group_name_H-M   'P 1 21 1'
#
loop_
_entity.id
_entity.type
_entity.pdbx_description
1 polymer RT1A.a
2 polymer Beta-2-microglobulin
3 polymer 'Bu31-10 peptide'
#
loop_
_entity_poly.entity_id
_entity_poly.type
_entity_poly.pdbx_seq_one_letter_code
_entity_poly.pdbx_strand_id
1 'polypeptide(L)'
;GSHSLRYFYTAVSRPGLGEPRFIAVGYVDDTEFVRFDSDAENPRMEPRARWMEREGPEYWEQQTRIAKEWEQIYRVDLRT
LRGYYNQSEGGSHTIQEMYGCDVGSDGSLLRGYRQDAYDGRDYIALNEDLKTWTAADFAAQITRNKWERARYAERLRAYL
EGTCVEWLSRYLELGKETLLRSDPPEAHVTLHPRPEGDVTLRCWALGFYPADITLTWQLNGEDLTQDMELVETRPAGDGT
FQKWASVVVPLGKEQNYTCRVEHEGLPKPLSQRWE
;
A,D,G,J,M
2 'polypeptide(L)'
;MIQKTPQIQVYSRHPPENGKPNFLNCYVSQFHPPQIEIELLKNGKKIPNIEMSDLSFSKDWSFYILAHTEFTPTETDVYA
CRVKHVTLKEPKTVTWDRDM
;
B,E,H,K,N
3 'polypeptide(L)' YLRYDSDVGEYR C,F,I,L,O
#
# COMPACT_ATOMS: atom_id res chain seq x y z
N GLY A 1 8.00 48.95 8.53
CA GLY A 1 8.90 47.91 8.98
C GLY A 1 8.19 46.86 9.82
N SER A 2 7.74 45.79 9.17
CA SER A 2 6.98 44.75 9.84
C SER A 2 7.87 43.82 10.64
N HIS A 3 7.24 43.00 11.49
CA HIS A 3 7.93 41.95 12.21
C HIS A 3 7.18 40.64 11.99
N SER A 4 7.75 39.53 12.43
CA SER A 4 7.12 38.24 12.20
C SER A 4 7.50 37.19 13.23
N LEU A 5 6.52 36.37 13.61
CA LEU A 5 6.76 35.17 14.40
C LEU A 5 6.46 33.95 13.54
N ARG A 6 7.45 33.08 13.35
CA ARG A 6 7.26 31.90 12.52
C ARG A 6 7.75 30.64 13.22
N TYR A 7 7.15 29.50 12.88
CA TYR A 7 7.58 28.20 13.39
C TYR A 7 7.82 27.23 12.24
N PHE A 8 8.84 26.38 12.39
CA PHE A 8 9.15 25.38 11.38
C PHE A 8 9.12 23.98 11.99
N TYR A 9 8.31 23.10 11.39
CA TYR A 9 8.21 21.71 11.85
C TYR A 9 8.87 20.77 10.85
N THR A 10 9.45 19.68 11.33
CA THR A 10 10.03 18.66 10.45
C THR A 10 9.90 17.27 11.05
N ALA A 11 9.44 16.32 10.23
CA ALA A 11 9.37 14.92 10.63
C ALA A 11 10.07 14.03 9.60
N VAL A 12 10.85 13.08 10.09
CA VAL A 12 11.54 12.14 9.21
C VAL A 12 11.46 10.70 9.70
N SER A 13 10.81 9.85 8.92
CA SER A 13 10.85 8.42 9.17
C SER A 13 12.27 7.92 8.88
N ARG A 14 12.85 7.21 9.84
CA ARG A 14 14.25 6.78 9.70
C ARG A 14 14.40 5.27 9.85
N PRO A 15 14.03 4.51 8.82
CA PRO A 15 14.23 3.06 8.88
C PRO A 15 15.72 2.72 8.83
N GLY A 16 16.13 1.74 9.63
CA GLY A 16 17.54 1.39 9.70
C GLY A 16 18.16 1.87 10.99
N LEU A 17 17.61 2.95 11.54
CA LEU A 17 18.11 3.48 12.80
C LEU A 17 17.04 3.37 13.89
N GLY A 18 16.08 4.27 13.88
CA GLY A 18 15.05 4.26 14.90
C GLY A 18 13.69 4.78 14.48
N GLU A 19 13.00 5.41 15.41
CA GLU A 19 11.67 5.97 15.18
C GLU A 19 11.77 7.31 14.47
N PRO A 20 10.66 7.84 13.95
CA PRO A 20 10.67 9.16 13.33
C PRO A 20 11.21 10.27 14.24
N ARG A 21 11.98 11.19 13.66
CA ARG A 21 12.50 12.33 14.39
C ARG A 21 11.62 13.57 14.15
N PHE A 22 11.33 14.30 15.22
CA PHE A 22 10.53 15.52 15.11
C PHE A 22 11.31 16.73 15.60
N ILE A 23 11.35 17.78 14.80
CA ILE A 23 12.09 19.00 15.15
C ILE A 23 11.24 20.25 14.95
N ALA A 24 11.14 21.07 15.99
CA ALA A 24 10.37 22.31 15.91
C ALA A 24 11.22 23.52 16.30
N VAL A 25 11.34 24.48 15.38
CA VAL A 25 12.08 25.70 15.67
C VAL A 25 11.21 26.94 15.48
N GLY A 26 11.44 27.95 16.31
CA GLY A 26 10.69 29.19 16.22
C GLY A 26 11.58 30.38 15.91
N TYR A 27 11.11 31.25 15.03
CA TYR A 27 11.85 32.45 14.66
C TYR A 27 11.04 33.72 14.87
N VAL A 28 11.67 34.72 15.47
CA VAL A 28 11.15 36.09 15.42
C VAL A 28 12.06 36.88 14.48
N ASP A 29 11.51 37.25 13.32
CA ASP A 29 12.29 37.85 12.25
C ASP A 29 13.41 36.91 11.80
N ASP A 30 14.66 37.36 11.96
CA ASP A 30 15.81 36.55 11.57
C ASP A 30 16.57 36.01 12.78
N THR A 31 15.82 35.71 13.85
CA THR A 31 16.44 35.25 15.09
C THR A 31 15.66 34.12 15.72
N GLU A 32 16.24 32.92 15.76
CA GLU A 32 15.61 31.81 16.44
C GLU A 32 15.71 32.01 17.95
N PHE A 33 14.60 31.76 18.65
CA PHE A 33 14.55 32.00 20.08
C PHE A 33 14.15 30.74 20.84
N VAL A 34 13.59 29.77 20.12
CA VAL A 34 13.02 28.61 20.78
C VAL A 34 13.32 27.32 19.97
N ARG A 35 13.36 26.19 20.67
CA ARG A 35 13.78 24.92 20.04
C ARG A 35 13.18 23.68 20.70
N PHE A 36 12.82 22.70 19.88
CA PHE A 36 12.43 21.39 20.38
C PHE A 36 12.96 20.29 19.45
N ASP A 37 13.58 19.28 20.04
CA ASP A 37 14.16 18.17 19.26
C ASP A 37 13.91 16.83 19.94
N SER A 38 13.22 15.93 19.25
CA SER A 38 12.82 14.65 19.82
C SER A 38 13.96 13.62 19.82
N ASP A 39 15.14 14.04 19.38
CA ASP A 39 16.32 13.20 19.45
C ASP A 39 17.19 13.61 20.63
N ALA A 40 16.60 14.39 21.53
CA ALA A 40 17.32 14.86 22.71
C ALA A 40 17.24 13.84 23.84
N GLU A 41 18.13 13.99 24.82
CA GLU A 41 18.16 13.12 26.00
C GLU A 41 16.80 13.07 26.68
N ASN A 42 16.17 14.25 26.82
CA ASN A 42 14.79 14.35 27.26
C ASN A 42 14.16 15.58 26.61
N PRO A 43 13.54 15.37 25.45
CA PRO A 43 12.96 16.42 24.60
C PRO A 43 12.06 17.40 25.35
N ARG A 44 12.38 18.69 25.21
CA ARG A 44 11.59 19.75 25.84
C ARG A 44 11.90 21.07 25.15
N MET A 45 10.96 22.01 25.21
CA MET A 45 11.14 23.30 24.57
C MET A 45 12.22 24.10 25.30
N GLU A 46 13.18 24.62 24.54
CA GLU A 46 14.32 25.32 25.12
C GLU A 46 14.52 26.71 24.49
N PRO A 47 15.07 27.65 25.26
CA PRO A 47 15.41 28.98 24.73
C PRO A 47 16.67 28.96 23.87
N ARG A 48 16.69 29.81 22.85
CA ARG A 48 17.86 29.97 21.99
C ARG A 48 18.18 31.45 21.87
N ALA A 49 17.76 32.21 22.88
CA ALA A 49 17.98 33.65 22.93
C ALA A 49 18.02 34.11 24.38
N ARG A 50 19.01 34.94 24.69
CA ARG A 50 19.24 35.42 26.07
C ARG A 50 18.01 36.11 26.65
N TRP A 51 17.15 36.65 25.80
CA TRP A 51 15.98 37.39 26.26
C TRP A 51 14.75 36.51 26.46
N MET A 52 14.94 35.20 26.40
CA MET A 52 13.85 34.25 26.67
C MET A 52 14.09 33.49 27.97
N GLU A 53 15.25 33.70 28.58
CA GLU A 53 15.65 32.93 29.75
C GLU A 53 15.12 33.47 31.08
N ARG A 54 13.96 34.12 31.04
CA ARG A 54 13.33 34.60 32.27
C ARG A 54 11.82 34.39 32.24
N GLU A 55 11.35 33.59 31.29
CA GLU A 55 9.92 33.33 31.14
C GLU A 55 9.36 32.56 32.32
N GLY A 56 10.11 31.57 32.79
CA GLY A 56 9.67 30.78 33.93
C GLY A 56 9.07 29.44 33.52
N PRO A 57 9.05 28.48 34.45
CA PRO A 57 8.58 27.10 34.24
C PRO A 57 7.18 27.04 33.62
N GLU A 58 6.33 27.99 34.01
CA GLU A 58 4.99 28.12 33.47
C GLU A 58 4.94 27.99 31.94
N TYR A 59 5.70 28.85 31.26
CA TYR A 59 5.72 28.91 29.81
C TYR A 59 6.31 27.64 29.20
N TRP A 60 7.49 27.28 29.66
CA TRP A 60 8.25 26.16 29.08
C TRP A 60 7.56 24.82 29.26
N GLU A 61 6.93 24.61 30.42
CA GLU A 61 6.20 23.37 30.67
C GLU A 61 5.02 23.23 29.71
N GLN A 62 4.41 24.37 29.40
CA GLN A 62 3.23 24.38 28.52
C GLN A 62 3.63 24.24 27.05
N GLN A 63 4.73 24.86 26.67
CA GLN A 63 5.20 24.78 25.28
C GLN A 63 5.66 23.38 24.94
N THR A 64 6.34 22.74 25.89
CA THR A 64 6.78 21.36 25.73
C THR A 64 5.59 20.43 25.52
N ARG A 65 4.52 20.69 26.28
CA ARG A 65 3.30 19.91 26.19
C ARG A 65 2.75 19.90 24.77
N ILE A 66 2.69 21.09 24.16
CA ILE A 66 2.16 21.23 22.81
C ILE A 66 3.12 20.63 21.78
N ALA A 67 4.42 20.81 22.01
CA ALA A 67 5.43 20.28 21.10
C ALA A 67 5.36 18.76 21.04
N LYS A 68 5.17 18.14 22.20
CA LYS A 68 5.03 16.69 22.27
C LYS A 68 3.75 16.23 21.58
N GLU A 69 2.70 17.05 21.70
CA GLU A 69 1.44 16.77 21.04
C GLU A 69 1.62 16.65 19.54
N TRP A 70 2.43 17.55 18.98
CA TRP A 70 2.66 17.57 17.53
C TRP A 70 3.65 16.51 17.08
N GLU A 71 4.58 16.14 17.96
CA GLU A 71 5.49 15.04 17.67
C GLU A 71 4.68 13.77 17.42
N GLN A 72 3.64 13.59 18.21
CA GLN A 72 2.79 12.42 18.09
C GLN A 72 1.86 12.52 16.89
N ILE A 73 1.33 13.70 16.63
CA ILE A 73 0.48 13.92 15.47
C ILE A 73 1.25 13.64 14.18
N TYR A 74 2.53 13.99 14.17
CA TYR A 74 3.32 13.92 12.95
C TYR A 74 3.77 12.51 12.58
N ARG A 75 4.10 11.68 13.55
CA ARG A 75 4.48 10.31 13.23
C ARG A 75 3.24 9.51 12.85
N VAL A 76 2.07 9.98 13.24
CA VAL A 76 0.82 9.40 12.79
C VAL A 76 0.52 9.86 11.37
N ASP A 77 0.79 11.13 11.09
CA ASP A 77 0.58 11.68 9.75
C ASP A 77 1.56 11.09 8.73
N LEU A 78 2.78 10.80 9.19
CA LEU A 78 3.79 10.18 8.33
C LEU A 78 3.29 8.87 7.72
N ARG A 79 2.65 8.05 8.54
CA ARG A 79 2.09 6.79 8.09
C ARG A 79 0.88 7.00 7.18
N THR A 80 0.06 8.00 7.50
CA THR A 80 -1.14 8.27 6.75
C THR A 80 -0.85 8.65 5.29
N LEU A 81 0.12 9.53 5.09
CA LEU A 81 0.46 10.00 3.75
C LEU A 81 1.06 8.88 2.91
N ARG A 82 1.75 7.96 3.58
CA ARG A 82 2.30 6.79 2.90
C ARG A 82 1.18 5.95 2.30
N GLY A 83 0.03 5.94 2.98
CA GLY A 83 -1.14 5.22 2.50
C GLY A 83 -1.83 5.96 1.37
N TYR A 84 -1.82 7.29 1.42
CA TYR A 84 -2.40 8.11 0.37
C TYR A 84 -1.67 7.87 -0.95
N TYR A 85 -0.35 7.85 -0.90
CA TYR A 85 0.48 7.70 -2.09
C TYR A 85 0.76 6.23 -2.42
N ASN A 86 0.23 5.33 -1.60
CA ASN A 86 0.40 3.89 -1.79
C ASN A 86 1.87 3.51 -1.88
N GLN A 87 2.64 3.89 -0.87
CA GLN A 87 4.09 3.65 -0.86
C GLN A 87 4.46 2.50 0.07
N SER A 88 5.68 2.01 -0.07
CA SER A 88 6.15 0.86 0.69
C SER A 88 6.22 1.17 2.19
N GLU A 89 6.27 0.11 3.00
CA GLU A 89 6.15 0.24 4.46
C GLU A 89 7.36 0.89 5.12
N GLY A 90 8.55 0.34 4.87
CA GLY A 90 9.75 0.80 5.54
C GLY A 90 10.53 1.85 4.78
N GLY A 91 9.83 2.85 4.26
CA GLY A 91 10.46 3.91 3.50
C GLY A 91 10.91 5.08 4.38
N SER A 92 11.70 5.97 3.80
CA SER A 92 12.15 7.16 4.51
C SER A 92 11.58 8.42 3.87
N HIS A 93 10.59 9.02 4.52
CA HIS A 93 9.92 10.20 3.97
C HIS A 93 10.00 11.39 4.91
N THR A 94 9.69 12.58 4.39
CA THR A 94 9.77 13.80 5.18
C THR A 94 8.47 14.59 5.14
N ILE A 95 8.07 15.12 6.29
CA ILE A 95 6.96 16.07 6.36
C ILE A 95 7.42 17.33 7.07
N GLN A 96 7.33 18.47 6.39
CA GLN A 96 7.71 19.74 7.00
C GLN A 96 6.58 20.77 6.86
N GLU A 97 6.50 21.67 7.83
CA GLU A 97 5.42 22.66 7.88
C GLU A 97 5.92 23.99 8.44
N MET A 98 5.37 25.07 7.91
CA MET A 98 5.68 26.40 8.43
C MET A 98 4.40 27.21 8.62
N TYR A 99 4.23 27.77 9.82
CA TYR A 99 3.12 28.67 10.06
C TYR A 99 3.59 29.89 10.85
N GLY A 100 2.81 30.96 10.80
CA GLY A 100 3.17 32.19 11.48
C GLY A 100 2.46 33.41 10.92
N CYS A 101 2.86 34.59 11.37
CA CYS A 101 2.17 35.82 10.99
C CYS A 101 3.12 37.00 10.81
N ASP A 102 2.88 37.78 9.76
CA ASP A 102 3.58 39.04 9.56
C ASP A 102 2.75 40.18 10.12
N VAL A 103 3.30 40.92 11.09
CA VAL A 103 2.58 42.03 11.69
C VAL A 103 3.35 43.34 11.45
N GLY A 104 2.68 44.28 10.79
CA GLY A 104 3.33 45.52 10.38
C GLY A 104 3.31 46.62 11.43
N SER A 105 4.02 47.72 11.12
CA SER A 105 4.28 48.82 12.06
C SER A 105 3.11 49.21 12.97
N ASP A 106 1.90 49.27 12.42
CA ASP A 106 0.75 49.78 13.18
C ASP A 106 0.23 48.81 14.26
N GLY A 107 0.42 47.51 14.03
CA GLY A 107 -0.07 46.48 14.94
C GLY A 107 -0.97 45.51 14.20
N SER A 108 -1.26 45.84 12.95
CA SER A 108 -2.17 45.07 12.12
C SER A 108 -1.54 43.78 11.59
N LEU A 109 -2.34 42.73 11.51
CA LEU A 109 -1.93 41.50 10.84
C LEU A 109 -1.82 41.73 9.34
N LEU A 110 -0.60 41.75 8.82
CA LEU A 110 -0.39 41.96 7.39
C LEU A 110 -0.75 40.71 6.59
N ARG A 111 -0.20 39.57 7.01
CA ARG A 111 -0.52 38.30 6.35
C ARG A 111 -0.29 37.11 7.28
N GLY A 112 -1.22 36.16 7.24
CA GLY A 112 -1.10 34.91 7.99
C GLY A 112 -0.94 33.72 7.06
N TYR A 113 -0.13 32.76 7.46
CA TYR A 113 0.16 31.61 6.61
C TYR A 113 0.38 30.31 7.38
N ARG A 114 0.13 29.20 6.70
CA ARG A 114 0.42 27.87 7.22
C ARG A 114 0.49 26.87 6.07
N GLN A 115 1.71 26.52 5.67
CA GLN A 115 1.91 25.63 4.53
C GLN A 115 2.80 24.44 4.91
N ASP A 116 2.57 23.29 4.29
CA ASP A 116 3.41 22.12 4.53
C ASP A 116 3.85 21.44 3.23
N ALA A 117 4.64 20.38 3.36
CA ALA A 117 5.21 19.71 2.19
C ALA A 117 5.57 18.26 2.49
N TYR A 118 5.38 17.39 1.50
CA TYR A 118 5.73 15.99 1.65
C TYR A 118 6.91 15.64 0.74
N ASP A 119 8.07 15.41 1.37
CA ASP A 119 9.31 15.07 0.68
C ASP A 119 9.79 16.18 -0.25
N GLY A 120 9.77 17.41 0.24
CA GLY A 120 10.31 18.53 -0.51
C GLY A 120 9.39 19.10 -1.58
N ARG A 121 8.19 18.52 -1.70
CA ARG A 121 7.20 19.04 -2.65
C ARG A 121 5.97 19.51 -1.88
N ASP A 122 5.38 20.62 -2.34
CA ASP A 122 4.21 21.20 -1.70
C ASP A 122 3.10 20.19 -1.47
N TYR A 123 2.38 20.35 -0.37
CA TYR A 123 1.25 19.47 -0.07
C TYR A 123 -0.03 20.30 0.02
N ILE A 124 -0.41 20.68 1.23
CA ILE A 124 -1.57 21.54 1.41
C ILE A 124 -1.13 22.89 1.99
N ALA A 125 -1.86 23.95 1.65
CA ALA A 125 -1.51 25.29 2.11
C ALA A 125 -2.73 26.14 2.40
N LEU A 126 -2.68 26.88 3.49
CA LEU A 126 -3.72 27.84 3.81
C LEU A 126 -3.60 29.05 2.89
N ASN A 127 -4.70 29.44 2.27
CA ASN A 127 -4.70 30.62 1.42
C ASN A 127 -4.64 31.91 2.23
N GLU A 128 -4.36 33.02 1.57
CA GLU A 128 -4.16 34.29 2.27
C GLU A 128 -5.46 34.81 2.88
N ASP A 129 -6.59 34.34 2.35
CA ASP A 129 -7.90 34.71 2.88
C ASP A 129 -8.16 34.05 4.23
N LEU A 130 -7.33 33.06 4.57
CA LEU A 130 -7.44 32.33 5.83
C LEU A 130 -8.76 31.55 5.93
N LYS A 131 -9.32 31.19 4.76
CA LYS A 131 -10.59 30.47 4.71
C LYS A 131 -10.53 29.24 3.80
N THR A 132 -9.68 29.29 2.77
CA THR A 132 -9.62 28.20 1.80
C THR A 132 -8.26 27.50 1.77
N TRP A 133 -8.19 26.41 1.02
CA TRP A 133 -6.98 25.59 0.93
C TRP A 133 -6.55 25.35 -0.51
N THR A 134 -5.24 25.27 -0.74
CA THR A 134 -4.72 24.80 -2.03
C THR A 134 -4.07 23.43 -1.87
N ALA A 135 -4.50 22.48 -2.70
CA ALA A 135 -3.96 21.13 -2.66
C ALA A 135 -3.07 20.87 -3.88
N ALA A 136 -1.80 20.58 -3.63
CA ALA A 136 -0.83 20.43 -4.70
C ALA A 136 -1.09 19.20 -5.57
N ASP A 137 -1.47 18.09 -4.93
CA ASP A 137 -1.81 16.87 -5.67
C ASP A 137 -3.08 16.20 -5.12
N PHE A 138 -3.27 14.93 -5.46
CA PHE A 138 -4.48 14.22 -5.07
C PHE A 138 -4.51 13.92 -3.58
N ALA A 139 -3.35 13.65 -2.99
CA ALA A 139 -3.27 13.30 -1.58
C ALA A 139 -3.61 14.49 -0.70
N ALA A 140 -3.14 15.67 -1.10
CA ALA A 140 -3.45 16.89 -0.36
C ALA A 140 -4.94 17.20 -0.47
N GLN A 141 -5.53 16.85 -1.59
CA GLN A 141 -6.97 17.02 -1.81
C GLN A 141 -7.75 16.17 -0.83
N ILE A 142 -7.25 14.97 -0.55
CA ILE A 142 -7.85 14.09 0.46
C ILE A 142 -7.84 14.79 1.81
N THR A 143 -6.68 15.31 2.19
CA THR A 143 -6.52 16.02 3.46
C THR A 143 -7.41 17.26 3.49
N ARG A 144 -7.47 17.99 2.37
CA ARG A 144 -8.30 19.17 2.27
C ARG A 144 -9.76 18.85 2.57
N ASN A 145 -10.27 17.80 1.91
CA ASN A 145 -11.64 17.36 2.10
C ASN A 145 -11.96 17.06 3.56
N LYS A 146 -11.01 16.46 4.26
CA LYS A 146 -11.19 16.12 5.67
C LYS A 146 -11.17 17.37 6.54
N TRP A 147 -10.53 18.42 6.04
CA TRP A 147 -10.40 19.66 6.79
C TRP A 147 -11.51 20.66 6.46
N GLU A 148 -12.07 20.56 5.25
CA GLU A 148 -13.18 21.42 4.88
C GLU A 148 -14.45 20.97 5.60
N ARG A 149 -14.59 19.67 5.79
CA ARG A 149 -15.72 19.11 6.52
C ARG A 149 -15.60 19.45 8.00
N ALA A 150 -14.39 19.37 8.53
CA ALA A 150 -14.15 19.60 9.95
C ALA A 150 -14.05 21.10 10.28
N ARG A 151 -14.16 21.93 9.24
CA ARG A 151 -14.05 23.39 9.39
C ARG A 151 -12.78 23.78 10.14
N TYR A 152 -11.67 23.21 9.71
CA TYR A 152 -10.39 23.36 10.40
C TYR A 152 -9.76 24.73 10.14
N ALA A 153 -10.11 25.34 9.01
CA ALA A 153 -9.55 26.63 8.62
C ALA A 153 -9.93 27.73 9.61
N GLU A 154 -11.10 27.58 10.23
CA GLU A 154 -11.60 28.58 11.17
C GLU A 154 -10.77 28.62 12.44
N ARG A 155 -10.32 27.45 12.88
CA ARG A 155 -9.48 27.36 14.07
C ARG A 155 -8.10 27.94 13.81
N LEU A 156 -7.67 27.89 12.55
CA LEU A 156 -6.38 28.43 12.15
C LEU A 156 -6.33 29.94 12.24
N ARG A 157 -7.25 30.60 11.54
CA ARG A 157 -7.27 32.06 11.49
C ARG A 157 -7.54 32.62 12.88
N ALA A 158 -8.13 31.80 13.76
CA ALA A 158 -8.28 32.18 15.15
C ALA A 158 -6.91 32.37 15.78
N TYR A 159 -6.04 31.38 15.59
CA TYR A 159 -4.68 31.44 16.11
C TYR A 159 -3.88 32.55 15.43
N LEU A 160 -3.92 32.58 14.10
CA LEU A 160 -3.10 33.50 13.32
C LEU A 160 -3.46 34.97 13.53
N GLU A 161 -4.63 35.24 14.10
CA GLU A 161 -5.07 36.61 14.33
C GLU A 161 -5.00 36.98 15.81
N GLY A 162 -5.03 35.98 16.68
CA GLY A 162 -5.04 36.22 18.12
C GLY A 162 -3.72 35.89 18.78
N THR A 163 -3.58 34.64 19.18
CA THR A 163 -2.39 34.16 19.89
C THR A 163 -1.08 34.54 19.20
N CYS A 164 -1.04 34.35 17.88
CA CYS A 164 0.18 34.59 17.11
C CYS A 164 0.62 36.05 17.17
N VAL A 165 -0.33 36.95 16.92
CA VAL A 165 -0.04 38.39 16.94
C VAL A 165 0.37 38.86 18.34
N GLU A 166 -0.36 38.42 19.35
CA GLU A 166 -0.12 38.86 20.72
C GLU A 166 1.23 38.43 21.28
N TRP A 167 1.55 37.16 21.14
CA TRP A 167 2.80 36.64 21.68
C TRP A 167 4.01 37.18 20.92
N LEU A 168 3.83 37.41 19.62
CA LEU A 168 4.85 38.09 18.82
C LEU A 168 5.06 39.49 19.39
N SER A 169 3.95 40.13 19.74
CA SER A 169 4.00 41.49 20.26
C SER A 169 4.74 41.57 21.59
N ARG A 170 4.72 40.48 22.36
CA ARG A 170 5.40 40.47 23.65
C ARG A 170 6.78 39.83 23.57
N TYR A 171 7.03 39.06 22.51
CA TYR A 171 8.37 38.55 22.26
C TYR A 171 9.27 39.71 21.86
N LEU A 172 8.69 40.66 21.14
CA LEU A 172 9.39 41.88 20.75
C LEU A 172 9.77 42.71 21.97
N GLU A 173 8.89 42.73 22.97
CA GLU A 173 9.14 43.46 24.20
C GLU A 173 10.29 42.85 25.00
N LEU A 174 10.28 41.53 25.16
CA LEU A 174 11.29 40.83 25.93
C LEU A 174 12.69 40.99 25.35
N GLY A 175 12.79 41.11 24.03
CA GLY A 175 14.07 41.27 23.38
C GLY A 175 14.15 42.50 22.50
N LYS A 176 13.72 43.64 23.03
CA LYS A 176 13.64 44.87 22.25
C LYS A 176 15.00 45.45 21.88
N GLU A 177 15.98 45.33 22.77
CA GLU A 177 17.31 45.87 22.51
C GLU A 177 18.16 44.90 21.68
N THR A 178 17.53 43.83 21.20
CA THR A 178 18.22 42.86 20.36
C THR A 178 17.47 42.62 19.05
N LEU A 179 16.15 42.80 19.08
CA LEU A 179 15.35 42.55 17.89
C LEU A 179 15.12 43.84 17.09
N LEU A 180 15.23 44.97 17.76
CA LEU A 180 14.98 46.26 17.12
C LEU A 180 16.30 46.95 16.75
N ARG A 181 17.41 46.24 16.93
CA ARG A 181 18.71 46.74 16.54
C ARG A 181 18.82 46.85 15.03
N SER A 182 19.92 47.45 14.58
CA SER A 182 20.26 47.45 13.16
C SER A 182 21.75 47.67 13.01
N ASP A 183 22.52 46.60 13.17
CA ASP A 183 23.97 46.66 13.00
C ASP A 183 24.32 46.74 11.52
N PRO A 184 24.99 47.83 11.12
CA PRO A 184 25.41 48.01 9.72
C PRO A 184 26.56 47.07 9.36
N PRO A 185 26.72 46.78 8.06
CA PRO A 185 27.84 45.95 7.57
C PRO A 185 29.19 46.64 7.70
N GLU A 186 30.21 45.90 8.12
CA GLU A 186 31.57 46.42 8.13
C GLU A 186 32.36 45.85 6.96
N ALA A 187 32.40 46.61 5.87
CA ALA A 187 32.96 46.12 4.61
C ALA A 187 34.44 46.45 4.44
N HIS A 188 35.14 45.62 3.66
CA HIS A 188 36.51 45.90 3.24
C HIS A 188 36.86 45.06 2.01
N VAL A 189 37.99 45.39 1.38
CA VAL A 189 38.39 44.73 0.14
C VAL A 189 39.73 43.99 0.31
N THR A 190 39.80 42.78 -0.23
CA THR A 190 41.03 42.01 -0.22
C THR A 190 41.51 41.71 -1.64
N LEU A 191 42.81 41.48 -1.78
CA LEU A 191 43.44 41.29 -3.08
C LEU A 191 44.08 39.91 -3.19
N HIS A 192 43.72 39.17 -4.24
CA HIS A 192 44.20 37.79 -4.38
C HIS A 192 44.64 37.46 -5.80
N PRO A 193 45.95 37.31 -6.01
CA PRO A 193 46.52 36.97 -7.32
C PRO A 193 46.00 35.65 -7.88
N ARG A 194 45.75 35.62 -9.18
CA ARG A 194 45.38 34.40 -9.88
C ARG A 194 46.56 33.90 -10.70
N PRO A 195 46.58 32.59 -11.02
CA PRO A 195 47.61 32.03 -11.90
C PRO A 195 47.61 32.66 -13.29
N GLU A 196 46.47 33.19 -13.71
CA GLU A 196 46.32 33.76 -15.05
C GLU A 196 47.14 35.03 -15.24
N GLY A 197 47.56 35.65 -14.14
CA GLY A 197 48.32 36.89 -14.23
C GLY A 197 47.50 38.10 -13.86
N ASP A 198 46.18 37.92 -13.73
CA ASP A 198 45.32 38.98 -13.24
C ASP A 198 45.10 38.81 -11.73
N VAL A 199 44.24 39.64 -11.16
CA VAL A 199 43.97 39.57 -9.72
C VAL A 199 42.48 39.45 -9.42
N THR A 200 42.15 39.02 -8.21
CA THR A 200 40.76 38.95 -7.77
C THR A 200 40.51 39.94 -6.66
N LEU A 201 39.50 40.79 -6.86
CA LEU A 201 39.06 41.70 -5.81
C LEU A 201 37.87 41.10 -5.07
N ARG A 202 38.02 40.92 -3.76
CA ARG A 202 36.93 40.39 -2.95
C ARG A 202 36.47 41.41 -1.91
N CYS A 203 35.20 41.76 -1.95
CA CYS A 203 34.64 42.70 -0.98
C CYS A 203 33.81 42.01 0.07
N TRP A 204 34.28 42.02 1.30
CA TRP A 204 33.60 41.38 2.41
C TRP A 204 32.56 42.31 3.03
N ALA A 205 31.61 41.73 3.75
CA ALA A 205 30.64 42.47 4.54
C ALA A 205 30.37 41.68 5.81
N LEU A 206 30.71 42.24 6.97
CA LEU A 206 30.70 41.48 8.21
C LEU A 206 29.91 42.12 9.35
N GLY A 207 29.34 41.27 10.19
CA GLY A 207 28.70 41.69 11.43
C GLY A 207 27.46 42.54 11.28
N PHE A 208 26.66 42.26 10.26
CA PHE A 208 25.44 43.05 10.03
C PHE A 208 24.17 42.27 10.39
N TYR A 209 23.12 43.01 10.73
CA TYR A 209 21.81 42.45 11.02
C TYR A 209 20.75 43.52 10.75
N PRO A 210 19.65 43.15 10.06
CA PRO A 210 19.25 41.83 9.57
C PRO A 210 20.05 41.32 8.37
N ALA A 211 19.65 40.17 7.85
CA ALA A 211 20.45 39.44 6.88
C ALA A 211 20.36 39.99 5.45
N ASP A 212 19.26 40.66 5.13
CA ASP A 212 19.06 41.15 3.77
C ASP A 212 20.09 42.24 3.45
N ILE A 213 20.86 42.01 2.39
CA ILE A 213 21.93 42.93 2.00
C ILE A 213 22.19 42.81 0.51
N THR A 214 22.90 43.79 -0.05
CA THR A 214 23.25 43.79 -1.47
C THR A 214 24.67 44.28 -1.69
N LEU A 215 25.45 43.51 -2.45
CA LEU A 215 26.80 43.91 -2.84
C LEU A 215 26.89 44.04 -4.35
N THR A 216 27.54 45.11 -4.82
CA THR A 216 27.65 45.35 -6.25
C THR A 216 29.00 46.00 -6.60
N TRP A 217 29.74 45.36 -7.50
CA TRP A 217 31.02 45.91 -7.96
C TRP A 217 30.80 46.93 -9.07
N GLN A 218 31.50 48.06 -8.97
CA GLN A 218 31.30 49.17 -9.88
C GLN A 218 32.55 49.54 -10.66
N LEU A 219 32.34 50.12 -11.84
CA LEU A 219 33.40 50.82 -12.56
C LEU A 219 32.87 52.21 -12.91
N ASN A 220 32.99 53.13 -11.95
CA ASN A 220 32.52 54.50 -12.10
C ASN A 220 31.04 54.57 -12.49
N GLY A 221 30.21 53.77 -11.82
CA GLY A 221 28.78 53.80 -12.05
C GLY A 221 28.25 52.59 -12.80
N GLU A 222 29.08 51.99 -13.63
CA GLU A 222 28.66 50.86 -14.45
C GLU A 222 28.81 49.53 -13.68
N ASP A 223 27.90 48.59 -13.92
CA ASP A 223 27.88 47.33 -13.19
C ASP A 223 28.67 46.22 -13.89
N LEU A 224 29.04 45.21 -13.12
CA LEU A 224 29.75 44.03 -13.63
C LEU A 224 29.20 42.76 -12.99
N THR A 225 27.88 42.69 -12.87
CA THR A 225 27.24 41.68 -12.03
C THR A 225 27.10 40.32 -12.73
N GLN A 226 27.04 40.29 -14.06
CA GLN A 226 26.94 39.01 -14.76
C GLN A 226 28.31 38.60 -15.35
N ASP A 227 29.36 38.92 -14.61
CA ASP A 227 30.68 38.31 -14.80
C ASP A 227 31.36 38.35 -13.44
N MET A 228 30.51 38.34 -12.42
CA MET A 228 30.92 38.46 -11.03
C MET A 228 30.96 37.09 -10.38
N GLU A 229 30.91 37.06 -9.04
CA GLU A 229 30.89 35.81 -8.29
C GLU A 229 30.31 36.05 -6.90
N LEU A 230 29.05 35.67 -6.72
CA LEU A 230 28.38 35.92 -5.45
C LEU A 230 28.54 34.75 -4.47
N VAL A 231 28.04 34.97 -3.26
CA VAL A 231 28.06 33.97 -2.21
C VAL A 231 26.83 34.24 -1.34
N GLU A 232 26.06 33.20 -1.04
CA GLU A 232 24.83 33.41 -0.30
C GLU A 232 25.12 33.74 1.16
N THR A 233 24.32 34.65 1.71
CA THR A 233 24.53 35.18 3.05
C THR A 233 24.55 34.07 4.09
N ARG A 234 25.59 34.08 4.92
CA ARG A 234 25.82 33.02 5.88
C ARG A 234 25.87 33.58 7.30
N PRO A 235 25.43 32.77 8.29
CA PRO A 235 25.47 33.18 9.69
C PRO A 235 26.88 33.10 10.28
N ALA A 236 27.29 34.13 11.02
CA ALA A 236 28.57 34.12 11.70
C ALA A 236 28.44 33.36 13.02
N GLY A 237 27.24 32.85 13.28
CA GLY A 237 26.99 32.08 14.47
C GLY A 237 27.10 32.90 15.74
N ASP A 238 26.68 34.15 15.67
CA ASP A 238 26.74 35.04 16.83
C ASP A 238 25.60 36.05 16.83
N GLY A 239 24.71 35.94 15.85
CA GLY A 239 23.57 36.83 15.76
C GLY A 239 23.67 37.81 14.61
N THR A 240 24.80 37.77 13.91
CA THR A 240 25.00 38.63 12.75
C THR A 240 25.32 37.78 11.52
N PHE A 241 25.42 38.44 10.37
CA PHE A 241 25.62 37.73 9.11
C PHE A 241 26.84 38.21 8.34
N GLN A 242 27.27 37.39 7.38
CA GLN A 242 28.41 37.71 6.52
C GLN A 242 28.06 37.49 5.07
N LYS A 243 28.78 38.16 4.17
CA LYS A 243 28.64 37.96 2.74
C LYS A 243 29.80 38.60 1.99
N TRP A 244 30.10 38.09 0.80
CA TRP A 244 31.07 38.74 -0.08
C TRP A 244 30.80 38.46 -1.55
N ALA A 245 31.32 39.35 -2.41
CA ALA A 245 31.28 39.17 -3.84
C ALA A 245 32.64 39.49 -4.43
N SER A 246 32.96 38.90 -5.59
CA SER A 246 34.29 39.08 -6.16
C SER A 246 34.27 39.31 -7.67
N VAL A 247 35.31 39.99 -8.16
CA VAL A 247 35.50 40.20 -9.60
C VAL A 247 36.95 39.97 -9.99
N VAL A 248 37.17 39.55 -11.24
CA VAL A 248 38.52 39.45 -11.76
C VAL A 248 38.92 40.76 -12.43
N VAL A 249 40.12 41.21 -12.15
CA VAL A 249 40.59 42.51 -12.59
C VAL A 249 42.06 42.44 -13.03
N PRO A 250 42.37 43.00 -14.20
CA PRO A 250 43.76 43.03 -14.70
C PRO A 250 44.69 43.72 -13.72
N LEU A 251 45.90 43.17 -13.55
CA LEU A 251 46.87 43.68 -12.58
C LEU A 251 47.12 45.17 -12.74
N GLY A 252 47.14 45.88 -11.62
CA GLY A 252 47.37 47.32 -11.63
C GLY A 252 46.10 48.14 -11.55
N LYS A 253 45.00 47.57 -12.05
CA LYS A 253 43.72 48.27 -12.11
C LYS A 253 42.93 48.24 -10.79
N GLU A 254 43.56 47.78 -9.72
CA GLU A 254 42.86 47.47 -8.46
C GLU A 254 42.05 48.63 -7.88
N GLN A 255 42.63 49.82 -7.86
CA GLN A 255 41.99 50.96 -7.22
C GLN A 255 40.86 51.56 -8.05
N ASN A 256 40.80 51.13 -9.30
CA ASN A 256 39.80 51.64 -10.23
C ASN A 256 38.37 51.18 -9.94
N TYR A 257 38.26 50.15 -9.11
CA TYR A 257 36.96 49.53 -8.86
C TYR A 257 36.45 49.82 -7.46
N THR A 258 35.14 50.01 -7.36
CA THR A 258 34.49 50.24 -6.07
C THR A 258 33.32 49.28 -5.89
N CYS A 259 33.15 48.78 -4.67
CA CYS A 259 32.04 47.89 -4.36
C CYS A 259 30.98 48.62 -3.54
N ARG A 260 29.73 48.55 -3.97
CA ARG A 260 28.64 49.25 -3.31
C ARG A 260 27.84 48.35 -2.37
N VAL A 261 27.86 48.68 -1.08
CA VAL A 261 27.12 47.93 -0.07
C VAL A 261 25.79 48.60 0.25
N GLU A 262 24.71 47.83 0.21
CA GLU A 262 23.38 48.35 0.50
C GLU A 262 22.72 47.62 1.66
N HIS A 263 22.43 48.35 2.74
CA HIS A 263 21.85 47.75 3.93
C HIS A 263 21.08 48.76 4.76
N GLU A 264 20.11 48.27 5.53
CA GLU A 264 19.23 49.10 6.35
C GLU A 264 20.01 49.93 7.38
N GLY A 265 20.96 49.29 8.06
CA GLY A 265 21.69 49.93 9.14
C GLY A 265 22.51 51.14 8.71
N LEU A 266 22.83 51.20 7.42
CA LEU A 266 23.58 52.32 6.87
C LEU A 266 22.70 53.53 6.64
N PRO A 267 23.24 54.73 6.85
CA PRO A 267 22.53 55.94 6.44
C PRO A 267 22.32 55.93 4.93
N LYS A 268 23.42 55.87 4.20
CA LYS A 268 23.41 55.80 2.74
C LYS A 268 24.48 54.78 2.32
N PRO A 269 24.27 54.10 1.17
CA PRO A 269 25.11 52.97 0.73
C PRO A 269 26.62 53.21 0.83
N LEU A 270 27.36 52.13 1.09
CA LEU A 270 28.82 52.20 1.14
C LEU A 270 29.44 52.11 -0.25
N SER A 271 30.73 52.45 -0.33
CA SER A 271 31.49 52.32 -1.56
C SER A 271 32.95 52.02 -1.24
N GLN A 272 33.22 50.76 -0.91
CA GLN A 272 34.58 50.35 -0.54
C GLN A 272 35.41 50.02 -1.77
N ARG A 273 36.70 50.36 -1.69
CA ARG A 273 37.63 50.08 -2.77
C ARG A 273 38.93 49.56 -2.17
N TRP A 274 39.82 49.05 -3.01
CA TRP A 274 41.10 48.54 -2.53
C TRP A 274 42.01 49.68 -2.07
N GLU A 275 42.68 49.48 -0.94
CA GLU A 275 43.60 50.49 -0.42
C GLU A 275 44.91 49.85 0.03
N ILE B 2 12.74 13.47 -4.60
CA ILE B 2 13.47 14.71 -4.84
C ILE B 2 14.64 14.87 -3.88
N GLN B 3 15.82 15.09 -4.43
CA GLN B 3 17.04 15.20 -3.64
C GLN B 3 17.90 16.40 -4.04
N LYS B 4 18.28 17.22 -3.06
CA LYS B 4 19.13 18.37 -3.30
C LYS B 4 20.50 18.18 -2.66
N THR B 5 21.55 18.56 -3.39
CA THR B 5 22.92 18.34 -2.95
C THR B 5 23.44 19.52 -2.12
N PRO B 6 23.91 19.24 -0.90
CA PRO B 6 24.31 20.25 0.09
C PRO B 6 25.45 21.15 -0.37
N GLN B 7 25.21 22.46 -0.35
CA GLN B 7 26.25 23.45 -0.59
C GLN B 7 27.01 23.72 0.70
N ILE B 8 28.33 23.85 0.62
CA ILE B 8 29.15 24.00 1.81
C ILE B 8 30.02 25.25 1.77
N GLN B 9 30.04 25.99 2.88
CA GLN B 9 30.96 27.10 3.05
C GLN B 9 31.73 26.94 4.35
N VAL B 10 33.05 27.08 4.29
CA VAL B 10 33.87 27.05 5.49
C VAL B 10 34.53 28.41 5.68
N TYR B 11 34.39 28.96 6.88
CA TYR B 11 34.82 30.33 7.15
C TYR B 11 34.92 30.59 8.64
N SER B 12 35.58 31.69 9.01
CA SER B 12 35.71 32.07 10.42
C SER B 12 34.73 33.17 10.77
N ARG B 13 34.37 33.24 12.05
CA ARG B 13 33.43 34.25 12.53
C ARG B 13 34.00 35.65 12.33
N HIS B 14 35.24 35.83 12.79
CA HIS B 14 35.96 37.09 12.63
C HIS B 14 37.17 36.89 11.72
N PRO B 15 37.61 37.97 11.04
CA PRO B 15 38.81 37.94 10.19
C PRO B 15 40.00 37.27 10.87
N PRO B 16 40.58 36.26 10.22
CA PRO B 16 41.63 35.41 10.79
C PRO B 16 42.94 36.16 11.04
N GLU B 17 43.50 35.97 12.22
CA GLU B 17 44.87 36.38 12.51
C GLU B 17 45.57 35.25 13.26
N ASN B 18 46.69 34.80 12.71
CA ASN B 18 47.40 33.66 13.27
C ASN B 18 47.84 33.88 14.72
N GLY B 19 47.36 33.03 15.61
CA GLY B 19 47.70 33.10 17.02
C GLY B 19 46.54 33.55 17.88
N LYS B 20 45.64 34.34 17.30
CA LYS B 20 44.49 34.85 18.03
C LYS B 20 43.25 33.99 17.80
N PRO B 21 42.57 33.58 18.89
CA PRO B 21 41.40 32.70 18.86
C PRO B 21 40.25 33.22 18.00
N ASN B 22 39.45 32.27 17.48
CA ASN B 22 38.36 32.58 16.59
C ASN B 22 37.26 31.52 16.67
N PHE B 23 36.36 31.50 15.70
CA PHE B 23 35.32 30.49 15.63
C PHE B 23 35.21 29.93 14.21
N LEU B 24 35.29 28.61 14.09
CA LEU B 24 35.21 27.95 12.80
C LEU B 24 33.77 27.57 12.46
N ASN B 25 33.32 27.93 11.25
CA ASN B 25 31.96 27.66 10.83
C ASN B 25 31.88 26.82 9.55
N CYS B 26 30.95 25.86 9.54
CA CYS B 26 30.63 25.14 8.31
C CYS B 26 29.14 25.24 8.01
N TYR B 27 28.80 26.16 7.11
CA TYR B 27 27.40 26.38 6.75
C TYR B 27 26.97 25.45 5.63
N VAL B 28 26.17 24.44 5.98
CA VAL B 28 25.66 23.48 5.00
C VAL B 28 24.20 23.77 4.70
N SER B 29 23.88 23.96 3.43
CA SER B 29 22.54 24.42 3.04
C SER B 29 22.03 23.82 1.74
N GLN B 30 20.78 24.16 1.40
CA GLN B 30 20.17 23.81 0.13
C GLN B 30 20.12 22.30 -0.13
N PHE B 31 19.84 21.51 0.89
CA PHE B 31 19.85 20.05 0.71
C PHE B 31 18.55 19.38 1.14
N HIS B 32 18.36 18.17 0.63
CA HIS B 32 17.15 17.37 0.84
C HIS B 32 17.46 15.96 0.37
N PRO B 33 17.12 14.92 1.18
CA PRO B 33 16.48 14.86 2.50
C PRO B 33 17.34 15.47 3.62
N PRO B 34 16.75 15.71 4.79
CA PRO B 34 17.47 16.41 5.86
C PRO B 34 18.47 15.56 6.64
N GLN B 35 18.44 14.26 6.46
CA GLN B 35 19.41 13.41 7.15
C GLN B 35 20.80 13.69 6.62
N ILE B 36 21.67 14.21 7.48
CA ILE B 36 23.01 14.60 7.07
C ILE B 36 24.01 14.38 8.20
N GLU B 37 25.29 14.28 7.85
CA GLU B 37 26.35 14.05 8.81
C GLU B 37 27.51 15.02 8.56
N ILE B 38 27.75 15.91 9.52
CA ILE B 38 28.75 16.96 9.36
C ILE B 38 29.84 16.86 10.43
N GLU B 39 31.10 16.93 9.99
CA GLU B 39 32.21 16.89 10.93
C GLU B 39 33.33 17.86 10.53
N LEU B 40 33.82 18.62 11.50
CA LEU B 40 34.93 19.53 11.27
C LEU B 40 36.26 18.81 11.53
N LEU B 41 37.27 19.12 10.73
CA LEU B 41 38.54 18.41 10.82
C LEU B 41 39.70 19.34 11.16
N LYS B 42 40.64 18.84 11.94
CA LYS B 42 41.86 19.58 12.27
C LYS B 42 43.09 18.71 11.99
N ASN B 43 43.83 19.05 10.95
CA ASN B 43 45.00 18.28 10.53
C ASN B 43 44.68 16.81 10.28
N GLY B 44 43.43 16.54 9.91
CA GLY B 44 42.97 15.19 9.66
C GLY B 44 42.09 14.65 10.76
N LYS B 45 42.46 14.91 12.01
CA LYS B 45 41.72 14.38 13.15
C LYS B 45 40.39 15.12 13.34
N LYS B 46 39.34 14.36 13.60
CA LYS B 46 38.03 14.94 13.86
C LYS B 46 38.05 15.67 15.19
N ILE B 47 37.58 16.91 15.19
CA ILE B 47 37.61 17.73 16.40
C ILE B 47 36.40 17.43 17.30
N PRO B 48 36.67 17.10 18.57
CA PRO B 48 35.64 16.72 19.54
C PRO B 48 34.72 17.87 19.93
N ASN B 49 33.49 17.53 20.29
CA ASN B 49 32.50 18.49 20.81
C ASN B 49 32.30 19.71 19.91
N ILE B 50 31.62 19.51 18.79
CA ILE B 50 31.25 20.65 17.95
C ILE B 50 29.77 20.94 18.11
N GLU B 51 29.43 22.22 18.14
CA GLU B 51 28.04 22.61 18.33
C GLU B 51 27.26 22.56 17.02
N MET B 52 26.00 22.13 17.12
CA MET B 52 25.11 22.09 15.97
C MET B 52 23.95 23.06 16.19
N SER B 53 23.59 23.80 15.16
CA SER B 53 22.37 24.60 15.22
C SER B 53 21.20 23.65 15.01
N ASP B 54 19.99 24.19 14.97
CA ASP B 54 18.81 23.36 14.80
C ASP B 54 18.43 23.26 13.34
N LEU B 55 18.17 22.03 12.90
CA LEU B 55 17.76 21.77 11.53
C LEU B 55 16.57 22.62 11.13
N SER B 56 16.78 23.54 10.19
CA SER B 56 15.72 24.41 9.72
C SER B 56 15.72 24.45 8.20
N PHE B 57 14.77 25.18 7.61
CA PHE B 57 14.67 25.21 6.15
C PHE B 57 14.16 26.55 5.63
N SER B 58 14.12 26.67 4.30
CA SER B 58 13.75 27.90 3.63
C SER B 58 12.38 27.80 2.96
N LYS B 59 12.05 28.79 2.14
CA LYS B 59 10.77 28.83 1.45
C LYS B 59 10.62 27.69 0.45
N ASP B 60 11.73 27.31 -0.17
CA ASP B 60 11.73 26.22 -1.15
C ASP B 60 11.96 24.87 -0.49
N TRP B 61 11.73 24.82 0.83
CA TRP B 61 11.74 23.59 1.61
C TRP B 61 13.12 22.94 1.71
N SER B 62 14.16 23.66 1.31
CA SER B 62 15.52 23.13 1.40
C SER B 62 16.10 23.38 2.79
N PHE B 63 16.77 22.38 3.34
CA PHE B 63 17.29 22.47 4.70
C PHE B 63 18.64 23.19 4.78
N TYR B 64 18.91 23.79 5.93
CA TYR B 64 20.24 24.37 6.19
C TYR B 64 20.62 24.17 7.66
N ILE B 65 21.91 24.11 7.91
CA ILE B 65 22.43 23.80 9.24
C ILE B 65 23.83 24.39 9.42
N LEU B 66 24.12 24.89 10.61
CA LEU B 66 25.43 25.50 10.89
C LEU B 66 26.19 24.75 11.98
N ALA B 67 27.26 24.06 11.59
CA ALA B 67 28.14 23.41 12.54
C ALA B 67 29.32 24.31 12.86
N HIS B 68 29.65 24.46 14.14
CA HIS B 68 30.72 25.36 14.52
C HIS B 68 31.44 24.99 15.82
N THR B 69 32.68 25.47 15.92
CA THR B 69 33.52 25.24 17.09
C THR B 69 34.58 26.32 17.15
N GLU B 70 35.33 26.36 18.25
CA GLU B 70 36.39 27.36 18.41
C GLU B 70 37.72 26.86 17.88
N PHE B 71 38.52 27.77 17.33
CA PHE B 71 39.82 27.42 16.78
C PHE B 71 40.73 28.63 16.75
N THR B 72 42.03 28.38 16.86
CA THR B 72 43.02 29.44 16.70
C THR B 72 43.85 29.16 15.45
N PRO B 73 43.59 29.89 14.36
CA PRO B 73 44.27 29.67 13.09
C PRO B 73 45.78 29.84 13.20
N THR B 74 46.53 28.89 12.68
CA THR B 74 47.99 28.95 12.76
C THR B 74 48.64 28.45 11.47
N GLU B 75 49.30 29.37 10.78
CA GLU B 75 50.09 29.14 9.55
C GLU B 75 50.17 27.73 8.96
N THR B 76 50.35 26.71 9.80
CA THR B 76 50.59 25.35 9.30
C THR B 76 49.47 24.37 9.67
N ASP B 77 48.40 24.88 10.28
CA ASP B 77 47.25 24.05 10.59
C ASP B 77 46.26 24.02 9.43
N VAL B 78 45.64 22.86 9.22
CA VAL B 78 44.69 22.71 8.13
C VAL B 78 43.32 22.28 8.65
N TYR B 79 42.35 23.18 8.55
CA TYR B 79 41.00 22.90 9.00
C TYR B 79 40.11 22.57 7.81
N ALA B 80 39.13 21.71 8.01
CA ALA B 80 38.26 21.28 6.93
C ALA B 80 36.85 20.96 7.41
N CYS B 81 35.94 20.80 6.47
CA CYS B 81 34.59 20.36 6.77
C CYS B 81 34.29 19.11 5.95
N ARG B 82 33.65 18.13 6.59
CA ARG B 82 33.45 16.83 5.98
C ARG B 82 31.96 16.45 6.07
N VAL B 83 31.33 16.26 4.91
CA VAL B 83 29.88 16.10 4.84
C VAL B 83 29.45 14.81 4.13
N LYS B 84 28.68 13.98 4.84
CA LYS B 84 28.06 12.81 4.25
C LYS B 84 26.57 13.05 4.01
N HIS B 85 26.07 12.60 2.87
CA HIS B 85 24.67 12.82 2.50
C HIS B 85 24.32 11.86 1.37
N VAL B 86 23.03 11.53 1.24
CA VAL B 86 22.60 10.54 0.27
C VAL B 86 22.98 10.92 -1.16
N THR B 87 23.06 12.22 -1.43
CA THR B 87 23.38 12.71 -2.77
C THR B 87 24.88 12.67 -3.06
N LEU B 88 25.66 12.19 -2.08
CA LEU B 88 27.11 12.11 -2.22
C LEU B 88 27.62 10.69 -2.07
N LYS B 89 28.11 10.12 -3.16
CA LYS B 89 28.68 8.77 -3.13
C LYS B 89 29.89 8.73 -2.21
N GLU B 90 30.71 9.78 -2.27
CA GLU B 90 31.84 9.95 -1.37
C GLU B 90 31.71 11.25 -0.60
N PRO B 91 32.01 11.21 0.71
CA PRO B 91 31.89 12.38 1.59
C PRO B 91 32.70 13.57 1.08
N LYS B 92 32.01 14.66 0.76
CA LYS B 92 32.68 15.86 0.26
C LYS B 92 33.44 16.56 1.38
N THR B 93 34.64 17.02 1.06
CA THR B 93 35.44 17.77 2.02
C THR B 93 35.81 19.15 1.47
N VAL B 94 35.50 20.18 2.23
CA VAL B 94 35.89 21.54 1.88
C VAL B 94 36.90 22.07 2.87
N THR B 95 38.03 22.55 2.36
CA THR B 95 39.12 23.02 3.23
C THR B 95 39.00 24.50 3.51
N TRP B 96 39.18 24.89 4.77
CA TRP B 96 39.12 26.29 5.13
C TRP B 96 40.22 27.08 4.43
N ASP B 97 39.91 28.32 4.08
CA ASP B 97 40.83 29.19 3.34
C ASP B 97 40.49 30.64 3.65
N ARG B 98 41.42 31.34 4.29
CA ARG B 98 41.17 32.69 4.80
C ARG B 98 40.89 33.71 3.70
N ASP B 99 41.14 33.32 2.46
CA ASP B 99 40.82 34.18 1.33
C ASP B 99 39.33 34.07 0.96
N MET B 100 38.63 33.15 1.62
CA MET B 100 37.22 32.94 1.36
C MET B 100 36.41 32.82 2.66
N TYR C 1 4.63 31.25 20.84
CA TYR C 1 3.65 30.29 21.34
C TYR C 1 3.21 29.33 20.23
N LEU C 2 3.38 28.04 20.47
CA LEU C 2 3.00 27.01 19.50
C LEU C 2 1.49 26.92 19.36
N ARG C 3 1.03 26.62 18.15
CA ARG C 3 -0.41 26.50 17.90
C ARG C 3 -0.98 25.25 18.58
N TYR C 4 -2.22 25.35 19.03
CA TYR C 4 -2.86 24.26 19.76
C TYR C 4 -4.38 24.45 19.77
N ASP C 5 -5.11 23.36 20.02
CA ASP C 5 -6.55 23.48 20.25
C ASP C 5 -7.05 22.44 21.28
N SER C 6 -6.84 21.12 21.10
CA SER C 6 -6.38 20.46 19.89
C SER C 6 -7.34 19.33 19.60
N ASP C 7 -8.54 19.47 20.17
CA ASP C 7 -9.57 18.44 20.10
C ASP C 7 -10.19 18.34 18.71
N VAL C 8 -9.88 19.30 17.85
CA VAL C 8 -10.34 19.30 16.48
C VAL C 8 -9.47 18.30 15.67
N GLY C 9 -8.51 17.68 16.36
CA GLY C 9 -7.72 16.61 15.79
C GLY C 9 -6.50 17.09 15.04
N GLU C 10 -6.74 17.85 13.97
CA GLU C 10 -5.69 18.43 13.14
C GLU C 10 -4.83 17.38 12.44
N TYR C 11 -5.30 16.13 12.44
CA TYR C 11 -4.62 15.06 11.71
C TYR C 11 -4.82 15.21 10.21
N ARG C 12 -3.76 14.95 9.45
CA ARG C 12 -3.84 15.06 7.99
C ARG C 12 -4.62 13.90 7.36
N GLY D 1 36.70 -32.15 25.46
CA GLY D 1 35.76 -31.12 25.04
C GLY D 1 36.22 -30.40 23.78
N SER D 2 35.25 -29.96 22.99
CA SER D 2 35.54 -29.27 21.73
C SER D 2 35.41 -27.75 21.89
N HIS D 3 35.96 -27.02 20.93
CA HIS D 3 35.93 -25.56 20.97
C HIS D 3 35.57 -24.97 19.61
N SER D 4 35.40 -23.66 19.57
CA SER D 4 34.99 -23.00 18.33
C SER D 4 35.34 -21.52 18.28
N LEU D 5 35.86 -21.11 17.13
CA LEU D 5 36.01 -19.71 16.79
C LEU D 5 34.89 -19.33 15.84
N ARG D 6 34.17 -18.26 16.13
CA ARG D 6 33.03 -17.87 15.30
C ARG D 6 32.91 -16.37 15.10
N TYR D 7 32.51 -15.96 13.90
CA TYR D 7 32.28 -14.55 13.60
C TYR D 7 30.87 -14.30 13.08
N PHE D 8 30.26 -13.22 13.58
CA PHE D 8 28.91 -12.85 13.19
C PHE D 8 28.91 -11.47 12.53
N TYR D 9 28.65 -11.43 11.22
CA TYR D 9 28.58 -10.16 10.50
C TYR D 9 27.14 -9.64 10.46
N THR D 10 26.98 -8.34 10.67
CA THR D 10 25.66 -7.72 10.62
C THR D 10 25.70 -6.42 9.84
N ALA D 11 24.71 -6.22 8.97
CA ALA D 11 24.64 -5.01 8.16
C ALA D 11 23.20 -4.61 7.88
N VAL D 12 22.86 -3.38 8.26
CA VAL D 12 21.52 -2.85 8.01
C VAL D 12 21.60 -1.55 7.19
N SER D 13 20.97 -1.55 6.04
CA SER D 13 20.99 -0.38 5.17
C SER D 13 20.19 0.75 5.77
N ARG D 14 20.62 1.98 5.50
CA ARG D 14 19.90 3.17 5.95
C ARG D 14 19.57 4.05 4.75
N PRO D 15 18.40 3.83 4.15
CA PRO D 15 17.98 4.49 2.91
C PRO D 15 17.94 6.02 3.02
N GLY D 16 17.49 6.52 4.16
CA GLY D 16 17.38 7.95 4.38
C GLY D 16 18.73 8.67 4.42
N LEU D 17 19.77 7.97 4.88
CA LEU D 17 21.09 8.57 5.03
C LEU D 17 22.03 8.18 3.89
N GLY D 18 22.11 6.89 3.60
CA GLY D 18 22.95 6.41 2.52
C GLY D 18 24.15 5.58 2.94
N GLU D 19 24.44 5.59 4.23
CA GLU D 19 25.53 4.77 4.76
C GLU D 19 25.01 3.71 5.73
N PRO D 20 25.17 2.44 5.35
CA PRO D 20 24.68 1.30 6.16
C PRO D 20 25.54 1.07 7.40
N ARG D 21 24.91 0.61 8.47
CA ARG D 21 25.64 0.23 9.67
C ARG D 21 26.25 -1.15 9.48
N PHE D 22 27.48 -1.33 9.96
CA PHE D 22 28.12 -2.63 9.89
C PHE D 22 28.71 -3.02 11.24
N ILE D 23 28.38 -4.23 11.71
CA ILE D 23 28.92 -4.74 12.95
C ILE D 23 29.54 -6.12 12.73
N ALA D 24 30.68 -6.36 13.36
CA ALA D 24 31.30 -7.67 13.34
C ALA D 24 31.64 -8.10 14.76
N VAL D 25 31.17 -9.28 15.14
CA VAL D 25 31.41 -9.79 16.49
C VAL D 25 32.08 -11.17 16.44
N GLY D 26 33.05 -11.38 17.31
CA GLY D 26 33.76 -12.64 17.36
C GLY D 26 33.52 -13.43 18.63
N TYR D 27 33.47 -14.75 18.50
CA TYR D 27 33.20 -15.63 19.64
C TYR D 27 34.16 -16.81 19.74
N VAL D 28 34.72 -17.00 20.93
CA VAL D 28 35.36 -18.26 21.30
C VAL D 28 34.40 -19.01 22.21
N ASP D 29 33.92 -20.16 21.75
CA ASP D 29 32.84 -20.87 22.45
C ASP D 29 31.65 -19.95 22.59
N ASP D 30 31.25 -19.66 23.83
CA ASP D 30 30.14 -18.76 24.09
C ASP D 30 30.60 -17.46 24.75
N THR D 31 31.73 -16.93 24.27
CA THR D 31 32.30 -15.72 24.86
C THR D 31 32.74 -14.72 23.80
N GLU D 32 32.09 -13.56 23.78
CA GLU D 32 32.48 -12.48 22.88
C GLU D 32 33.86 -11.95 23.27
N PHE D 33 34.81 -12.00 22.34
CA PHE D 33 36.18 -11.62 22.65
C PHE D 33 36.66 -10.44 21.81
N VAL D 34 35.84 -10.01 20.86
CA VAL D 34 36.23 -8.92 19.97
C VAL D 34 35.02 -8.34 19.23
N ARG D 35 35.04 -7.03 18.99
CA ARG D 35 33.92 -6.34 18.36
C ARG D 35 34.34 -5.19 17.45
N PHE D 36 33.65 -5.04 16.33
CA PHE D 36 33.78 -3.87 15.47
C PHE D 36 32.40 -3.29 15.18
N ASP D 37 32.19 -2.03 15.54
CA ASP D 37 30.92 -1.35 15.26
C ASP D 37 31.18 -0.04 14.52
N SER D 38 30.56 0.10 13.35
CA SER D 38 30.82 1.25 12.48
C SER D 38 30.03 2.48 12.92
N ASP D 39 29.40 2.42 14.08
CA ASP D 39 28.68 3.57 14.60
C ASP D 39 29.27 4.06 15.92
N ALA D 40 30.38 3.44 16.32
CA ALA D 40 31.17 3.96 17.42
C ALA D 40 31.85 5.24 16.95
N GLU D 41 32.31 6.06 17.88
CA GLU D 41 32.95 7.33 17.53
C GLU D 41 34.21 7.11 16.71
N ASN D 42 34.98 6.10 17.08
CA ASN D 42 36.12 5.69 16.27
C ASN D 42 36.07 4.20 15.97
N PRO D 43 35.42 3.84 14.86
CA PRO D 43 35.29 2.44 14.42
C PRO D 43 36.64 1.74 14.27
N ARG D 44 37.02 1.01 15.30
CA ARG D 44 38.21 0.16 15.25
C ARG D 44 37.89 -1.12 16.02
N MET D 45 38.43 -2.24 15.56
CA MET D 45 38.16 -3.51 16.22
C MET D 45 38.82 -3.56 17.58
N GLU D 46 38.02 -3.74 18.62
CA GLU D 46 38.51 -3.65 20.00
C GLU D 46 38.16 -4.90 20.80
N PRO D 47 38.93 -5.20 21.86
CA PRO D 47 38.71 -6.40 22.66
C PRO D 47 37.46 -6.33 23.54
N ARG D 48 36.77 -7.46 23.67
CA ARG D 48 35.59 -7.53 24.54
C ARG D 48 35.83 -8.55 25.64
N ALA D 49 36.93 -9.28 25.54
CA ALA D 49 37.38 -10.15 26.61
C ALA D 49 38.74 -9.67 27.11
N ARG D 50 38.94 -9.71 28.42
CA ARG D 50 40.13 -9.14 29.05
C ARG D 50 41.43 -9.80 28.58
N TRP D 51 41.36 -11.08 28.24
CA TRP D 51 42.55 -11.83 27.83
C TRP D 51 42.99 -11.52 26.41
N MET D 52 42.25 -10.63 25.74
CA MET D 52 42.63 -10.19 24.40
C MET D 52 43.46 -8.92 24.46
N GLU D 53 43.78 -8.47 25.67
CA GLU D 53 44.62 -7.29 25.86
C GLU D 53 46.09 -7.61 25.63
N ARG D 54 46.39 -8.88 25.43
CA ARG D 54 47.77 -9.35 25.31
C ARG D 54 48.24 -9.43 23.87
N GLU D 55 47.51 -8.79 22.95
CA GLU D 55 47.81 -8.94 21.53
C GLU D 55 48.78 -7.90 20.98
N GLY D 56 48.55 -6.64 21.30
CA GLY D 56 49.42 -5.59 20.81
C GLY D 56 48.87 -4.91 19.57
N PRO D 57 49.36 -3.70 19.28
CA PRO D 57 48.80 -2.80 18.27
C PRO D 57 48.79 -3.36 16.85
N GLU D 58 49.73 -4.25 16.52
CA GLU D 58 49.83 -4.76 15.15
C GLU D 58 48.66 -5.65 14.79
N TYR D 59 48.19 -6.47 15.74
CA TYR D 59 47.04 -7.33 15.51
C TYR D 59 45.78 -6.51 15.24
N TRP D 60 45.55 -5.50 16.09
CA TRP D 60 44.32 -4.73 16.05
C TRP D 60 44.15 -3.91 14.77
N GLU D 61 45.23 -3.25 14.35
CA GLU D 61 45.19 -2.42 13.15
C GLU D 61 44.91 -3.27 11.91
N GLN D 62 45.49 -4.47 11.88
CA GLN D 62 45.27 -5.40 10.78
C GLN D 62 43.82 -5.90 10.78
N GLN D 63 43.30 -6.21 11.97
CA GLN D 63 41.91 -6.64 12.11
C GLN D 63 40.96 -5.50 11.75
N THR D 64 41.34 -4.29 12.13
CA THR D 64 40.55 -3.11 11.82
C THR D 64 40.47 -2.89 10.31
N ARG D 65 41.57 -3.16 9.62
CA ARG D 65 41.61 -3.01 8.16
C ARG D 65 40.68 -4.00 7.48
N ILE D 66 40.74 -5.26 7.90
CA ILE D 66 39.93 -6.32 7.31
C ILE D 66 38.43 -6.05 7.56
N ALA D 67 38.12 -5.54 8.74
CA ALA D 67 36.74 -5.21 9.09
C ALA D 67 36.18 -4.12 8.18
N LYS D 68 36.99 -3.10 7.91
CA LYS D 68 36.58 -2.01 7.03
C LYS D 68 36.43 -2.51 5.60
N GLU D 69 37.26 -3.48 5.22
CA GLU D 69 37.16 -4.11 3.91
C GLU D 69 35.82 -4.80 3.74
N TRP D 70 35.31 -5.40 4.81
CA TRP D 70 34.05 -6.12 4.74
C TRP D 70 32.84 -5.19 4.79
N GLU D 71 32.99 -4.06 5.48
CA GLU D 71 31.93 -3.05 5.48
C GLU D 71 31.66 -2.56 4.06
N GLN D 72 32.72 -2.31 3.31
CA GLN D 72 32.60 -1.79 1.96
C GLN D 72 32.11 -2.87 1.00
N ILE D 73 32.54 -4.10 1.21
CA ILE D 73 32.02 -5.23 0.43
C ILE D 73 30.52 -5.36 0.65
N TYR D 74 30.10 -5.22 1.90
CA TYR D 74 28.68 -5.33 2.25
C TYR D 74 27.85 -4.18 1.72
N ARG D 75 28.44 -2.98 1.72
CA ARG D 75 27.77 -1.80 1.17
C ARG D 75 27.36 -2.05 -0.27
N VAL D 76 28.19 -2.79 -1.00
CA VAL D 76 27.92 -3.14 -2.38
C VAL D 76 26.94 -4.31 -2.47
N ASP D 77 27.08 -5.27 -1.57
CA ASP D 77 26.20 -6.44 -1.54
C ASP D 77 24.75 -6.06 -1.24
N LEU D 78 24.57 -5.06 -0.38
CA LEU D 78 23.24 -4.58 -0.04
C LEU D 78 22.50 -4.08 -1.27
N ARG D 79 23.21 -3.43 -2.18
CA ARG D 79 22.61 -2.91 -3.40
C ARG D 79 22.39 -4.02 -4.43
N THR D 80 23.26 -5.04 -4.39
CA THR D 80 23.19 -6.12 -5.37
C THR D 80 21.95 -6.98 -5.16
N LEU D 81 21.74 -7.43 -3.92
CA LEU D 81 20.63 -8.30 -3.59
C LEU D 81 19.30 -7.59 -3.75
N ARG D 82 19.32 -6.29 -3.52
CA ARG D 82 18.16 -5.44 -3.73
C ARG D 82 17.77 -5.48 -5.20
N GLY D 83 18.77 -5.66 -6.06
CA GLY D 83 18.55 -5.80 -7.49
C GLY D 83 18.01 -7.17 -7.86
N TYR D 84 18.61 -8.21 -7.28
CA TYR D 84 18.17 -9.58 -7.50
C TYR D 84 16.70 -9.75 -7.17
N TYR D 85 16.31 -9.28 -5.99
CA TYR D 85 14.93 -9.43 -5.52
C TYR D 85 14.02 -8.34 -6.07
N ASN D 86 14.56 -7.47 -6.93
CA ASN D 86 13.78 -6.43 -7.59
C ASN D 86 13.05 -5.53 -6.59
N GLN D 87 13.80 -4.95 -5.66
CA GLN D 87 13.21 -4.18 -4.57
C GLN D 87 13.41 -2.67 -4.70
N SER D 88 12.54 -1.91 -4.05
CA SER D 88 12.65 -0.46 -4.01
C SER D 88 13.97 -0.04 -3.37
N GLU D 89 14.45 1.14 -3.75
CA GLU D 89 15.74 1.62 -3.25
C GLU D 89 15.58 2.47 -1.99
N GLY D 90 14.37 2.50 -1.45
CA GLY D 90 14.08 3.36 -0.31
C GLY D 90 13.73 2.64 0.97
N GLY D 91 13.82 1.32 0.97
CA GLY D 91 13.52 0.52 2.16
C GLY D 91 14.78 0.10 2.88
N SER D 92 14.65 -0.27 4.15
CA SER D 92 15.77 -0.75 4.92
C SER D 92 15.81 -2.28 4.91
N HIS D 93 16.97 -2.83 4.58
CA HIS D 93 17.14 -4.28 4.49
C HIS D 93 18.30 -4.76 5.34
N THR D 94 18.45 -6.08 5.46
CA THR D 94 19.46 -6.65 6.35
C THR D 94 20.24 -7.80 5.70
N ILE D 95 21.54 -7.81 5.93
CA ILE D 95 22.37 -8.96 5.59
C ILE D 95 23.09 -9.42 6.84
N GLN D 96 22.95 -10.71 7.17
CA GLN D 96 23.68 -11.29 8.29
C GLN D 96 24.56 -12.41 7.76
N GLU D 97 25.71 -12.62 8.39
CA GLU D 97 26.61 -13.69 7.97
C GLU D 97 27.21 -14.38 9.18
N MET D 98 27.46 -15.67 9.03
CA MET D 98 27.89 -16.52 10.13
C MET D 98 28.91 -17.55 9.63
N TYR D 99 30.13 -17.49 10.14
CA TYR D 99 31.16 -18.45 9.77
C TYR D 99 32.11 -18.75 10.93
N GLY D 100 32.83 -19.86 10.83
CA GLY D 100 33.75 -20.28 11.87
C GLY D 100 34.09 -21.75 11.78
N CYS D 101 34.69 -22.29 12.85
CA CYS D 101 35.11 -23.69 12.84
C CYS D 101 35.08 -24.33 14.23
N ASP D 102 34.64 -25.57 14.28
CA ASP D 102 34.66 -26.35 15.52
C ASP D 102 35.88 -27.27 15.55
N VAL D 103 36.65 -27.19 16.63
CA VAL D 103 37.87 -27.99 16.75
C VAL D 103 37.81 -28.90 17.96
N GLY D 104 38.11 -30.18 17.74
CA GLY D 104 38.02 -31.18 18.79
C GLY D 104 39.09 -31.04 19.87
N SER D 105 38.95 -31.85 20.92
CA SER D 105 39.92 -31.87 22.01
C SER D 105 41.26 -32.40 21.52
N ASP D 106 41.21 -33.32 20.55
CA ASP D 106 42.42 -33.88 19.96
C ASP D 106 43.13 -32.85 19.09
N GLY D 107 42.40 -31.83 18.67
CA GLY D 107 42.99 -30.71 17.93
C GLY D 107 42.59 -30.62 16.48
N SER D 108 41.92 -31.65 15.97
CA SER D 108 41.55 -31.67 14.56
C SER D 108 40.27 -30.88 14.30
N LEU D 109 40.15 -30.35 13.09
CA LEU D 109 38.93 -29.68 12.64
C LEU D 109 37.75 -30.64 12.65
N LEU D 110 36.62 -30.19 13.16
CA LEU D 110 35.42 -31.02 13.21
C LEU D 110 34.40 -30.60 12.17
N ARG D 111 34.26 -29.29 11.98
CA ARG D 111 33.30 -28.77 11.02
C ARG D 111 33.60 -27.32 10.62
N GLY D 112 33.58 -27.06 9.31
CA GLY D 112 33.66 -25.71 8.81
C GLY D 112 32.29 -25.27 8.31
N TYR D 113 32.00 -23.98 8.41
CA TYR D 113 30.70 -23.47 8.01
C TYR D 113 30.76 -21.98 7.69
N ARG D 114 29.91 -21.55 6.76
CA ARG D 114 29.77 -20.14 6.41
C ARG D 114 28.43 -19.90 5.76
N GLN D 115 27.50 -19.35 6.54
CA GLN D 115 26.13 -19.14 6.09
C GLN D 115 25.74 -17.67 6.21
N ASP D 116 24.95 -17.19 5.26
CA ASP D 116 24.40 -15.84 5.38
C ASP D 116 22.88 -15.82 5.22
N ALA D 117 22.28 -14.67 5.49
CA ALA D 117 20.84 -14.52 5.41
C ALA D 117 20.46 -13.12 4.97
N TYR D 118 19.42 -13.00 4.16
CA TYR D 118 18.92 -11.70 3.73
C TYR D 118 17.52 -11.45 4.29
N ASP D 119 17.42 -10.41 5.11
CA ASP D 119 16.17 -10.04 5.77
C ASP D 119 15.58 -11.20 6.58
N GLY D 120 16.43 -11.88 7.33
CA GLY D 120 16.00 -12.94 8.23
C GLY D 120 15.69 -14.25 7.54
N ARG D 121 15.98 -14.35 6.25
CA ARG D 121 15.75 -15.58 5.51
C ARG D 121 17.06 -16.14 4.97
N ASP D 122 17.19 -17.47 5.01
CA ASP D 122 18.40 -18.14 4.50
C ASP D 122 18.69 -17.73 3.07
N TYR D 123 19.97 -17.57 2.76
CA TYR D 123 20.39 -17.17 1.42
C TYR D 123 21.31 -18.22 0.81
N ILE D 124 22.60 -18.12 1.09
CA ILE D 124 23.57 -19.09 0.58
C ILE D 124 24.44 -19.64 1.72
N ALA D 125 24.80 -20.92 1.61
CA ALA D 125 25.53 -21.58 2.68
C ALA D 125 26.53 -22.60 2.15
N LEU D 126 27.71 -22.63 2.77
CA LEU D 126 28.72 -23.61 2.43
C LEU D 126 28.44 -24.94 3.13
N ASN D 127 28.42 -26.02 2.37
CA ASN D 127 28.25 -27.34 2.94
C ASN D 127 29.49 -27.77 3.71
N GLU D 128 29.35 -28.76 4.58
CA GLU D 128 30.43 -29.17 5.47
C GLU D 128 31.56 -29.83 4.70
N ASP D 129 31.27 -30.27 3.47
CA ASP D 129 32.31 -30.80 2.59
C ASP D 129 33.24 -29.68 2.15
N LEU D 130 32.81 -28.44 2.38
CA LEU D 130 33.63 -27.26 2.15
C LEU D 130 34.01 -27.06 0.69
N LYS D 131 33.23 -27.64 -0.23
CA LYS D 131 33.56 -27.53 -1.65
C LYS D 131 32.37 -27.12 -2.51
N THR D 132 31.15 -27.33 -2.01
CA THR D 132 29.96 -27.00 -2.78
C THR D 132 28.97 -26.14 -1.98
N TRP D 133 27.98 -25.57 -2.67
CA TRP D 133 26.99 -24.72 -2.02
C TRP D 133 25.57 -25.25 -2.15
N THR D 134 24.68 -24.76 -1.30
CA THR D 134 23.25 -24.92 -1.49
C THR D 134 22.59 -23.55 -1.41
N ALA D 135 21.88 -23.18 -2.46
CA ALA D 135 21.21 -21.89 -2.51
C ALA D 135 19.75 -22.02 -2.08
N ALA D 136 19.31 -21.15 -1.17
CA ALA D 136 17.97 -21.21 -0.61
C ALA D 136 16.90 -20.98 -1.67
N ASP D 137 16.98 -19.86 -2.39
CA ASP D 137 16.00 -19.55 -3.42
C ASP D 137 16.63 -19.45 -4.80
N PHE D 138 16.27 -18.41 -5.54
CA PHE D 138 16.77 -18.21 -6.90
C PHE D 138 17.81 -17.09 -6.95
N ALA D 139 17.68 -16.14 -6.02
CA ALA D 139 18.63 -15.03 -5.96
C ALA D 139 19.99 -15.52 -5.53
N ALA D 140 20.00 -16.48 -4.60
CA ALA D 140 21.24 -17.07 -4.14
C ALA D 140 21.84 -18.01 -5.19
N GLN D 141 21.05 -18.37 -6.18
CA GLN D 141 21.55 -19.16 -7.31
C GLN D 141 22.46 -18.30 -8.17
N ILE D 142 22.07 -17.04 -8.37
CA ILE D 142 22.89 -16.09 -9.11
C ILE D 142 24.24 -15.92 -8.41
N THR D 143 24.20 -15.87 -7.08
CA THR D 143 25.40 -15.76 -6.28
C THR D 143 26.21 -17.06 -6.33
N ARG D 144 25.52 -18.20 -6.24
CA ARG D 144 26.19 -19.49 -6.22
C ARG D 144 26.97 -19.77 -7.50
N ASN D 145 26.36 -19.45 -8.64
CA ASN D 145 27.05 -19.64 -9.91
C ASN D 145 28.25 -18.72 -10.04
N LYS D 146 28.10 -17.48 -9.55
CA LYS D 146 29.18 -16.52 -9.58
C LYS D 146 30.34 -16.97 -8.68
N TRP D 147 30.02 -17.70 -7.62
CA TRP D 147 31.03 -18.19 -6.69
C TRP D 147 31.56 -19.56 -7.10
N GLU D 148 30.95 -20.14 -8.13
CA GLU D 148 31.43 -21.41 -8.68
C GLU D 148 32.30 -21.15 -9.90
N ARG D 149 32.07 -20.02 -10.55
CA ARG D 149 32.90 -19.59 -11.67
C ARG D 149 34.19 -18.98 -11.14
N ALA D 150 34.30 -18.88 -9.83
CA ALA D 150 35.43 -18.20 -9.19
C ALA D 150 36.18 -19.10 -8.23
N ARG D 151 35.64 -20.29 -7.98
CA ARG D 151 36.26 -21.26 -7.06
C ARG D 151 36.50 -20.63 -5.68
N TYR D 152 35.58 -19.76 -5.28
CA TYR D 152 35.66 -19.04 -4.01
C TYR D 152 35.59 -20.00 -2.81
N ALA D 153 34.95 -21.14 -3.00
CA ALA D 153 34.82 -22.13 -1.94
C ALA D 153 36.17 -22.73 -1.57
N GLU D 154 37.12 -22.69 -2.50
CA GLU D 154 38.46 -23.20 -2.25
C GLU D 154 39.21 -22.27 -1.29
N ARG D 155 39.13 -20.98 -1.57
CA ARG D 155 39.71 -19.96 -0.70
C ARG D 155 39.08 -20.01 0.70
N LEU D 156 37.82 -20.40 0.73
CA LEU D 156 37.05 -20.50 1.96
C LEU D 156 37.50 -21.68 2.81
N ARG D 157 37.77 -22.80 2.13
CA ARG D 157 38.24 -24.01 2.78
C ARG D 157 39.60 -23.77 3.43
N ALA D 158 40.41 -22.93 2.78
CA ALA D 158 41.75 -22.63 3.28
C ALA D 158 41.71 -21.92 4.64
N TYR D 159 40.87 -20.90 4.74
CA TYR D 159 40.73 -20.16 6.00
C TYR D 159 40.19 -21.07 7.10
N LEU D 160 39.19 -21.87 6.77
CA LEU D 160 38.53 -22.72 7.76
C LEU D 160 39.45 -23.83 8.29
N GLU D 161 40.13 -24.52 7.39
CA GLU D 161 41.01 -25.61 7.78
C GLU D 161 42.30 -25.11 8.42
N GLY D 162 42.83 -24.01 7.90
CA GLY D 162 44.10 -23.49 8.36
C GLY D 162 44.01 -22.33 9.35
N THR D 163 43.88 -21.12 8.81
CA THR D 163 43.96 -19.89 9.60
C THR D 163 43.00 -19.86 10.79
N CYS D 164 41.78 -20.33 10.59
CA CYS D 164 40.77 -20.32 11.65
C CYS D 164 41.15 -21.23 12.81
N VAL D 165 41.55 -22.46 12.49
CA VAL D 165 41.94 -23.43 13.51
C VAL D 165 43.17 -22.96 14.28
N GLU D 166 44.17 -22.44 13.54
CA GLU D 166 45.42 -22.00 14.13
C GLU D 166 45.26 -20.86 15.13
N TRP D 167 44.48 -19.85 14.76
CA TRP D 167 44.30 -18.69 15.61
C TRP D 167 43.37 -19.00 16.79
N LEU D 168 42.45 -19.94 16.58
CA LEU D 168 41.60 -20.42 17.67
C LEU D 168 42.48 -21.06 18.75
N SER D 169 43.54 -21.72 18.32
CA SER D 169 44.48 -22.34 19.24
C SER D 169 45.25 -21.28 20.03
N ARG D 170 45.60 -20.19 19.35
CA ARG D 170 46.25 -19.07 20.01
C ARG D 170 45.34 -18.43 21.04
N TYR D 171 44.10 -18.16 20.63
CA TYR D 171 43.13 -17.52 21.51
C TYR D 171 42.82 -18.36 22.74
N LEU D 172 42.80 -19.67 22.57
CA LEU D 172 42.47 -20.58 23.67
C LEU D 172 43.57 -20.62 24.75
N GLU D 173 44.82 -20.48 24.33
CA GLU D 173 45.95 -20.47 25.26
C GLU D 173 46.11 -19.10 25.90
N LEU D 174 45.60 -18.06 25.22
CA LEU D 174 45.68 -16.71 25.74
C LEU D 174 44.72 -16.48 26.90
N GLY D 175 43.56 -17.12 26.85
CA GLY D 175 42.59 -16.99 27.91
C GLY D 175 42.23 -18.33 28.51
N LYS D 176 43.26 -19.14 28.80
CA LYS D 176 43.05 -20.52 29.24
C LYS D 176 42.42 -20.61 30.63
N GLU D 177 42.63 -19.58 31.46
CA GLU D 177 42.15 -19.62 32.83
C GLU D 177 40.77 -19.00 32.94
N THR D 178 40.16 -18.74 31.79
CA THR D 178 38.82 -18.18 31.73
C THR D 178 37.94 -18.97 30.77
N LEU D 179 38.49 -19.33 29.62
CA LEU D 179 37.74 -20.04 28.59
C LEU D 179 37.51 -21.51 28.93
N LEU D 180 38.56 -22.17 29.40
CA LEU D 180 38.51 -23.60 29.65
C LEU D 180 37.99 -23.94 31.05
N ARG D 181 37.50 -22.92 31.76
CA ARG D 181 36.95 -23.11 33.09
C ARG D 181 35.60 -23.81 33.03
N SER D 182 35.11 -24.23 34.19
CA SER D 182 33.76 -24.74 34.34
C SER D 182 33.16 -24.23 35.64
N ASP D 183 32.44 -23.12 35.56
CA ASP D 183 31.77 -22.55 36.72
C ASP D 183 30.46 -23.28 37.02
N PRO D 184 30.39 -23.93 38.18
CA PRO D 184 29.15 -24.62 38.58
C PRO D 184 28.07 -23.63 39.00
N PRO D 185 26.80 -23.98 38.78
CA PRO D 185 25.67 -23.14 39.19
C PRO D 185 25.48 -23.12 40.71
N GLU D 186 25.13 -21.96 41.25
CA GLU D 186 24.77 -21.85 42.65
C GLU D 186 23.25 -21.85 42.78
N ALA D 187 22.70 -22.99 43.16
CA ALA D 187 21.25 -23.18 43.15
C ALA D 187 20.59 -22.84 44.48
N HIS D 188 19.31 -22.46 44.41
CA HIS D 188 18.46 -22.27 45.58
C HIS D 188 17.01 -22.14 45.14
N VAL D 189 16.08 -22.57 46.00
CA VAL D 189 14.66 -22.54 45.67
C VAL D 189 13.94 -21.46 46.48
N THR D 190 12.99 -20.78 45.87
CA THR D 190 12.18 -19.78 46.57
C THR D 190 10.71 -20.17 46.55
N LEU D 191 9.93 -19.51 47.41
CA LEU D 191 8.54 -19.87 47.66
C LEU D 191 7.61 -18.69 47.39
N HIS D 192 6.72 -18.84 46.41
CA HIS D 192 5.83 -17.75 46.03
C HIS D 192 4.37 -18.19 45.97
N PRO D 193 3.54 -17.63 46.86
CA PRO D 193 2.10 -17.90 46.91
C PRO D 193 1.34 -17.39 45.68
N ARG D 194 0.33 -18.14 45.25
CA ARG D 194 -0.51 -17.73 44.13
C ARG D 194 -1.90 -17.34 44.62
N PRO D 195 -2.65 -16.57 43.81
CA PRO D 195 -4.03 -16.24 44.16
C PRO D 195 -4.92 -17.47 44.32
N GLU D 196 -4.67 -18.52 43.54
CA GLU D 196 -5.52 -19.72 43.55
C GLU D 196 -5.42 -20.52 44.85
N GLY D 197 -4.64 -20.04 45.80
CA GLY D 197 -4.52 -20.71 47.09
C GLY D 197 -3.46 -21.78 47.11
N ASP D 198 -2.86 -22.06 45.96
CA ASP D 198 -1.73 -22.97 45.89
C ASP D 198 -0.41 -22.20 45.94
N VAL D 199 0.67 -22.82 45.48
CA VAL D 199 2.01 -22.28 45.68
C VAL D 199 2.94 -22.56 44.51
N THR D 200 3.76 -21.58 44.14
CA THR D 200 4.80 -21.75 43.12
C THR D 200 6.16 -22.05 43.73
N LEU D 201 6.80 -23.13 43.27
CA LEU D 201 8.18 -23.42 43.63
C LEU D 201 9.13 -23.02 42.52
N ARG D 202 9.97 -22.04 42.77
CA ARG D 202 10.90 -21.55 41.76
C ARG D 202 12.34 -21.87 42.13
N CYS D 203 13.01 -22.64 41.28
CA CYS D 203 14.41 -23.02 41.51
C CYS D 203 15.37 -22.25 40.63
N TRP D 204 16.31 -21.55 41.25
CA TRP D 204 17.24 -20.68 40.53
C TRP D 204 18.58 -21.36 40.23
N ALA D 205 19.19 -20.95 39.13
CA ALA D 205 20.55 -21.37 38.79
C ALA D 205 21.36 -20.15 38.38
N LEU D 206 22.35 -19.79 39.19
CA LEU D 206 23.08 -18.55 38.98
C LEU D 206 24.60 -18.75 38.82
N GLY D 207 25.24 -17.77 38.19
CA GLY D 207 26.69 -17.69 38.11
C GLY D 207 27.41 -18.90 37.56
N PHE D 208 26.93 -19.43 36.43
CA PHE D 208 27.53 -20.63 35.85
C PHE D 208 28.07 -20.40 34.44
N TYR D 209 29.03 -21.22 34.05
CA TYR D 209 29.62 -21.18 32.72
C TYR D 209 30.14 -22.58 32.35
N PRO D 210 29.87 -23.03 31.11
CA PRO D 210 29.18 -22.34 30.02
C PRO D 210 27.65 -22.27 30.19
N ALA D 211 26.97 -21.91 29.11
CA ALA D 211 25.57 -21.48 29.17
C ALA D 211 24.54 -22.63 29.25
N ASP D 212 24.70 -23.65 28.42
CA ASP D 212 23.71 -24.72 28.35
C ASP D 212 23.63 -25.47 29.67
N ILE D 213 22.41 -25.62 30.17
CA ILE D 213 22.15 -26.22 31.47
C ILE D 213 20.81 -26.95 31.36
N THR D 214 20.44 -27.71 32.39
CA THR D 214 19.16 -28.39 32.38
C THR D 214 18.56 -28.47 33.78
N LEU D 215 17.37 -27.90 33.94
CA LEU D 215 16.64 -27.92 35.20
C LEU D 215 15.40 -28.81 35.09
N THR D 216 15.22 -29.69 36.08
CA THR D 216 14.08 -30.59 36.06
C THR D 216 13.49 -30.79 37.45
N TRP D 217 12.23 -30.39 37.61
CA TRP D 217 11.51 -30.61 38.86
C TRP D 217 11.06 -32.06 38.96
N GLN D 218 11.20 -32.63 40.15
CA GLN D 218 10.81 -34.02 40.37
C GLN D 218 10.01 -34.18 41.66
N LEU D 219 9.09 -35.13 41.66
CA LEU D 219 8.42 -35.53 42.88
C LEU D 219 8.89 -36.92 43.26
N ASN D 220 10.12 -36.99 43.77
CA ASN D 220 10.74 -38.24 44.19
C ASN D 220 10.76 -39.30 43.11
N GLY D 221 11.41 -39.01 41.98
CA GLY D 221 11.54 -39.96 40.90
C GLY D 221 10.99 -39.47 39.57
N GLU D 222 9.69 -39.32 39.49
CA GLU D 222 9.02 -38.91 38.26
C GLU D 222 9.28 -37.44 37.93
N ASP D 223 9.86 -37.20 36.75
CA ASP D 223 10.14 -35.85 36.29
C ASP D 223 8.84 -35.06 36.17
N LEU D 224 8.89 -33.77 36.51
CA LEU D 224 7.68 -32.95 36.49
C LEU D 224 7.73 -31.84 35.45
N THR D 225 8.02 -32.22 34.21
CA THR D 225 7.72 -31.36 33.08
C THR D 225 6.29 -31.67 32.66
N GLN D 226 5.84 -31.09 31.56
CA GLN D 226 4.44 -31.15 31.09
C GLN D 226 3.55 -30.20 31.90
N ASP D 227 4.09 -29.65 32.98
CA ASP D 227 3.44 -28.55 33.70
C ASP D 227 4.49 -27.62 34.30
N MET D 228 5.74 -27.88 33.98
CA MET D 228 6.84 -26.99 34.34
C MET D 228 6.87 -25.79 33.39
N GLU D 229 7.18 -24.61 33.90
CA GLU D 229 7.34 -23.46 33.04
C GLU D 229 8.75 -22.89 33.20
N LEU D 230 9.35 -22.50 32.08
CA LEU D 230 10.80 -22.30 32.03
C LEU D 230 11.19 -21.08 31.21
N VAL D 231 12.10 -20.28 31.74
CA VAL D 231 12.58 -19.09 31.03
C VAL D 231 13.90 -19.37 30.32
N GLU D 232 14.13 -18.68 29.21
CA GLU D 232 15.35 -18.85 28.43
C GLU D 232 16.56 -18.41 29.23
N THR D 233 17.69 -19.08 29.01
CA THR D 233 18.93 -18.74 29.70
C THR D 233 19.32 -17.30 29.40
N ARG D 234 19.72 -16.57 30.44
CA ARG D 234 20.01 -15.15 30.31
C ARG D 234 21.38 -14.78 30.84
N PRO D 235 22.07 -13.85 30.16
CA PRO D 235 23.39 -13.38 30.59
C PRO D 235 23.32 -12.50 31.84
N ALA D 236 24.15 -12.80 32.83
CA ALA D 236 24.18 -12.00 34.05
C ALA D 236 24.90 -10.68 33.83
N GLY D 237 25.70 -10.62 32.76
CA GLY D 237 26.45 -9.42 32.42
C GLY D 237 27.86 -9.44 32.97
N ASP D 238 28.29 -10.62 33.41
CA ASP D 238 29.62 -10.77 34.00
C ASP D 238 30.33 -11.98 33.41
N GLY D 239 29.84 -12.47 32.28
CA GLY D 239 30.42 -13.64 31.64
C GLY D 239 29.76 -14.93 32.10
N THR D 240 28.80 -14.81 33.01
CA THR D 240 28.04 -15.97 33.47
C THR D 240 26.58 -15.87 33.03
N PHE D 241 25.81 -16.91 33.32
CA PHE D 241 24.43 -16.95 32.86
C PHE D 241 23.46 -17.32 33.99
N GLN D 242 22.16 -17.18 33.72
CA GLN D 242 21.12 -17.48 34.70
C GLN D 242 19.97 -18.25 34.06
N LYS D 243 19.26 -19.03 34.88
CA LYS D 243 18.09 -19.77 34.42
C LYS D 243 17.28 -20.29 35.60
N TRP D 244 15.96 -20.18 35.52
CA TRP D 244 15.10 -20.78 36.53
C TRP D 244 13.89 -21.48 35.93
N ALA D 245 13.40 -22.50 36.63
CA ALA D 245 12.18 -23.20 36.27
C ALA D 245 11.26 -23.28 37.47
N SER D 246 9.96 -23.31 37.24
CA SER D 246 9.01 -23.35 38.34
C SER D 246 7.87 -24.35 38.13
N VAL D 247 7.24 -24.74 39.24
CA VAL D 247 6.05 -25.58 39.19
C VAL D 247 5.00 -25.12 40.19
N VAL D 248 3.74 -25.48 39.95
CA VAL D 248 2.67 -25.19 40.89
C VAL D 248 2.54 -26.37 41.87
N VAL D 249 2.31 -26.04 43.14
CA VAL D 249 2.27 -27.06 44.18
C VAL D 249 1.25 -26.67 45.26
N PRO D 250 0.52 -27.65 45.82
CA PRO D 250 -0.44 -27.34 46.87
C PRO D 250 0.21 -26.88 48.17
N LEU D 251 -0.55 -26.15 48.99
CA LEU D 251 -0.04 -25.54 50.22
C LEU D 251 0.56 -26.56 51.19
N GLY D 252 1.70 -26.20 51.77
CA GLY D 252 2.29 -26.98 52.84
C GLY D 252 2.97 -28.27 52.42
N LYS D 253 3.09 -28.50 51.12
CA LYS D 253 3.74 -29.72 50.62
C LYS D 253 4.86 -29.38 49.65
N GLU D 254 5.54 -28.26 49.92
CA GLU D 254 6.64 -27.79 49.08
C GLU D 254 7.91 -28.60 49.30
N GLN D 255 8.08 -29.12 50.51
CA GLN D 255 9.30 -29.82 50.89
C GLN D 255 9.39 -31.21 50.26
N ASN D 256 8.33 -31.63 49.59
CA ASN D 256 8.29 -32.94 48.96
C ASN D 256 8.93 -32.97 47.59
N TYR D 257 9.29 -31.78 47.09
CA TYR D 257 9.73 -31.64 45.70
C TYR D 257 11.20 -31.24 45.60
N THR D 258 11.90 -31.86 44.66
CA THR D 258 13.31 -31.54 44.41
C THR D 258 13.54 -31.15 42.96
N CYS D 259 14.41 -30.16 42.75
CA CYS D 259 14.78 -29.76 41.40
C CYS D 259 16.18 -30.26 41.06
N ARG D 260 16.33 -30.81 39.87
CA ARG D 260 17.60 -31.42 39.46
C ARG D 260 18.37 -30.53 38.48
N VAL D 261 19.54 -30.06 38.92
CA VAL D 261 20.36 -29.16 38.13
C VAL D 261 21.50 -29.90 37.41
N GLU D 262 21.40 -30.01 36.08
CA GLU D 262 22.42 -30.68 35.29
C GLU D 262 23.34 -29.70 34.57
N HIS D 263 24.56 -29.53 35.07
CA HIS D 263 25.53 -28.64 34.44
C HIS D 263 26.93 -29.26 34.35
N GLU D 264 27.63 -28.91 33.29
CA GLU D 264 28.96 -29.42 32.97
C GLU D 264 29.97 -29.28 34.12
N GLY D 265 29.89 -28.18 34.86
CA GLY D 265 30.83 -27.92 35.94
C GLY D 265 30.54 -28.69 37.22
N LEU D 266 29.66 -29.68 37.12
CA LEU D 266 29.31 -30.50 38.27
C LEU D 266 29.67 -31.97 38.04
N PRO D 267 30.15 -32.65 39.09
CA PRO D 267 30.44 -34.08 39.00
C PRO D 267 29.18 -34.88 38.72
N LYS D 268 28.10 -34.55 39.41
CA LYS D 268 26.80 -35.17 39.21
C LYS D 268 25.72 -34.11 39.46
N PRO D 269 24.61 -34.18 38.69
CA PRO D 269 23.42 -33.34 38.87
C PRO D 269 23.05 -33.09 40.33
N LEU D 270 22.67 -31.85 40.63
CA LEU D 270 22.26 -31.49 41.98
C LEU D 270 20.81 -31.90 42.24
N SER D 271 20.37 -31.74 43.49
CA SER D 271 19.00 -32.04 43.88
C SER D 271 18.56 -31.08 44.97
N GLN D 272 18.09 -29.90 44.57
CA GLN D 272 17.78 -28.83 45.50
C GLN D 272 16.30 -28.81 45.87
N ARG D 273 16.01 -28.52 47.13
CA ARG D 273 14.64 -28.36 47.58
C ARG D 273 14.51 -27.20 48.56
N TRP D 274 13.26 -26.82 48.85
CA TRP D 274 12.96 -25.68 49.70
C TRP D 274 13.38 -25.90 51.15
N GLU D 275 13.85 -24.84 51.80
CA GLU D 275 14.33 -24.91 53.18
C GLU D 275 13.30 -24.39 54.18
N MET E 1 11.72 -8.31 5.72
CA MET E 1 10.49 -8.93 5.26
C MET E 1 9.90 -9.85 6.32
N ILE E 2 10.76 -10.40 7.18
CA ILE E 2 10.30 -11.19 8.31
C ILE E 2 10.28 -10.32 9.55
N GLN E 3 9.34 -10.58 10.45
CA GLN E 3 9.16 -9.77 11.64
C GLN E 3 8.89 -10.62 12.88
N LYS E 4 9.82 -10.59 13.82
CA LYS E 4 9.70 -11.38 15.05
C LYS E 4 9.63 -10.47 16.26
N THR E 5 8.65 -10.72 17.12
CA THR E 5 8.43 -9.91 18.31
C THR E 5 9.51 -10.15 19.35
N PRO E 6 10.12 -9.06 19.86
CA PRO E 6 11.15 -9.17 20.89
C PRO E 6 10.64 -9.80 22.19
N GLN E 7 11.48 -10.62 22.82
CA GLN E 7 11.14 -11.20 24.12
C GLN E 7 11.96 -10.52 25.20
N ILE E 8 11.29 -10.13 26.28
CA ILE E 8 11.92 -9.28 27.29
C ILE E 8 12.02 -9.95 28.66
N GLN E 9 13.15 -9.77 29.31
CA GLN E 9 13.35 -10.25 30.68
C GLN E 9 14.09 -9.21 31.51
N VAL E 10 13.48 -8.80 32.62
CA VAL E 10 14.13 -7.86 33.54
C VAL E 10 14.54 -8.58 34.81
N TYR E 11 15.79 -8.37 35.21
CA TYR E 11 16.38 -9.12 36.31
C TYR E 11 17.68 -8.48 36.78
N SER E 12 18.05 -8.76 38.03
CA SER E 12 19.30 -8.25 38.59
C SER E 12 20.42 -9.27 38.41
N ARG E 13 21.66 -8.80 38.38
CA ARG E 13 22.82 -9.67 38.22
C ARG E 13 22.93 -10.64 39.39
N HIS E 14 23.22 -10.09 40.57
CA HIS E 14 23.22 -10.88 41.80
C HIS E 14 21.85 -10.78 42.45
N PRO E 15 21.51 -11.72 43.36
CA PRO E 15 20.27 -11.62 44.13
C PRO E 15 20.12 -10.25 44.79
N PRO E 16 18.90 -9.75 44.92
CA PRO E 16 18.67 -8.41 45.45
C PRO E 16 18.57 -8.33 46.97
N GLU E 17 19.45 -7.54 47.58
CA GLU E 17 19.31 -7.15 48.98
C GLU E 17 19.17 -5.63 49.05
N ASN E 18 18.13 -5.16 49.73
CA ASN E 18 17.83 -3.73 49.79
C ASN E 18 18.99 -2.89 50.32
N GLY E 19 19.34 -1.85 49.58
CA GLY E 19 20.41 -0.96 49.98
C GLY E 19 21.69 -1.17 49.18
N LYS E 20 22.30 -2.34 49.36
CA LYS E 20 23.58 -2.64 48.70
C LYS E 20 23.42 -2.75 47.19
N PRO E 21 24.26 -2.01 46.45
CA PRO E 21 24.22 -1.85 44.99
C PRO E 21 24.17 -3.15 44.19
N ASN E 22 23.74 -3.05 42.94
CA ASN E 22 23.59 -4.21 42.06
C ASN E 22 23.66 -3.77 40.60
N PHE E 23 23.39 -4.70 39.69
CA PHE E 23 23.35 -4.41 38.27
C PHE E 23 22.02 -4.84 37.68
N LEU E 24 21.32 -3.90 37.05
CA LEU E 24 20.01 -4.17 36.47
C LEU E 24 20.13 -4.60 35.02
N ASN E 25 19.57 -5.77 34.68
CA ASN E 25 19.64 -6.28 33.32
C ASN E 25 18.29 -6.26 32.60
N CYS E 26 18.32 -5.96 31.31
CA CYS E 26 17.13 -6.08 30.47
C CYS E 26 17.48 -6.83 29.18
N TYR E 27 17.27 -8.15 29.21
CA TYR E 27 17.65 -9.01 28.10
C TYR E 27 16.54 -9.10 27.06
N VAL E 28 16.76 -8.46 25.91
CA VAL E 28 15.79 -8.47 24.82
C VAL E 28 16.30 -9.35 23.68
N SER E 29 15.55 -10.39 23.34
CA SER E 29 16.02 -11.39 22.40
C SER E 29 14.99 -11.82 21.35
N GLN E 30 15.48 -12.55 20.35
CA GLN E 30 14.64 -13.16 19.32
C GLN E 30 13.78 -12.16 18.54
N PHE E 31 14.36 -10.99 18.25
CA PHE E 31 13.64 -9.99 17.48
C PHE E 31 14.27 -9.77 16.09
N HIS E 32 13.46 -9.22 15.18
CA HIS E 32 13.84 -9.01 13.80
C HIS E 32 12.77 -8.14 13.16
N PRO E 33 13.15 -7.05 12.47
CA PRO E 33 14.46 -6.47 12.17
C PRO E 33 15.23 -5.98 13.41
N PRO E 34 16.54 -5.69 13.27
CA PRO E 34 17.37 -5.38 14.43
C PRO E 34 17.15 -4.02 15.11
N GLN E 35 16.69 -3.00 14.39
CA GLN E 35 16.52 -1.69 15.01
C GLN E 35 15.43 -1.73 16.09
N ILE E 36 15.80 -1.24 17.27
CA ILE E 36 14.95 -1.37 18.45
C ILE E 36 15.43 -0.39 19.52
N GLU E 37 14.51 0.17 20.29
CA GLU E 37 14.87 1.12 21.34
C GLU E 37 14.68 0.53 22.73
N ILE E 38 15.78 0.32 23.44
CA ILE E 38 15.73 -0.26 24.78
C ILE E 38 15.83 0.82 25.84
N GLU E 39 14.78 0.94 26.65
CA GLU E 39 14.71 1.98 27.66
C GLU E 39 14.70 1.39 29.07
N LEU E 40 15.48 1.99 29.97
CA LEU E 40 15.46 1.58 31.37
C LEU E 40 14.84 2.69 32.22
N LEU E 41 13.95 2.31 33.14
CA LEU E 41 13.17 3.28 33.89
C LEU E 41 13.39 3.18 35.40
N LYS E 42 13.24 4.32 36.07
CA LYS E 42 13.23 4.39 37.52
C LYS E 42 12.10 5.29 37.98
N ASN E 43 11.07 4.69 38.57
CA ASN E 43 9.84 5.38 38.93
C ASN E 43 9.19 6.09 37.74
N GLY E 44 9.37 5.50 36.55
CA GLY E 44 8.73 6.00 35.35
C GLY E 44 9.57 6.97 34.55
N LYS E 45 10.73 7.34 35.08
CA LYS E 45 11.59 8.32 34.41
C LYS E 45 12.93 7.71 34.00
N LYS E 46 13.32 7.97 32.76
CA LYS E 46 14.46 7.33 32.11
C LYS E 46 15.79 7.47 32.86
N ILE E 47 16.50 6.36 32.99
CA ILE E 47 17.85 6.36 33.54
C ILE E 47 18.84 6.85 32.50
N PRO E 48 19.66 7.85 32.84
CA PRO E 48 20.64 8.41 31.92
C PRO E 48 21.91 7.58 31.87
N ASN E 49 22.59 7.59 30.72
CA ASN E 49 23.80 6.80 30.50
C ASN E 49 23.60 5.34 30.87
N ILE E 50 22.83 4.62 30.07
CA ILE E 50 22.74 3.18 30.24
C ILE E 50 23.72 2.53 29.28
N GLU E 51 24.75 1.90 29.81
CA GLU E 51 25.64 1.14 28.96
C GLU E 51 24.84 -0.11 28.56
N MET E 52 24.48 -0.16 27.28
CA MET E 52 23.79 -1.33 26.72
C MET E 52 24.84 -2.16 25.95
N SER E 53 24.63 -2.31 24.65
CA SER E 53 25.63 -2.46 23.58
C SER E 53 25.52 -3.68 22.68
N ASP E 54 26.25 -3.57 21.57
CA ASP E 54 26.38 -4.62 20.56
C ASP E 54 25.03 -5.04 20.01
N LEU E 55 25.07 -6.11 19.22
CA LEU E 55 23.90 -6.65 18.55
C LEU E 55 24.31 -7.89 17.80
N SER E 56 24.46 -8.98 18.54
CA SER E 56 24.74 -10.25 17.89
C SER E 56 23.41 -10.93 17.65
N PHE E 57 23.45 -12.06 16.95
CA PHE E 57 22.24 -12.80 16.69
C PHE E 57 22.49 -14.27 16.94
N SER E 58 21.46 -14.98 17.38
CA SER E 58 21.55 -16.42 17.50
C SER E 58 21.69 -17.04 16.12
N LYS E 59 21.95 -18.34 16.10
CA LYS E 59 22.27 -19.05 14.86
C LYS E 59 21.02 -19.22 14.00
N ASP E 60 19.87 -18.93 14.59
CA ASP E 60 18.60 -18.95 13.87
C ASP E 60 18.27 -17.57 13.28
N TRP E 61 19.29 -16.72 13.24
CA TRP E 61 19.25 -15.39 12.62
C TRP E 61 18.47 -14.32 13.39
N SER E 62 18.07 -14.61 14.62
CA SER E 62 17.32 -13.63 15.41
C SER E 62 18.25 -12.84 16.34
N PHE E 63 17.99 -11.55 16.48
CA PHE E 63 18.88 -10.68 17.26
C PHE E 63 18.58 -10.70 18.75
N TYR E 64 19.61 -10.48 19.56
CA TYR E 64 19.45 -10.29 20.99
C TYR E 64 20.33 -9.14 21.46
N ILE E 65 20.04 -8.61 22.64
CA ILE E 65 20.80 -7.49 23.18
C ILE E 65 20.63 -7.40 24.70
N LEU E 66 21.70 -7.04 25.40
CA LEU E 66 21.68 -6.94 26.85
C LEU E 66 21.98 -5.51 27.32
N ALA E 67 20.93 -4.79 27.72
CA ALA E 67 21.10 -3.44 28.24
C ALA E 67 21.17 -3.48 29.75
N HIS E 68 21.96 -2.59 30.34
CA HIS E 68 22.16 -2.61 31.78
C HIS E 68 22.68 -1.31 32.38
N THR E 69 22.56 -1.21 33.69
CA THR E 69 23.08 -0.09 34.47
C THR E 69 23.25 -0.54 35.92
N GLU E 70 24.01 0.22 36.71
CA GLU E 70 24.07 0.00 38.14
C GLU E 70 22.78 0.55 38.75
N PHE E 71 22.29 -0.10 39.81
CA PHE E 71 21.13 0.41 40.51
C PHE E 71 21.09 -0.12 41.94
N THR E 72 20.58 0.71 42.85
CA THR E 72 20.38 0.28 44.23
C THR E 72 18.93 -0.12 44.42
N PRO E 73 18.69 -1.42 44.70
CA PRO E 73 17.36 -2.03 44.75
C PRO E 73 16.34 -1.30 45.63
N THR E 74 16.52 -1.38 46.95
CA THR E 74 15.49 -0.97 47.91
C THR E 74 14.18 -1.71 47.62
N GLU E 75 13.08 -1.21 48.17
CA GLU E 75 11.77 -1.62 47.70
C GLU E 75 10.79 -0.48 47.95
N THR E 76 10.81 0.46 47.02
CA THR E 76 9.88 1.58 46.96
C THR E 76 9.99 2.10 45.55
N ASP E 77 11.23 2.15 45.07
CA ASP E 77 11.54 2.53 43.70
C ASP E 77 11.06 1.46 42.74
N VAL E 78 10.47 1.89 41.63
CA VAL E 78 9.98 0.97 40.62
C VAL E 78 10.86 1.01 39.38
N TYR E 79 11.56 -0.09 39.12
CA TYR E 79 12.39 -0.21 37.93
C TYR E 79 11.69 -1.05 36.87
N ALA E 80 11.84 -0.65 35.61
CA ALA E 80 11.19 -1.34 34.52
C ALA E 80 11.99 -1.24 33.23
N CYS E 81 11.50 -1.87 32.18
CA CYS E 81 12.13 -1.82 30.87
C CYS E 81 11.09 -1.56 29.81
N ARG E 82 11.32 -0.53 29.01
CA ARG E 82 10.40 -0.22 27.91
C ARG E 82 11.09 -0.53 26.58
N VAL E 83 10.34 -1.12 25.66
CA VAL E 83 10.90 -1.52 24.37
C VAL E 83 10.02 -1.05 23.22
N LYS E 84 10.63 -0.38 22.25
CA LYS E 84 9.94 0.02 21.04
C LYS E 84 10.47 -0.74 19.84
N HIS E 85 9.56 -1.39 19.11
CA HIS E 85 9.92 -2.19 17.94
C HIS E 85 8.75 -2.20 16.97
N VAL E 86 9.03 -2.41 15.69
CA VAL E 86 8.01 -2.31 14.64
C VAL E 86 6.85 -3.27 14.86
N THR E 87 7.10 -4.41 15.52
CA THR E 87 6.04 -5.38 15.78
C THR E 87 5.26 -5.02 17.05
N LEU E 88 5.66 -3.93 17.69
CA LEU E 88 4.98 -3.45 18.90
C LEU E 88 4.20 -2.17 18.62
N LYS E 89 2.87 -2.29 18.55
CA LYS E 89 2.00 -1.14 18.34
C LYS E 89 2.22 -0.09 19.42
N GLU E 90 2.02 -0.49 20.66
CA GLU E 90 2.30 0.36 21.80
C GLU E 90 3.57 -0.13 22.49
N PRO E 91 4.41 0.79 22.97
CA PRO E 91 5.65 0.43 23.66
C PRO E 91 5.39 -0.50 24.84
N LYS E 92 5.90 -1.72 24.77
CA LYS E 92 5.68 -2.69 25.84
C LYS E 92 6.62 -2.43 27.02
N THR E 93 6.06 -2.47 28.22
CA THR E 93 6.84 -2.19 29.42
C THR E 93 6.84 -3.39 30.37
N VAL E 94 8.03 -3.75 30.85
CA VAL E 94 8.17 -4.85 31.78
C VAL E 94 8.79 -4.36 33.08
N THR E 95 8.04 -4.48 34.18
CA THR E 95 8.50 -4.03 35.48
C THR E 95 9.35 -5.10 36.16
N TRP E 96 10.40 -4.68 36.86
CA TRP E 96 11.29 -5.62 37.53
C TRP E 96 10.64 -6.24 38.76
N ASP E 97 10.47 -7.56 38.71
CA ASP E 97 10.02 -8.33 39.86
C ASP E 97 11.19 -9.13 40.40
N ARG E 98 11.54 -8.88 41.66
CA ARG E 98 12.69 -9.55 42.28
C ARG E 98 12.47 -11.07 42.39
N ASP E 99 11.21 -11.49 42.31
CA ASP E 99 10.87 -12.90 42.39
C ASP E 99 11.06 -13.60 41.05
N MET E 100 11.55 -12.85 40.06
CA MET E 100 11.76 -13.39 38.72
C MET E 100 13.02 -12.82 38.08
N TYR F 1 40.79 -14.38 14.27
CA TYR F 1 41.31 -13.68 13.09
C TYR F 1 40.25 -13.63 11.99
N LEU F 2 39.89 -12.42 11.59
CA LEU F 2 38.90 -12.23 10.52
C LEU F 2 39.37 -12.84 9.21
N ARG F 3 38.42 -13.37 8.43
CA ARG F 3 38.72 -13.92 7.12
C ARG F 3 38.96 -12.81 6.09
N TYR F 4 40.09 -12.89 5.40
CA TYR F 4 40.47 -11.91 4.39
C TYR F 4 41.10 -12.65 3.20
N ASP F 5 40.66 -12.33 1.98
CA ASP F 5 41.25 -12.99 0.81
C ASP F 5 41.28 -12.13 -0.46
N SER F 6 40.71 -10.93 -0.38
CA SER F 6 41.07 -9.84 -1.30
C SER F 6 40.70 -9.97 -2.78
N ASP F 7 40.69 -11.18 -3.32
CA ASP F 7 40.73 -11.33 -4.78
C ASP F 7 40.01 -12.57 -5.30
N GLU F 10 33.63 -12.76 -1.06
CA GLU F 10 34.03 -12.31 -2.38
C GLU F 10 33.21 -11.11 -2.84
N TYR F 11 32.04 -11.39 -3.40
CA TYR F 11 31.11 -10.37 -3.88
C TYR F 11 29.82 -11.07 -4.30
N ARG F 12 28.76 -10.92 -3.51
CA ARG F 12 27.50 -11.60 -3.78
C ARG F 12 26.89 -11.13 -5.10
N GLY G 1 12.30 -51.73 11.74
CA GLY G 1 12.06 -50.53 10.96
C GLY G 1 10.76 -49.84 11.33
N SER G 2 10.84 -48.53 11.56
CA SER G 2 9.67 -47.73 11.91
C SER G 2 8.82 -47.43 10.68
N HIS G 3 7.61 -46.93 10.91
CA HIS G 3 6.69 -46.59 9.83
C HIS G 3 6.00 -45.26 10.12
N SER G 4 5.29 -44.74 9.12
CA SER G 4 4.67 -43.42 9.27
C SER G 4 3.35 -43.31 8.53
N LEU G 5 2.47 -42.49 9.09
CA LEU G 5 1.26 -42.05 8.41
C LEU G 5 1.31 -40.53 8.30
N ARG G 6 1.36 -40.02 7.07
CA ARG G 6 1.52 -38.58 6.86
C ARG G 6 0.50 -38.02 5.89
N TYR G 7 -0.05 -36.85 6.21
CA TYR G 7 -0.95 -36.15 5.31
C TYR G 7 -0.38 -34.78 4.93
N PHE G 8 -0.62 -34.38 3.69
CA PHE G 8 -0.11 -33.11 3.18
C PHE G 8 -1.25 -32.24 2.64
N TYR G 9 -1.48 -31.10 3.28
CA TYR G 9 -2.48 -30.14 2.81
C TYR G 9 -1.86 -29.03 1.96
N THR G 10 -2.60 -28.57 0.95
CA THR G 10 -2.13 -27.48 0.11
C THR G 10 -3.29 -26.61 -0.36
N ALA G 11 -3.14 -25.30 -0.23
CA ALA G 11 -4.14 -24.36 -0.72
C ALA G 11 -3.48 -23.17 -1.40
N VAL G 12 -3.90 -22.88 -2.63
CA VAL G 12 -3.43 -21.69 -3.33
C VAL G 12 -4.60 -20.86 -3.86
N SER G 13 -4.67 -19.62 -3.38
CA SER G 13 -5.71 -18.72 -3.84
C SER G 13 -5.40 -18.28 -5.26
N ARG G 14 -6.41 -18.38 -6.13
CA ARG G 14 -6.28 -17.88 -7.48
C ARG G 14 -7.22 -16.68 -7.63
N PRO G 15 -6.67 -15.47 -7.36
CA PRO G 15 -7.40 -14.20 -7.25
C PRO G 15 -8.43 -13.99 -8.36
N GLY G 16 -7.97 -14.03 -9.60
CA GLY G 16 -8.85 -13.83 -10.74
C GLY G 16 -9.90 -14.90 -10.91
N LEU G 17 -9.50 -16.05 -11.43
CA LEU G 17 -10.45 -17.10 -11.83
C LEU G 17 -10.89 -18.03 -10.69
N GLY G 18 -11.75 -17.52 -9.82
CA GLY G 18 -12.50 -18.36 -8.89
C GLY G 18 -11.89 -18.71 -7.54
N GLU G 19 -12.39 -19.79 -6.96
CA GLU G 19 -12.02 -20.21 -5.62
C GLU G 19 -10.72 -21.00 -5.58
N PRO G 20 -10.01 -20.97 -4.43
CA PRO G 20 -8.70 -21.62 -4.30
C PRO G 20 -8.72 -23.13 -4.53
N ARG G 21 -7.58 -23.67 -4.93
CA ARG G 21 -7.41 -25.10 -5.10
C ARG G 21 -6.99 -25.73 -3.79
N PHE G 22 -7.68 -26.79 -3.38
CA PHE G 22 -7.34 -27.50 -2.16
C PHE G 22 -6.98 -28.95 -2.47
N ILE G 23 -5.78 -29.36 -2.07
CA ILE G 23 -5.34 -30.74 -2.29
C ILE G 23 -4.90 -31.40 -0.99
N ALA G 24 -5.41 -32.61 -0.75
CA ALA G 24 -4.98 -33.40 0.40
C ALA G 24 -4.38 -34.72 -0.05
N VAL G 25 -3.13 -34.96 0.32
CA VAL G 25 -2.44 -36.20 -0.05
C VAL G 25 -2.01 -36.96 1.19
N GLY G 26 -2.29 -38.26 1.22
CA GLY G 26 -1.86 -39.11 2.32
C GLY G 26 -0.76 -40.06 1.92
N TYR G 27 0.20 -40.25 2.82
CA TYR G 27 1.30 -41.19 2.58
C TYR G 27 1.44 -42.19 3.73
N VAL G 28 1.50 -43.47 3.39
CA VAL G 28 1.95 -44.49 4.33
C VAL G 28 3.41 -44.78 4.00
N ASP G 29 4.30 -44.38 4.90
CA ASP G 29 5.76 -44.25 4.69
C ASP G 29 6.24 -44.30 3.23
N ASP G 30 6.61 -43.11 2.73
CA ASP G 30 7.06 -42.90 1.35
C ASP G 30 5.92 -42.97 0.34
N THR G 31 5.28 -44.12 0.24
CA THR G 31 4.30 -44.36 -0.82
C THR G 31 2.97 -43.66 -0.59
N GLU G 32 2.41 -43.11 -1.67
CA GLU G 32 1.12 -42.41 -1.63
C GLU G 32 -0.04 -43.41 -1.74
N PHE G 33 -1.05 -43.24 -0.91
CA PHE G 33 -2.15 -44.20 -0.88
C PHE G 33 -3.54 -43.57 -0.94
N VAL G 34 -3.60 -42.24 -0.98
CA VAL G 34 -4.88 -41.55 -1.00
C VAL G 34 -4.73 -40.09 -1.44
N ARG G 35 -5.76 -39.55 -2.09
CA ARG G 35 -5.66 -38.22 -2.72
C ARG G 35 -7.02 -37.52 -2.90
N PHE G 36 -7.06 -36.23 -2.57
CA PHE G 36 -8.23 -35.40 -2.81
C PHE G 36 -7.85 -34.10 -3.51
N ASP G 37 -8.45 -33.83 -4.67
CA ASP G 37 -8.16 -32.61 -5.41
C ASP G 37 -9.43 -31.79 -5.66
N SER G 38 -9.41 -30.55 -5.21
CA SER G 38 -10.52 -29.63 -5.44
C SER G 38 -10.74 -29.32 -6.92
N ASP G 39 -9.65 -29.30 -7.67
CA ASP G 39 -9.68 -28.99 -9.10
C ASP G 39 -10.14 -30.15 -9.96
N ALA G 40 -10.61 -31.22 -9.33
CA ALA G 40 -10.77 -32.48 -10.04
C ALA G 40 -12.19 -32.83 -10.44
N GLU G 41 -12.26 -33.80 -11.35
CA GLU G 41 -13.42 -34.60 -11.74
C GLU G 41 -14.68 -34.35 -10.90
N ASN G 42 -14.96 -35.31 -10.03
CA ASN G 42 -15.86 -35.12 -8.91
C ASN G 42 -15.02 -35.13 -7.64
N PRO G 43 -14.81 -33.95 -7.03
CA PRO G 43 -13.94 -33.83 -5.86
C PRO G 43 -14.27 -34.85 -4.77
N ARG G 44 -13.46 -35.89 -4.67
CA ARG G 44 -13.65 -36.91 -3.65
C ARG G 44 -12.35 -37.63 -3.32
N MET G 45 -12.25 -38.12 -2.09
CA MET G 45 -11.09 -38.88 -1.64
C MET G 45 -11.01 -40.20 -2.40
N GLU G 46 -9.87 -40.44 -3.07
CA GLU G 46 -9.72 -41.61 -3.91
C GLU G 46 -8.46 -42.41 -3.58
N PRO G 47 -8.49 -43.73 -3.79
CA PRO G 47 -7.33 -44.58 -3.56
C PRO G 47 -6.20 -44.30 -4.54
N ARG G 48 -4.96 -44.39 -4.08
CA ARG G 48 -3.79 -44.20 -4.93
C ARG G 48 -2.91 -45.44 -4.90
N ALA G 49 -3.32 -46.40 -4.09
CA ALA G 49 -2.67 -47.70 -4.02
C ALA G 49 -3.72 -48.80 -4.16
N ARG G 50 -3.38 -49.86 -4.89
CA ARG G 50 -4.36 -50.90 -5.20
C ARG G 50 -4.81 -51.69 -3.97
N TRP G 51 -4.06 -51.57 -2.87
CA TRP G 51 -4.45 -52.24 -1.64
C TRP G 51 -5.42 -51.41 -0.81
N MET G 52 -6.09 -50.46 -1.47
CA MET G 52 -7.05 -49.59 -0.81
C MET G 52 -8.44 -49.68 -1.44
N GLU G 53 -8.54 -50.42 -2.54
CA GLU G 53 -9.79 -50.49 -3.30
C GLU G 53 -10.79 -51.47 -2.70
N ARG G 54 -10.64 -51.76 -1.41
CA ARG G 54 -11.54 -52.69 -0.73
C ARG G 54 -12.12 -52.10 0.54
N GLU G 55 -11.92 -50.81 0.75
CA GLU G 55 -12.29 -50.18 2.02
C GLU G 55 -13.80 -49.96 2.18
N GLY G 56 -14.53 -50.06 1.09
CA GLY G 56 -15.98 -49.86 1.14
C GLY G 56 -16.34 -48.39 1.07
N PRO G 57 -17.47 -48.07 0.42
CA PRO G 57 -17.90 -46.70 0.14
C PRO G 57 -18.00 -45.81 1.37
N GLU G 58 -18.47 -46.37 2.48
CA GLU G 58 -18.68 -45.59 3.70
C GLU G 58 -17.37 -45.01 4.24
N TYR G 59 -16.25 -45.69 4.00
CA TYR G 59 -14.96 -45.18 4.42
C TYR G 59 -14.59 -43.95 3.61
N TRP G 60 -14.71 -44.05 2.29
CA TRP G 60 -14.37 -42.95 1.39
C TRP G 60 -15.30 -41.76 1.59
N GLU G 61 -16.60 -42.03 1.60
CA GLU G 61 -17.61 -40.99 1.78
C GLU G 61 -17.36 -40.14 3.02
N GLN G 62 -16.85 -40.78 4.07
CA GLN G 62 -16.53 -40.07 5.31
C GLN G 62 -15.25 -39.26 5.17
N GLN G 63 -14.26 -39.84 4.51
CA GLN G 63 -12.98 -39.18 4.30
C GLN G 63 -13.14 -37.97 3.38
N THR G 64 -13.92 -38.13 2.32
CA THR G 64 -14.14 -37.03 1.38
C THR G 64 -15.13 -36.02 1.93
N ARG G 65 -15.57 -36.23 3.17
CA ARG G 65 -16.47 -35.31 3.83
C ARG G 65 -15.69 -34.46 4.82
N ILE G 66 -14.57 -35.02 5.29
CA ILE G 66 -13.66 -34.31 6.18
C ILE G 66 -12.77 -33.37 5.37
N ALA G 67 -12.35 -33.82 4.20
CA ALA G 67 -11.52 -33.01 3.31
C ALA G 67 -12.24 -31.75 2.87
N LYS G 68 -13.51 -31.87 2.53
CA LYS G 68 -14.32 -30.73 2.11
C LYS G 68 -14.49 -29.74 3.26
N GLU G 69 -14.57 -30.25 4.48
CA GLU G 69 -14.66 -29.38 5.65
C GLU G 69 -13.35 -28.63 5.86
N TRP G 70 -12.25 -29.27 5.52
CA TRP G 70 -10.93 -28.65 5.67
C TRP G 70 -10.67 -27.62 4.58
N GLU G 71 -11.26 -27.85 3.41
CA GLU G 71 -11.18 -26.88 2.33
C GLU G 71 -11.80 -25.56 2.74
N GLN G 72 -12.91 -25.62 3.45
CA GLN G 72 -13.65 -24.44 3.88
C GLN G 72 -12.85 -23.63 4.90
N ILE G 73 -12.26 -24.33 5.86
CA ILE G 73 -11.43 -23.70 6.88
C ILE G 73 -10.29 -22.91 6.25
N TYR G 74 -9.66 -23.51 5.24
CA TYR G 74 -8.52 -22.90 4.56
C TYR G 74 -8.90 -21.67 3.76
N ARG G 75 -10.14 -21.63 3.28
CA ARG G 75 -10.63 -20.45 2.58
C ARG G 75 -10.70 -19.28 3.55
N VAL G 76 -11.14 -19.55 4.77
CA VAL G 76 -11.21 -18.54 5.81
C VAL G 76 -9.80 -18.13 6.25
N ASP G 77 -8.91 -19.11 6.36
CA ASP G 77 -7.54 -18.86 6.80
C ASP G 77 -6.77 -17.99 5.80
N LEU G 78 -6.86 -18.34 4.52
CA LEU G 78 -6.26 -17.54 3.45
C LEU G 78 -6.65 -16.08 3.55
N ARG G 79 -7.93 -15.86 3.83
CA ARG G 79 -8.47 -14.51 3.99
C ARG G 79 -7.89 -13.83 5.23
N THR G 80 -7.68 -14.61 6.28
CA THR G 80 -7.21 -14.08 7.56
C THR G 80 -5.73 -13.70 7.51
N LEU G 81 -4.92 -14.56 6.90
CA LEU G 81 -3.48 -14.32 6.83
C LEU G 81 -3.17 -13.06 6.02
N ARG G 82 -4.01 -12.77 5.03
CA ARG G 82 -3.88 -11.54 4.27
C ARG G 82 -4.16 -10.34 5.17
N GLY G 83 -4.96 -10.56 6.21
CA GLY G 83 -5.23 -9.54 7.19
C GLY G 83 -4.07 -9.36 8.15
N TYR G 84 -3.52 -10.48 8.62
CA TYR G 84 -2.38 -10.46 9.53
C TYR G 84 -1.19 -9.72 8.94
N TYR G 85 -0.93 -9.97 7.66
CA TYR G 85 0.22 -9.40 6.98
C TYR G 85 -0.11 -8.13 6.20
N ASN G 86 -1.36 -7.68 6.31
CA ASN G 86 -1.85 -6.51 5.58
C ASN G 86 -1.64 -6.65 4.06
N GLN G 87 -1.93 -7.84 3.54
CA GLN G 87 -1.77 -8.10 2.11
C GLN G 87 -3.07 -7.80 1.35
N SER G 88 -2.93 -7.46 0.08
CA SER G 88 -4.07 -7.07 -0.74
C SER G 88 -4.56 -8.21 -1.64
N GLU G 89 -5.65 -7.98 -2.35
CA GLU G 89 -6.27 -9.00 -3.20
C GLU G 89 -5.48 -9.27 -4.48
N GLY G 90 -4.29 -8.69 -4.58
CA GLY G 90 -3.49 -8.78 -5.78
C GLY G 90 -3.09 -10.18 -6.20
N GLY G 91 -1.97 -10.67 -5.66
CA GLY G 91 -1.38 -11.91 -6.13
C GLY G 91 -1.88 -13.16 -5.45
N SER G 92 -1.33 -14.30 -5.86
CA SER G 92 -1.68 -15.59 -5.31
C SER G 92 -0.89 -15.88 -4.03
N HIS G 93 -1.47 -16.67 -3.14
CA HIS G 93 -0.79 -17.05 -1.91
C HIS G 93 -0.94 -18.55 -1.64
N THR G 94 -0.08 -19.08 -0.77
CA THR G 94 -0.04 -20.52 -0.52
C THR G 94 -0.06 -20.86 0.95
N ILE G 95 -0.94 -21.79 1.33
CA ILE G 95 -0.88 -22.40 2.65
C ILE G 95 -0.60 -23.88 2.50
N GLN G 96 0.38 -24.37 3.24
CA GLN G 96 0.72 -25.79 3.21
C GLN G 96 0.65 -26.35 4.63
N GLU G 97 0.39 -27.65 4.74
CA GLU G 97 0.33 -28.29 6.05
C GLU G 97 0.69 -29.77 5.96
N MET G 98 1.47 -30.24 6.93
CA MET G 98 1.82 -31.65 7.00
C MET G 98 1.77 -32.12 8.44
N TYR G 99 1.06 -33.21 8.69
CA TYR G 99 1.02 -33.80 10.02
C TYR G 99 1.10 -35.32 9.93
N GLY G 100 1.24 -35.97 11.08
CA GLY G 100 1.30 -37.42 11.11
C GLY G 100 2.04 -38.00 12.30
N CYS G 101 2.30 -39.30 12.23
CA CYS G 101 2.86 -40.04 13.36
C CYS G 101 3.95 -41.02 12.94
N ASP G 102 5.03 -41.07 13.71
CA ASP G 102 6.09 -42.05 13.50
C ASP G 102 5.98 -43.16 14.55
N VAL G 103 5.73 -44.38 14.10
CA VAL G 103 5.62 -45.51 15.01
C VAL G 103 6.78 -46.47 14.81
N GLY G 104 7.50 -46.75 15.90
CA GLY G 104 8.64 -47.64 15.84
C GLY G 104 8.26 -49.11 15.86
N SER G 105 9.23 -49.99 15.62
CA SER G 105 9.01 -51.43 15.54
C SER G 105 8.22 -51.99 16.73
N ASP G 106 8.43 -51.43 17.91
CA ASP G 106 7.81 -51.92 19.14
C ASP G 106 6.30 -51.61 19.19
N GLY G 107 5.83 -50.78 18.27
CA GLY G 107 4.42 -50.46 18.20
C GLY G 107 4.05 -49.16 18.89
N SER G 108 5.04 -48.51 19.49
CA SER G 108 4.81 -47.28 20.22
C SER G 108 5.19 -46.04 19.41
N LEU G 109 4.42 -44.98 19.57
CA LEU G 109 4.66 -43.73 18.86
C LEU G 109 6.03 -43.15 19.19
N LEU G 110 6.80 -42.85 18.14
CA LEU G 110 8.13 -42.25 18.31
C LEU G 110 8.02 -40.74 18.35
N ARG G 111 7.22 -40.19 17.43
CA ARG G 111 7.10 -38.75 17.29
C ARG G 111 5.80 -38.37 16.58
N GLY G 112 5.14 -37.33 17.08
CA GLY G 112 3.99 -36.76 16.41
C GLY G 112 4.32 -35.36 15.95
N TYR G 113 3.71 -34.91 14.86
CA TYR G 113 4.03 -33.59 14.32
C TYR G 113 2.85 -32.94 13.61
N ARG G 114 2.82 -31.62 13.65
CA ARG G 114 1.78 -30.82 13.00
C ARG G 114 2.35 -29.42 12.75
N GLN G 115 2.74 -29.17 11.50
CA GLN G 115 3.36 -27.90 11.13
C GLN G 115 2.82 -27.40 9.80
N ASP G 116 2.91 -26.09 9.59
CA ASP G 116 2.43 -25.52 8.33
C ASP G 116 3.32 -24.38 7.82
N ALA G 117 3.03 -23.92 6.61
CA ALA G 117 3.81 -22.86 5.99
C ALA G 117 2.92 -21.90 5.21
N TYR G 118 3.35 -20.65 5.10
CA TYR G 118 2.62 -19.65 4.34
C TYR G 118 3.54 -18.98 3.31
N ASP G 119 3.19 -19.15 2.03
CA ASP G 119 4.02 -18.72 0.92
C ASP G 119 5.41 -19.35 1.00
N GLY G 120 5.46 -20.61 1.43
CA GLY G 120 6.71 -21.33 1.53
C GLY G 120 7.59 -20.92 2.70
N ARG G 121 7.01 -20.21 3.66
CA ARG G 121 7.74 -19.79 4.84
C ARG G 121 7.10 -20.41 6.09
N ASP G 122 7.93 -20.83 7.04
CA ASP G 122 7.45 -21.44 8.27
C ASP G 122 6.42 -20.58 9.00
N TYR G 123 5.33 -21.21 9.44
CA TYR G 123 4.30 -20.50 10.18
C TYR G 123 4.23 -21.04 11.63
N ILE G 124 3.24 -21.88 11.91
CA ILE G 124 3.10 -22.43 13.25
C ILE G 124 3.42 -23.93 13.26
N ALA G 125 4.07 -24.40 14.33
CA ALA G 125 4.48 -25.79 14.42
C ALA G 125 4.30 -26.35 15.82
N LEU G 126 3.66 -27.52 15.90
CA LEU G 126 3.49 -28.21 17.17
C LEU G 126 4.81 -28.84 17.60
N ASN G 127 5.27 -28.49 18.79
CA ASN G 127 6.48 -29.09 19.33
C ASN G 127 6.28 -30.57 19.58
N GLU G 128 7.38 -31.32 19.67
CA GLU G 128 7.30 -32.77 19.79
C GLU G 128 6.87 -33.22 21.18
N ASP G 129 6.58 -32.26 22.05
CA ASP G 129 5.98 -32.56 23.35
C ASP G 129 4.47 -32.68 23.19
N LEU G 130 3.99 -32.31 22.01
CA LEU G 130 2.57 -32.43 21.64
C LEU G 130 1.68 -31.58 22.55
N LYS G 131 2.23 -30.51 23.11
CA LYS G 131 1.47 -29.66 24.02
C LYS G 131 1.64 -28.18 23.69
N THR G 132 2.77 -27.83 23.09
CA THR G 132 3.10 -26.44 22.85
C THR G 132 3.31 -26.13 21.38
N TRP G 133 3.54 -24.86 21.06
CA TRP G 133 3.72 -24.43 19.68
C TRP G 133 4.95 -23.55 19.50
N THR G 134 5.61 -23.70 18.36
CA THR G 134 6.65 -22.77 17.95
C THR G 134 6.12 -21.84 16.87
N ALA G 135 6.16 -20.54 17.13
CA ALA G 135 5.68 -19.55 16.18
C ALA G 135 6.85 -18.86 15.49
N ALA G 136 6.90 -18.97 14.17
CA ALA G 136 8.02 -18.45 13.40
C ALA G 136 8.07 -16.93 13.40
N ASP G 137 6.96 -16.29 13.02
CA ASP G 137 6.90 -14.83 12.95
C ASP G 137 5.72 -14.27 13.74
N PHE G 138 5.56 -12.95 13.69
CA PHE G 138 4.56 -12.25 14.49
C PHE G 138 3.13 -12.68 14.19
N ALA G 139 2.85 -12.99 12.93
CA ALA G 139 1.50 -13.35 12.52
C ALA G 139 1.13 -14.70 13.11
N ALA G 140 2.07 -15.65 13.06
CA ALA G 140 1.87 -16.96 13.66
C ALA G 140 1.71 -16.86 15.17
N GLN G 141 2.28 -15.81 15.76
CA GLN G 141 2.13 -15.56 17.19
C GLN G 141 0.68 -15.34 17.56
N ILE G 142 -0.04 -14.63 16.70
CA ILE G 142 -1.48 -14.44 16.88
C ILE G 142 -2.20 -15.79 16.83
N THR G 143 -1.87 -16.57 15.80
CA THR G 143 -2.48 -17.88 15.61
C THR G 143 -2.17 -18.82 16.78
N ARG G 144 -0.90 -18.85 17.18
CA ARG G 144 -0.48 -19.67 18.32
C ARG G 144 -1.33 -19.36 19.53
N ASN G 145 -1.41 -18.06 19.80
CA ASN G 145 -2.02 -17.54 21.00
C ASN G 145 -3.54 -17.72 20.97
N LYS G 146 -4.10 -17.77 19.77
CA LYS G 146 -5.52 -18.08 19.56
C LYS G 146 -5.79 -19.55 19.85
N TRP G 147 -4.79 -20.38 19.57
CA TRP G 147 -4.91 -21.83 19.74
C TRP G 147 -4.58 -22.30 21.15
N GLU G 148 -3.78 -21.52 21.87
CA GLU G 148 -3.45 -21.84 23.25
C GLU G 148 -4.69 -21.72 24.13
N ARG G 149 -5.39 -20.58 24.02
CA ARG G 149 -6.62 -20.38 24.79
C ARG G 149 -7.67 -21.45 24.52
N ALA G 150 -7.74 -21.90 23.28
CA ALA G 150 -8.76 -22.85 22.88
C ALA G 150 -8.35 -24.30 23.17
N ARG G 151 -7.18 -24.46 23.80
CA ARG G 151 -6.66 -25.79 24.16
C ARG G 151 -6.62 -26.71 22.95
N TYR G 152 -5.95 -26.27 21.89
CA TYR G 152 -5.99 -26.96 20.62
C TYR G 152 -4.96 -28.09 20.52
N ALA G 153 -3.86 -27.97 21.24
CA ALA G 153 -2.81 -28.98 21.22
C ALA G 153 -3.27 -30.28 21.88
N GLU G 154 -4.27 -30.18 22.75
CA GLU G 154 -4.83 -31.36 23.41
C GLU G 154 -5.55 -32.26 22.41
N ARG G 155 -6.35 -31.66 21.55
CA ARG G 155 -7.12 -32.40 20.56
C ARG G 155 -6.20 -33.01 19.51
N LEU G 156 -5.09 -32.33 19.26
CA LEU G 156 -4.10 -32.83 18.30
C LEU G 156 -3.28 -33.96 18.92
N ARG G 157 -2.99 -33.85 20.20
CA ARG G 157 -2.30 -34.92 20.91
C ARG G 157 -3.14 -36.18 20.92
N ALA G 158 -4.46 -36.00 21.02
CA ALA G 158 -5.39 -37.12 21.03
C ALA G 158 -5.37 -37.87 19.70
N TYR G 159 -5.31 -37.12 18.59
CA TYR G 159 -5.28 -37.73 17.27
C TYR G 159 -3.95 -38.42 16.99
N LEU G 160 -2.85 -37.71 17.21
CA LEU G 160 -1.53 -38.22 16.87
C LEU G 160 -1.15 -39.46 17.69
N GLU G 161 -1.57 -39.48 18.95
CA GLU G 161 -1.30 -40.62 19.82
C GLU G 161 -2.27 -41.76 19.57
N GLY G 162 -3.53 -41.42 19.33
CA GLY G 162 -4.57 -42.42 19.19
C GLY G 162 -4.90 -42.81 17.76
N THR G 163 -5.87 -42.10 17.19
CA THR G 163 -6.42 -42.43 15.87
C THR G 163 -5.37 -42.62 14.78
N CYS G 164 -4.36 -41.75 14.77
CA CYS G 164 -3.30 -41.80 13.76
C CYS G 164 -2.53 -43.11 13.82
N VAL G 165 -2.10 -43.49 15.01
CA VAL G 165 -1.33 -44.72 15.21
C VAL G 165 -2.13 -45.96 14.86
N GLU G 166 -3.39 -45.98 15.29
CA GLU G 166 -4.27 -47.13 15.06
C GLU G 166 -4.56 -47.35 13.58
N TRP G 167 -4.90 -46.28 12.87
CA TRP G 167 -5.22 -46.39 11.46
C TRP G 167 -3.99 -46.69 10.60
N LEU G 168 -2.81 -46.36 11.09
CA LEU G 168 -1.58 -46.69 10.40
C LEU G 168 -1.40 -48.22 10.37
N SER G 169 -1.58 -48.84 11.53
CA SER G 169 -1.46 -50.29 11.66
C SER G 169 -2.44 -50.99 10.72
N ARG G 170 -3.66 -50.46 10.64
CA ARG G 170 -4.68 -50.99 9.75
C ARG G 170 -4.24 -50.88 8.30
N TYR G 171 -3.64 -49.75 7.95
CA TYR G 171 -3.13 -49.53 6.60
C TYR G 171 -1.95 -50.45 6.32
N LEU G 172 -1.11 -50.63 7.33
CA LEU G 172 0.08 -51.48 7.21
C LEU G 172 -0.27 -52.93 6.90
N GLU G 173 -1.39 -53.40 7.45
CA GLU G 173 -1.78 -54.79 7.30
C GLU G 173 -2.48 -55.05 5.96
N LEU G 174 -3.23 -54.06 5.47
CA LEU G 174 -4.01 -54.23 4.25
C LEU G 174 -3.12 -54.48 3.03
N GLY G 175 -2.07 -53.69 2.89
CA GLY G 175 -1.15 -53.86 1.78
C GLY G 175 0.28 -54.06 2.26
N LYS G 176 0.47 -55.04 3.12
CA LYS G 176 1.78 -55.31 3.72
C LYS G 176 2.77 -55.86 2.69
N GLU G 177 2.24 -56.52 1.66
CA GLU G 177 3.10 -57.16 0.66
C GLU G 177 3.57 -56.14 -0.38
N THR G 178 2.96 -54.96 -0.36
CA THR G 178 3.37 -53.89 -1.26
C THR G 178 4.09 -52.80 -0.47
N LEU G 179 4.17 -52.98 0.85
CA LEU G 179 4.77 -51.99 1.74
C LEU G 179 6.03 -52.51 2.43
N LEU G 180 5.93 -53.66 3.08
CA LEU G 180 7.07 -54.25 3.78
C LEU G 180 8.00 -54.95 2.79
N ARG G 181 7.72 -54.74 1.51
CA ARG G 181 8.54 -55.20 0.41
C ARG G 181 9.96 -54.68 0.52
N SER G 182 10.92 -55.39 -0.10
CA SER G 182 12.30 -54.94 -0.14
C SER G 182 12.93 -55.28 -1.48
N ASP G 183 12.80 -54.38 -2.46
CA ASP G 183 13.32 -54.60 -3.80
C ASP G 183 14.75 -54.08 -3.94
N PRO G 184 15.69 -54.98 -4.29
CA PRO G 184 17.09 -54.61 -4.49
C PRO G 184 17.30 -53.88 -5.82
N PRO G 185 18.30 -52.99 -5.88
CA PRO G 185 18.60 -52.23 -7.10
C PRO G 185 19.34 -53.07 -8.13
N GLU G 186 19.08 -52.80 -9.40
CA GLU G 186 19.79 -53.46 -10.49
C GLU G 186 20.73 -52.47 -11.17
N ALA G 187 22.03 -52.65 -10.96
CA ALA G 187 23.02 -51.66 -11.37
C ALA G 187 23.82 -52.05 -12.60
N HIS G 188 24.12 -51.06 -13.43
CA HIS G 188 25.03 -51.23 -14.56
C HIS G 188 25.77 -49.93 -14.82
N VAL G 189 26.87 -50.01 -15.55
CA VAL G 189 27.68 -48.83 -15.84
C VAL G 189 27.78 -48.58 -17.34
N THR G 190 27.51 -47.35 -17.76
CA THR G 190 27.63 -46.97 -19.16
C THR G 190 28.81 -46.03 -19.36
N LEU G 191 29.27 -45.93 -20.60
CA LEU G 191 30.46 -45.15 -20.94
C LEU G 191 30.17 -44.09 -21.99
N HIS G 192 30.63 -42.87 -21.75
CA HIS G 192 30.38 -41.77 -22.69
C HIS G 192 31.61 -40.89 -22.86
N PRO G 193 32.00 -40.62 -24.11
CA PRO G 193 33.12 -39.73 -24.41
C PRO G 193 32.76 -38.26 -24.27
N ARG G 194 33.69 -37.47 -23.78
CA ARG G 194 33.50 -36.03 -23.68
C ARG G 194 34.25 -35.34 -24.81
N PRO G 195 33.90 -34.07 -25.10
CA PRO G 195 34.66 -33.34 -26.11
C PRO G 195 36.12 -33.11 -25.69
N GLU G 196 36.37 -33.11 -24.39
CA GLU G 196 37.71 -32.85 -23.86
C GLU G 196 38.67 -34.02 -24.02
N GLY G 197 38.21 -35.09 -24.67
CA GLY G 197 39.03 -36.26 -24.84
C GLY G 197 38.99 -37.15 -23.62
N ASP G 198 38.12 -36.80 -22.67
CA ASP G 198 37.89 -37.61 -21.49
C ASP G 198 36.83 -38.65 -21.76
N VAL G 199 36.40 -39.33 -20.71
CA VAL G 199 35.31 -40.30 -20.79
C VAL G 199 34.48 -40.23 -19.52
N THR G 200 33.16 -40.23 -19.67
CA THR G 200 32.27 -40.24 -18.51
C THR G 200 31.79 -41.64 -18.20
N LEU G 201 32.06 -42.10 -16.99
CA LEU G 201 31.50 -43.35 -16.49
C LEU G 201 30.25 -43.06 -15.67
N ARG G 202 29.12 -43.62 -16.09
CA ARG G 202 27.89 -43.41 -15.36
C ARG G 202 27.37 -44.74 -14.79
N CYS G 203 27.17 -44.76 -13.47
CA CYS G 203 26.66 -45.96 -12.80
C CYS G 203 25.17 -45.83 -12.48
N TRP G 204 24.36 -46.65 -13.13
CA TRP G 204 22.92 -46.63 -12.95
C TRP G 204 22.46 -47.54 -11.81
N ALA G 205 21.29 -47.23 -11.26
CA ALA G 205 20.65 -48.09 -10.27
C ALA G 205 19.15 -48.04 -10.50
N LEU G 206 18.58 -49.14 -11.00
CA LEU G 206 17.19 -49.15 -11.45
C LEU G 206 16.30 -50.13 -10.70
N GLY G 207 15.07 -49.71 -10.43
CA GLY G 207 14.04 -50.58 -9.90
C GLY G 207 14.20 -51.00 -8.45
N PHE G 208 14.51 -50.04 -7.58
CA PHE G 208 14.72 -50.35 -6.17
C PHE G 208 13.67 -49.70 -5.26
N TYR G 209 13.49 -50.27 -4.08
CA TYR G 209 12.56 -49.78 -3.07
C TYR G 209 12.93 -50.38 -1.72
N PRO G 210 12.92 -49.57 -0.65
CA PRO G 210 12.58 -48.14 -0.59
C PRO G 210 13.61 -47.22 -1.27
N ALA G 211 13.30 -45.92 -1.29
CA ALA G 211 14.07 -44.96 -2.07
C ALA G 211 15.49 -44.74 -1.55
N ASP G 212 15.70 -44.93 -0.26
CA ASP G 212 17.01 -44.71 0.34
C ASP G 212 18.08 -45.58 -0.32
N ILE G 213 19.17 -44.96 -0.72
CA ILE G 213 20.25 -45.63 -1.41
C ILE G 213 21.48 -44.72 -1.42
N THR G 214 22.65 -45.29 -1.69
CA THR G 214 23.87 -44.50 -1.79
C THR G 214 24.79 -45.05 -2.87
N LEU G 215 25.26 -44.17 -3.75
CA LEU G 215 26.20 -44.54 -4.79
C LEU G 215 27.53 -43.81 -4.57
N THR G 216 28.62 -44.58 -4.61
CA THR G 216 29.95 -44.00 -4.44
C THR G 216 30.94 -44.57 -5.44
N TRP G 217 31.52 -43.70 -6.26
CA TRP G 217 32.57 -44.10 -7.18
C TRP G 217 33.90 -44.21 -6.47
N GLN G 218 34.61 -45.30 -6.70
CA GLN G 218 35.88 -45.53 -6.03
C GLN G 218 36.95 -46.01 -7.01
N LEU G 219 38.15 -45.44 -6.86
CA LEU G 219 39.31 -45.97 -7.56
C LEU G 219 39.88 -47.10 -6.72
N ASN G 220 39.11 -48.19 -6.62
CA ASN G 220 39.47 -49.33 -5.78
C ASN G 220 39.74 -48.96 -4.33
N GLY G 221 38.68 -48.66 -3.58
CA GLY G 221 38.84 -48.28 -2.19
C GLY G 221 39.04 -46.79 -2.05
N GLU G 222 39.73 -46.20 -3.00
CA GLU G 222 40.00 -44.76 -2.98
C GLU G 222 38.75 -43.97 -3.33
N ASP G 223 38.22 -43.24 -2.36
CA ASP G 223 36.98 -42.48 -2.53
C ASP G 223 37.14 -41.34 -3.53
N LEU G 224 36.07 -41.03 -4.26
CA LEU G 224 36.11 -40.01 -5.30
C LEU G 224 34.79 -39.23 -5.40
N THR G 225 34.15 -38.95 -4.27
CA THR G 225 32.83 -38.33 -4.30
C THR G 225 32.79 -36.85 -4.68
N GLN G 226 33.95 -36.22 -4.81
CA GLN G 226 33.96 -34.78 -5.07
C GLN G 226 34.44 -34.40 -6.48
N ASP G 227 34.74 -35.42 -7.29
CA ASP G 227 34.77 -35.23 -8.73
C ASP G 227 33.63 -36.08 -9.28
N MET G 228 32.62 -36.26 -8.43
CA MET G 228 31.44 -37.06 -8.75
C MET G 228 30.20 -36.19 -8.83
N GLU G 229 29.35 -36.45 -9.84
CA GLU G 229 28.10 -35.72 -9.99
C GLU G 229 26.91 -36.63 -9.68
N LEU G 230 26.08 -36.21 -8.72
CA LEU G 230 24.93 -37.00 -8.33
C LEU G 230 23.63 -36.48 -8.90
N VAL G 231 22.58 -37.27 -8.75
CA VAL G 231 21.25 -36.91 -9.23
C VAL G 231 20.20 -37.34 -8.20
N GLU G 232 19.29 -36.42 -7.86
CA GLU G 232 18.26 -36.70 -6.87
C GLU G 232 17.41 -37.90 -7.29
N THR G 233 17.24 -38.84 -6.38
CA THR G 233 16.50 -40.07 -6.64
C THR G 233 15.12 -39.78 -7.23
N ARG G 234 14.81 -40.45 -8.33
CA ARG G 234 13.60 -40.15 -9.10
C ARG G 234 12.69 -41.38 -9.22
N PRO G 235 11.37 -41.15 -9.16
CA PRO G 235 10.37 -42.22 -9.35
C PRO G 235 10.38 -42.75 -10.78
N ALA G 236 10.21 -44.06 -10.92
CA ALA G 236 10.22 -44.69 -12.25
C ALA G 236 8.85 -44.61 -12.90
N GLY G 237 7.82 -44.36 -12.11
CA GLY G 237 6.45 -44.35 -12.62
C GLY G 237 5.64 -45.44 -11.98
N ASP G 238 6.28 -46.58 -11.75
CA ASP G 238 5.70 -47.63 -10.93
C ASP G 238 6.09 -47.38 -9.49
N GLY G 239 6.16 -48.44 -8.69
CA GLY G 239 6.50 -48.28 -7.28
C GLY G 239 7.99 -48.23 -7.01
N THR G 240 8.78 -48.20 -8.07
CA THR G 240 10.24 -48.25 -7.95
C THR G 240 10.91 -46.92 -8.26
N PHE G 241 12.20 -46.82 -7.94
CA PHE G 241 12.94 -45.57 -8.09
C PHE G 241 14.21 -45.70 -8.94
N GLN G 242 14.84 -44.58 -9.23
CA GLN G 242 16.06 -44.54 -10.04
C GLN G 242 17.08 -43.56 -9.47
N LYS G 243 18.35 -43.81 -9.74
CA LYS G 243 19.43 -42.89 -9.36
C LYS G 243 20.73 -43.27 -10.06
N TRP G 244 21.51 -42.28 -10.48
CA TRP G 244 22.83 -42.57 -11.02
C TRP G 244 23.90 -41.58 -10.53
N ALA G 245 25.15 -41.99 -10.72
CA ALA G 245 26.31 -41.17 -10.36
C ALA G 245 27.36 -41.27 -11.46
N SER G 246 28.06 -40.16 -11.73
CA SER G 246 29.04 -40.16 -12.80
C SER G 246 30.36 -39.49 -12.41
N VAL G 247 31.45 -40.11 -12.84
CA VAL G 247 32.78 -39.51 -12.71
C VAL G 247 33.41 -39.35 -14.08
N VAL G 248 34.29 -38.36 -14.21
CA VAL G 248 35.01 -38.14 -15.46
C VAL G 248 36.34 -38.88 -15.41
N VAL G 249 36.63 -39.66 -16.44
CA VAL G 249 37.76 -40.58 -16.41
C VAL G 249 38.66 -40.47 -17.64
N PRO G 250 39.99 -40.45 -17.42
CA PRO G 250 40.98 -40.43 -18.50
C PRO G 250 40.82 -41.62 -19.45
N LEU G 251 41.03 -41.38 -20.75
CA LEU G 251 40.83 -42.40 -21.77
C LEU G 251 41.58 -43.71 -21.47
N GLY G 252 40.89 -44.83 -21.69
CA GLY G 252 41.50 -46.14 -21.53
C GLY G 252 41.72 -46.58 -20.09
N LYS G 253 41.05 -45.91 -19.15
CA LYS G 253 41.22 -46.23 -17.74
C LYS G 253 39.90 -46.58 -17.07
N GLU G 254 38.96 -47.09 -17.86
CA GLU G 254 37.61 -47.40 -17.37
C GLU G 254 37.63 -48.48 -16.30
N GLN G 255 38.22 -49.63 -16.64
CA GLN G 255 38.18 -50.81 -15.77
C GLN G 255 38.93 -50.62 -14.44
N ASN G 256 39.55 -49.45 -14.26
CA ASN G 256 40.19 -49.12 -13.00
C ASN G 256 39.21 -48.50 -12.00
N TYR G 257 37.95 -48.39 -12.40
CA TYR G 257 36.95 -47.72 -11.57
C TYR G 257 35.75 -48.61 -11.29
N THR G 258 35.33 -48.63 -10.03
CA THR G 258 34.17 -49.40 -9.60
C THR G 258 33.21 -48.52 -8.82
N CYS G 259 31.92 -48.77 -8.95
CA CYS G 259 30.94 -48.04 -8.17
C CYS G 259 30.25 -48.96 -7.18
N ARG G 260 30.02 -48.44 -5.97
CA ARG G 260 29.45 -49.24 -4.90
C ARG G 260 28.01 -48.84 -4.62
N VAL G 261 27.09 -49.78 -4.81
CA VAL G 261 25.68 -49.55 -4.55
C VAL G 261 25.27 -50.08 -3.19
N GLU G 262 24.93 -49.17 -2.28
CA GLU G 262 24.48 -49.55 -0.94
C GLU G 262 22.96 -49.47 -0.82
N HIS G 263 22.31 -50.63 -0.66
CA HIS G 263 20.86 -50.64 -0.49
C HIS G 263 20.41 -51.73 0.47
N GLU G 264 19.25 -51.50 1.09
CA GLU G 264 18.65 -52.41 2.06
C GLU G 264 18.37 -53.80 1.48
N GLY G 265 17.92 -53.84 0.22
CA GLY G 265 17.46 -55.07 -0.38
C GLY G 265 18.53 -56.02 -0.89
N LEU G 266 19.79 -55.63 -0.74
CA LEU G 266 20.91 -56.46 -1.20
C LEU G 266 21.57 -57.20 -0.03
N PRO G 267 22.16 -58.37 -0.31
CA PRO G 267 22.97 -59.07 0.71
C PRO G 267 24.09 -58.18 1.22
N LYS G 268 24.90 -57.66 0.29
CA LYS G 268 25.98 -56.73 0.60
C LYS G 268 26.22 -55.86 -0.63
N PRO G 269 26.66 -54.60 -0.42
CA PRO G 269 26.87 -53.62 -1.49
C PRO G 269 27.42 -54.18 -2.81
N LEU G 270 26.76 -53.82 -3.90
CA LEU G 270 27.22 -54.23 -5.23
C LEU G 270 28.52 -53.51 -5.60
N SER G 271 29.17 -54.00 -6.65
CA SER G 271 30.36 -53.35 -7.17
C SER G 271 30.44 -53.57 -8.67
N GLN G 272 30.02 -52.55 -9.43
CA GLN G 272 29.94 -52.66 -10.88
C GLN G 272 31.10 -51.96 -11.57
N ARG G 273 31.33 -52.35 -12.82
CA ARG G 273 32.47 -51.86 -13.59
C ARG G 273 32.16 -51.98 -15.08
N TRP G 274 32.56 -50.98 -15.86
CA TRP G 274 32.35 -51.00 -17.31
C TRP G 274 32.98 -52.22 -17.94
N GLU G 275 32.16 -53.05 -18.59
CA GLU G 275 32.62 -54.29 -19.18
C GLU G 275 33.00 -54.10 -20.65
N MET H 1 5.98 -15.29 -2.20
CA MET H 1 7.09 -14.83 -1.38
C MET H 1 8.38 -15.58 -1.73
N ILE H 2 8.48 -16.84 -1.31
CA ILE H 2 9.64 -17.65 -1.66
C ILE H 2 9.58 -17.99 -3.15
N GLN H 3 10.75 -18.09 -3.79
CA GLN H 3 10.81 -18.38 -5.21
C GLN H 3 11.95 -19.34 -5.51
N LYS H 4 11.61 -20.60 -5.75
CA LYS H 4 12.61 -21.62 -6.00
C LYS H 4 12.46 -22.18 -7.41
N THR H 5 13.58 -22.35 -8.10
CA THR H 5 13.59 -22.80 -9.49
C THR H 5 13.34 -24.30 -9.59
N PRO H 6 12.48 -24.70 -10.55
CA PRO H 6 12.24 -26.12 -10.81
C PRO H 6 13.49 -26.86 -11.26
N GLN H 7 13.69 -28.06 -10.75
CA GLN H 7 14.72 -28.96 -11.26
C GLN H 7 14.04 -29.98 -12.16
N ILE H 8 14.58 -30.19 -13.36
CA ILE H 8 13.91 -31.02 -14.35
C ILE H 8 14.75 -32.22 -14.79
N GLN H 9 14.12 -33.38 -14.79
CA GLN H 9 14.76 -34.61 -15.28
C GLN H 9 13.85 -35.34 -16.26
N VAL H 10 14.40 -35.65 -17.43
CA VAL H 10 13.65 -36.39 -18.45
C VAL H 10 14.24 -37.78 -18.64
N TYR H 11 13.40 -38.80 -18.52
CA TYR H 11 13.89 -40.18 -18.53
C TYR H 11 12.77 -41.19 -18.77
N SER H 12 13.15 -42.39 -19.19
CA SER H 12 12.20 -43.46 -19.45
C SER H 12 12.08 -44.40 -18.24
N ARG H 13 10.90 -44.98 -18.06
CA ARG H 13 10.63 -45.86 -16.93
C ARG H 13 11.54 -47.07 -16.93
N HIS H 14 11.67 -47.71 -18.09
CA HIS H 14 12.55 -48.86 -18.26
C HIS H 14 13.76 -48.46 -19.09
N PRO H 15 14.81 -49.31 -19.10
CA PRO H 15 15.91 -49.07 -20.04
C PRO H 15 15.41 -49.04 -21.49
N PRO H 16 15.89 -48.07 -22.28
CA PRO H 16 15.37 -47.85 -23.63
C PRO H 16 15.84 -48.86 -24.67
N GLU H 17 14.94 -49.24 -25.56
CA GLU H 17 15.28 -50.07 -26.71
C GLU H 17 14.33 -49.73 -27.86
N ASN H 18 14.90 -49.26 -28.97
CA ASN H 18 14.13 -48.72 -30.08
C ASN H 18 13.14 -49.71 -30.70
N GLY H 19 11.86 -49.39 -30.59
CA GLY H 19 10.81 -50.23 -31.12
C GLY H 19 9.88 -50.72 -30.03
N LYS H 20 10.42 -50.87 -28.83
CA LYS H 20 9.66 -51.36 -27.68
C LYS H 20 8.89 -50.21 -27.02
N PRO H 21 7.74 -50.53 -26.38
CA PRO H 21 6.93 -49.52 -25.73
C PRO H 21 7.40 -49.21 -24.31
N ASN H 22 7.55 -47.92 -24.00
CA ASN H 22 8.04 -47.50 -22.69
C ASN H 22 7.19 -46.37 -22.13
N PHE H 23 7.65 -45.78 -21.02
CA PHE H 23 6.93 -44.68 -20.39
C PHE H 23 7.85 -43.47 -20.26
N LEU H 24 7.37 -42.31 -20.70
CA LEU H 24 8.17 -41.09 -20.68
C LEU H 24 7.88 -40.26 -19.44
N ASN H 25 8.86 -40.18 -18.53
CA ASN H 25 8.71 -39.42 -17.31
C ASN H 25 9.36 -38.04 -17.38
N CYS H 26 8.75 -37.07 -16.71
CA CYS H 26 9.35 -35.75 -16.57
C CYS H 26 9.22 -35.28 -15.12
N TYR H 27 10.25 -35.55 -14.32
CA TYR H 27 10.20 -35.25 -12.90
C TYR H 27 10.64 -33.82 -12.60
N VAL H 28 9.68 -32.98 -12.24
CA VAL H 28 9.94 -31.58 -11.91
C VAL H 28 9.78 -31.38 -10.41
N SER H 29 10.85 -30.96 -9.73
CA SER H 29 10.84 -30.85 -8.28
C SER H 29 11.48 -29.56 -7.78
N GLN H 30 11.43 -29.38 -6.45
CA GLN H 30 12.11 -28.29 -5.77
C GLN H 30 11.67 -26.89 -6.20
N PHE H 31 10.43 -26.74 -6.64
CA PHE H 31 9.97 -25.42 -7.08
C PHE H 31 8.92 -24.80 -6.16
N HIS H 32 8.75 -23.49 -6.30
CA HIS H 32 7.88 -22.69 -5.45
C HIS H 32 7.85 -21.27 -6.02
N PRO H 33 6.67 -20.66 -6.19
CA PRO H 33 5.28 -21.09 -5.95
C PRO H 33 4.87 -22.30 -6.78
N PRO H 34 3.79 -23.00 -6.39
CA PRO H 34 3.39 -24.24 -7.04
C PRO H 34 2.84 -24.06 -8.46
N GLN H 35 2.52 -22.82 -8.83
CA GLN H 35 2.05 -22.53 -10.19
C GLN H 35 3.10 -22.95 -11.22
N ILE H 36 2.73 -23.86 -12.10
CA ILE H 36 3.67 -24.38 -13.08
C ILE H 36 2.97 -24.99 -14.30
N GLU H 37 3.64 -24.95 -15.45
CA GLU H 37 3.12 -25.53 -16.68
C GLU H 37 4.07 -26.59 -17.24
N ILE H 38 3.58 -27.82 -17.35
CA ILE H 38 4.42 -28.92 -17.83
C ILE H 38 3.87 -29.52 -19.12
N GLU H 39 4.72 -29.60 -20.15
CA GLU H 39 4.36 -30.21 -21.41
C GLU H 39 5.39 -31.26 -21.83
N LEU H 40 4.92 -32.38 -22.36
CA LEU H 40 5.82 -33.37 -22.94
C LEU H 40 5.73 -33.33 -24.45
N LEU H 41 6.87 -33.13 -25.10
CA LEU H 41 6.90 -32.97 -26.55
C LEU H 41 7.66 -34.10 -27.23
N LYS H 42 7.33 -34.34 -28.50
CA LYS H 42 8.00 -35.33 -29.32
C LYS H 42 8.25 -34.75 -30.70
N ASN H 43 9.48 -34.31 -30.95
CA ASN H 43 9.83 -33.56 -32.16
C ASN H 43 9.03 -32.26 -32.28
N GLY H 44 8.80 -31.58 -31.17
CA GLY H 44 8.13 -30.29 -31.21
C GLY H 44 6.63 -30.35 -31.13
N LYS H 45 6.05 -31.47 -31.56
CA LYS H 45 4.61 -31.70 -31.40
C LYS H 45 4.32 -31.76 -29.91
N LYS H 46 3.12 -31.36 -29.50
CA LYS H 46 2.74 -31.54 -28.11
C LYS H 46 1.91 -32.81 -27.98
N ILE H 47 2.38 -33.73 -27.17
CA ILE H 47 1.67 -34.97 -26.90
C ILE H 47 0.38 -34.68 -26.15
N PRO H 48 -0.75 -35.21 -26.66
CA PRO H 48 -2.04 -35.00 -26.02
C PRO H 48 -2.30 -36.01 -24.89
N ASN H 49 -3.21 -35.66 -23.99
CA ASN H 49 -3.59 -36.50 -22.86
C ASN H 49 -2.41 -36.82 -21.94
N ILE H 50 -1.52 -35.85 -21.78
CA ILE H 50 -0.42 -35.96 -20.84
C ILE H 50 -0.97 -36.12 -19.43
N GLU H 51 -0.40 -37.07 -18.68
CA GLU H 51 -0.82 -37.26 -17.30
C GLU H 51 0.14 -36.57 -16.34
N MET H 52 -0.18 -35.32 -16.01
CA MET H 52 0.43 -34.69 -14.85
C MET H 52 -0.08 -35.47 -13.65
N SER H 53 0.80 -36.15 -12.92
CA SER H 53 0.37 -36.92 -11.75
C SER H 53 -0.06 -35.97 -10.64
N ASP H 54 0.27 -34.71 -10.84
CA ASP H 54 -0.24 -33.57 -10.07
C ASP H 54 0.34 -33.41 -8.67
N LEU H 55 0.18 -32.20 -8.16
CA LEU H 55 0.99 -31.61 -7.11
C LEU H 55 1.24 -32.43 -5.84
N SER H 56 2.46 -32.33 -5.35
CA SER H 56 2.88 -32.86 -4.06
C SER H 56 3.95 -31.94 -3.51
N PHE H 57 4.32 -32.09 -2.24
CA PHE H 57 5.45 -31.33 -1.72
C PHE H 57 6.20 -32.08 -0.63
N SER H 58 7.45 -31.70 -0.42
CA SER H 58 8.33 -32.39 0.52
C SER H 58 8.31 -31.72 1.89
N LYS H 59 9.11 -32.28 2.80
CA LYS H 59 9.23 -31.75 4.16
C LYS H 59 9.74 -30.31 4.16
N ASP H 60 10.47 -29.95 3.11
CA ASP H 60 11.01 -28.60 2.98
C ASP H 60 10.06 -27.70 2.16
N TRP H 61 8.79 -28.10 2.12
CA TRP H 61 7.71 -27.32 1.50
C TRP H 61 7.79 -27.19 -0.02
N SER H 62 8.96 -27.45 -0.62
CA SER H 62 9.13 -27.31 -2.06
C SER H 62 8.28 -28.35 -2.79
N PHE H 63 7.63 -27.91 -3.86
CA PHE H 63 6.70 -28.76 -4.60
C PHE H 63 7.40 -29.66 -5.61
N TYR H 64 6.73 -30.74 -6.00
CA TYR H 64 7.21 -31.59 -7.08
C TYR H 64 6.04 -32.28 -7.77
N ILE H 65 6.27 -32.77 -8.98
CA ILE H 65 5.21 -33.39 -9.78
C ILE H 65 5.80 -34.25 -10.90
N LEU H 66 5.25 -35.44 -11.07
CA LEU H 66 5.72 -36.36 -12.09
C LEU H 66 4.77 -36.41 -13.29
N ALA H 67 5.27 -36.02 -14.45
CA ALA H 67 4.49 -36.08 -15.68
C ALA H 67 4.91 -37.29 -16.50
N HIS H 68 3.97 -38.19 -16.78
CA HIS H 68 4.31 -39.42 -17.48
C HIS H 68 3.36 -39.71 -18.64
N THR H 69 3.84 -40.49 -19.60
CA THR H 69 3.07 -40.88 -20.77
C THR H 69 3.74 -42.05 -21.49
N GLU H 70 2.94 -42.95 -22.04
CA GLU H 70 3.46 -44.02 -22.88
C GLU H 70 4.16 -43.41 -24.10
N PHE H 71 5.28 -44.00 -24.49
CA PHE H 71 5.96 -43.58 -25.70
C PHE H 71 6.79 -44.71 -26.29
N THR H 72 6.81 -44.81 -27.61
CA THR H 72 7.62 -45.82 -28.30
C THR H 72 8.83 -45.15 -28.93
N PRO H 73 9.97 -45.19 -28.24
CA PRO H 73 11.20 -44.51 -28.65
C PRO H 73 11.76 -45.00 -29.99
N THR H 74 12.47 -44.11 -30.68
CA THR H 74 13.05 -44.44 -31.97
C THR H 74 14.37 -43.66 -32.13
N GLU H 75 15.11 -43.94 -33.19
CA GLU H 75 16.40 -43.30 -33.42
C GLU H 75 16.27 -41.88 -33.98
N THR H 76 15.14 -41.61 -34.62
CA THR H 76 14.94 -40.31 -35.26
C THR H 76 13.99 -39.41 -34.49
N ASP H 77 13.12 -40.01 -33.68
CA ASP H 77 12.14 -39.25 -32.91
C ASP H 77 12.76 -38.61 -31.66
N VAL H 78 12.66 -37.29 -31.57
CA VAL H 78 13.20 -36.54 -30.45
C VAL H 78 12.12 -36.24 -29.42
N TYR H 79 12.35 -36.65 -28.18
CA TYR H 79 11.39 -36.39 -27.10
C TYR H 79 11.95 -35.38 -26.11
N ALA H 80 11.10 -34.51 -25.59
CA ALA H 80 11.54 -33.48 -24.66
C ALA H 80 10.45 -33.09 -23.67
N CYS H 81 10.80 -32.17 -22.78
CA CYS H 81 9.89 -31.68 -21.76
C CYS H 81 10.06 -30.18 -21.57
N ARG H 82 8.98 -29.42 -21.75
CA ARG H 82 9.03 -27.96 -21.59
C ARG H 82 8.30 -27.52 -20.33
N VAL H 83 8.92 -26.63 -19.57
CA VAL H 83 8.36 -26.17 -18.30
C VAL H 83 8.32 -24.64 -18.20
N LYS H 84 7.16 -24.10 -17.84
CA LYS H 84 7.04 -22.66 -17.60
C LYS H 84 6.80 -22.36 -16.13
N HIS H 85 7.63 -21.51 -15.56
CA HIS H 85 7.54 -21.14 -14.15
C HIS H 85 8.04 -19.71 -13.96
N VAL H 86 7.56 -19.05 -12.91
CA VAL H 86 7.86 -17.65 -12.68
C VAL H 86 9.37 -17.38 -12.48
N THR H 87 10.09 -18.38 -11.97
CA THR H 87 11.52 -18.23 -11.74
C THR H 87 12.31 -18.38 -13.04
N LEU H 88 11.64 -18.84 -14.09
CA LEU H 88 12.25 -18.96 -15.40
C LEU H 88 11.95 -17.72 -16.24
N LYS H 89 12.81 -17.42 -17.20
CA LYS H 89 12.58 -16.29 -18.08
C LYS H 89 11.92 -16.79 -19.35
N GLU H 90 12.61 -17.68 -20.06
CA GLU H 90 12.00 -18.42 -21.15
C GLU H 90 11.64 -19.81 -20.64
N PRO H 91 10.66 -20.46 -21.27
CA PRO H 91 10.37 -21.86 -20.96
C PRO H 91 11.62 -22.73 -21.11
N LYS H 92 11.94 -23.50 -20.06
CA LYS H 92 13.08 -24.41 -20.13
C LYS H 92 12.66 -25.72 -20.76
N THR H 93 13.38 -26.13 -21.81
CA THR H 93 13.07 -27.37 -22.50
C THR H 93 14.21 -28.37 -22.35
N VAL H 94 13.91 -29.51 -21.75
CA VAL H 94 14.91 -30.56 -21.55
C VAL H 94 14.64 -31.75 -22.47
N THR H 95 15.61 -32.06 -23.32
CA THR H 95 15.47 -33.13 -24.29
C THR H 95 15.83 -34.49 -23.70
N TRP H 96 15.08 -35.53 -24.08
CA TRP H 96 15.41 -36.87 -23.65
C TRP H 96 16.75 -37.31 -24.21
N ASP H 97 17.49 -38.06 -23.40
CA ASP H 97 18.83 -38.50 -23.74
C ASP H 97 19.05 -39.84 -23.07
N ARG H 98 18.98 -40.93 -23.84
CA ARG H 98 19.04 -42.28 -23.30
C ARG H 98 20.26 -42.54 -22.41
N ASP H 99 21.25 -41.66 -22.50
CA ASP H 99 22.41 -41.71 -21.62
C ASP H 99 22.07 -41.12 -20.25
N MET H 100 20.84 -40.66 -20.09
CA MET H 100 20.39 -40.04 -18.84
C MET H 100 18.92 -40.32 -18.54
N TYR I 1 -6.19 -41.96 8.27
CA TYR I 1 -7.46 -41.30 8.59
C TYR I 1 -7.25 -39.81 8.85
N LEU I 2 -7.88 -38.98 8.02
CA LEU I 2 -7.77 -37.53 8.17
C LEU I 2 -8.29 -37.07 9.53
N ARG I 3 -7.53 -36.19 10.17
CA ARG I 3 -7.93 -35.65 11.47
C ARG I 3 -9.17 -34.77 11.36
N TYR I 4 -10.21 -35.15 12.09
CA TYR I 4 -11.45 -34.40 12.12
C TYR I 4 -11.88 -34.15 13.57
N ASP I 5 -12.69 -33.12 13.77
CA ASP I 5 -13.37 -32.91 15.04
C ASP I 5 -14.59 -32.01 14.88
N VAL I 8 -16.10 -26.87 16.30
CA VAL I 8 -15.08 -26.45 17.24
C VAL I 8 -14.19 -25.39 16.55
N GLY I 9 -14.39 -25.24 15.24
CA GLY I 9 -13.82 -24.12 14.50
C GLY I 9 -12.51 -24.39 13.81
N GLU I 10 -11.44 -24.44 14.61
CA GLU I 10 -10.10 -24.80 14.12
C GLU I 10 -9.55 -23.81 13.09
N TYR I 11 -9.60 -22.52 13.41
CA TYR I 11 -9.11 -21.48 12.50
C TYR I 11 -7.76 -20.92 12.92
N ARG I 12 -7.05 -20.34 11.95
CA ARG I 12 -5.79 -19.65 12.23
C ARG I 12 -6.05 -18.19 12.53
N GLY J 1 -8.77 52.25 -17.07
CA GLY J 1 -9.47 51.48 -18.08
C GLY J 1 -8.54 50.66 -18.95
N SER J 2 -8.48 49.36 -18.70
CA SER J 2 -7.62 48.47 -19.46
C SER J 2 -8.42 47.62 -20.44
N HIS J 3 -7.77 47.21 -21.52
CA HIS J 3 -8.41 46.37 -22.53
C HIS J 3 -7.58 45.10 -22.74
N SER J 4 -8.10 44.17 -23.54
CA SER J 4 -7.41 42.89 -23.75
C SER J 4 -7.70 42.26 -25.10
N LEU J 5 -6.78 41.40 -25.55
CA LEU J 5 -6.95 40.62 -26.76
C LEU J 5 -6.73 39.15 -26.41
N ARG J 6 -7.79 38.35 -26.52
CA ARG J 6 -7.74 36.97 -26.04
C ARG J 6 -8.11 35.99 -27.15
N TYR J 7 -7.36 34.88 -27.24
CA TYR J 7 -7.68 33.82 -28.18
C TYR J 7 -7.95 32.51 -27.45
N PHE J 8 -8.98 31.79 -27.87
CA PHE J 8 -9.34 30.51 -27.26
C PHE J 8 -9.27 29.39 -28.29
N TYR J 9 -8.44 28.38 -28.03
CA TYR J 9 -8.37 27.20 -28.90
C TYR J 9 -9.04 26.00 -28.26
N THR J 10 -9.84 25.28 -29.05
CA THR J 10 -10.38 23.98 -28.61
C THR J 10 -10.24 22.93 -29.71
N ALA J 11 -9.80 21.74 -29.32
CA ALA J 11 -9.75 20.61 -30.24
C ALA J 11 -10.40 19.39 -29.61
N VAL J 12 -11.27 18.72 -30.37
CA VAL J 12 -11.95 17.54 -29.88
C VAL J 12 -11.76 16.34 -30.81
N SER J 13 -11.23 15.25 -30.26
CA SER J 13 -10.97 14.05 -31.03
C SER J 13 -12.27 13.30 -31.32
N ARG J 14 -12.37 12.75 -32.52
CA ARG J 14 -13.53 11.95 -32.90
C ARG J 14 -13.08 10.60 -33.46
N PRO J 15 -12.73 9.66 -32.58
CA PRO J 15 -12.29 8.31 -32.98
C PRO J 15 -13.27 7.68 -33.95
N GLY J 16 -14.47 7.39 -33.47
CA GLY J 16 -15.56 7.05 -34.36
C GLY J 16 -16.06 8.35 -34.97
N LEU J 17 -16.11 8.37 -36.30
CA LEU J 17 -16.59 9.51 -37.10
C LEU J 17 -15.57 10.65 -37.27
N GLY J 18 -14.49 10.38 -38.01
CA GLY J 18 -13.68 11.44 -38.60
C GLY J 18 -12.47 12.00 -37.89
N GLU J 19 -12.10 13.21 -38.29
CA GLU J 19 -10.91 13.90 -37.81
C GLU J 19 -11.27 14.87 -36.68
N PRO J 20 -10.28 15.30 -35.88
CA PRO J 20 -10.56 16.24 -34.79
C PRO J 20 -11.14 17.56 -35.25
N ARG J 21 -12.10 18.09 -34.50
CA ARG J 21 -12.66 19.41 -34.79
C ARG J 21 -11.85 20.48 -34.09
N PHE J 22 -11.44 21.50 -34.84
CA PHE J 22 -10.61 22.57 -34.30
C PHE J 22 -11.32 23.92 -34.39
N ILE J 23 -11.51 24.55 -33.24
CA ILE J 23 -12.15 25.86 -33.20
C ILE J 23 -11.21 26.90 -32.59
N ALA J 24 -11.12 28.05 -33.25
CA ALA J 24 -10.32 29.17 -32.75
C ALA J 24 -11.16 30.42 -32.67
N VAL J 25 -11.29 30.99 -31.48
CA VAL J 25 -12.09 32.19 -31.29
C VAL J 25 -11.24 33.31 -30.70
N GLY J 26 -11.64 34.56 -30.98
CA GLY J 26 -10.87 35.71 -30.56
C GLY J 26 -11.73 36.81 -29.95
N TYR J 27 -11.25 37.40 -28.86
CA TYR J 27 -12.01 38.43 -28.15
C TYR J 27 -11.22 39.70 -27.91
N VAL J 28 -11.87 40.84 -28.15
CA VAL J 28 -11.39 42.12 -27.66
C VAL J 28 -12.33 42.56 -26.55
N ASP J 29 -11.82 42.64 -25.33
CA ASP J 29 -12.65 42.87 -24.15
C ASP J 29 -13.73 41.79 -24.05
N ASP J 30 -14.96 42.22 -23.79
CA ASP J 30 -16.09 41.30 -23.78
C ASP J 30 -16.78 41.27 -25.14
N THR J 31 -15.98 41.19 -26.20
CA THR J 31 -16.53 41.20 -27.55
C THR J 31 -15.81 40.22 -28.48
N GLU J 32 -16.56 39.27 -29.00
CA GLU J 32 -16.05 38.29 -29.96
C GLU J 32 -15.95 38.92 -31.35
N PHE J 33 -14.74 38.98 -31.90
CA PHE J 33 -14.53 39.69 -33.16
C PHE J 33 -14.06 38.79 -34.31
N VAL J 34 -13.64 37.57 -34.01
CA VAL J 34 -13.17 36.68 -35.06
C VAL J 34 -13.23 35.20 -34.63
N ARG J 35 -13.64 34.34 -35.55
CA ARG J 35 -13.76 32.90 -35.27
C ARG J 35 -13.36 32.02 -36.45
N PHE J 36 -12.95 30.79 -36.16
CA PHE J 36 -12.56 29.82 -37.19
C PHE J 36 -13.03 28.42 -36.79
N ASP J 37 -13.85 27.81 -37.64
CA ASP J 37 -14.40 26.48 -37.34
C ASP J 37 -13.95 25.44 -38.36
N SER J 38 -13.26 24.42 -37.88
CA SER J 38 -12.74 23.36 -38.74
C SER J 38 -13.85 22.58 -39.45
N ASP J 39 -14.90 22.26 -38.71
CA ASP J 39 -15.99 21.46 -39.28
C ASP J 39 -17.09 22.33 -39.90
N ALA J 40 -16.69 23.49 -40.39
CA ALA J 40 -17.56 24.28 -41.26
C ALA J 40 -17.47 23.71 -42.66
N GLU J 41 -18.11 24.36 -43.63
CA GLU J 41 -18.04 23.90 -45.01
C GLU J 41 -16.86 24.54 -45.74
N ASN J 42 -16.51 25.75 -45.30
CA ASN J 42 -15.37 26.47 -45.86
C ASN J 42 -14.42 26.94 -44.76
N PRO J 43 -13.63 26.01 -44.19
CA PRO J 43 -12.73 26.29 -43.07
C PRO J 43 -11.80 27.48 -43.32
N ARG J 44 -12.27 28.67 -43.03
CA ARG J 44 -11.46 29.87 -43.08
C ARG J 44 -11.98 30.87 -42.05
N MET J 45 -11.10 31.73 -41.54
CA MET J 45 -11.46 32.62 -40.45
C MET J 45 -12.37 33.76 -40.92
N GLU J 46 -13.57 33.80 -40.38
CA GLU J 46 -14.56 34.82 -40.72
C GLU J 46 -14.59 35.95 -39.70
N PRO J 47 -15.10 37.13 -40.08
CA PRO J 47 -15.33 38.21 -39.12
C PRO J 47 -16.54 37.96 -38.24
N ARG J 48 -16.42 38.29 -36.96
CA ARG J 48 -17.52 38.11 -36.01
C ARG J 48 -18.03 39.44 -35.47
N ALA J 49 -17.54 40.52 -36.07
CA ALA J 49 -18.02 41.87 -35.76
C ALA J 49 -18.07 42.67 -37.05
N ARG J 50 -18.78 43.80 -37.03
CA ARG J 50 -18.97 44.58 -38.24
C ARG J 50 -17.94 45.70 -38.39
N TRP J 51 -17.03 45.81 -37.43
CA TRP J 51 -15.89 46.70 -37.56
C TRP J 51 -14.67 45.89 -38.01
N MET J 52 -14.95 44.78 -38.69
CA MET J 52 -13.90 43.90 -39.21
C MET J 52 -14.19 43.49 -40.65
N GLU J 53 -15.41 43.79 -41.11
CA GLU J 53 -15.90 43.28 -42.40
C GLU J 53 -15.28 43.95 -43.62
N ARG J 54 -14.59 45.07 -43.42
CA ARG J 54 -13.89 45.73 -44.52
C ARG J 54 -12.39 45.71 -44.29
N GLU J 55 -11.89 44.59 -43.77
CA GLU J 55 -10.47 44.43 -43.49
C GLU J 55 -9.69 44.04 -44.74
N GLY J 56 -10.37 43.36 -45.66
CA GLY J 56 -9.73 42.95 -46.90
C GLY J 56 -9.17 41.54 -46.85
N PRO J 57 -8.93 40.94 -48.02
CA PRO J 57 -8.53 39.53 -48.16
C PRO J 57 -7.15 39.20 -47.58
N GLU J 58 -6.17 40.07 -47.78
CA GLU J 58 -4.79 39.76 -47.39
C GLU J 58 -4.64 39.46 -45.89
N TYR J 59 -5.43 40.14 -45.06
CA TYR J 59 -5.40 39.90 -43.63
C TYR J 59 -6.15 38.61 -43.30
N TRP J 60 -7.32 38.44 -43.90
CA TRP J 60 -8.16 37.28 -43.63
C TRP J 60 -7.54 35.98 -44.16
N GLU J 61 -6.92 36.05 -45.33
CA GLU J 61 -6.24 34.89 -45.91
C GLU J 61 -5.05 34.48 -45.03
N GLN J 62 -4.32 35.49 -44.56
CA GLN J 62 -3.15 35.27 -43.73
C GLN J 62 -3.52 34.63 -42.38
N GLN J 63 -4.66 35.02 -41.84
CA GLN J 63 -5.12 34.49 -40.56
C GLN J 63 -5.53 33.03 -40.66
N THR J 64 -6.18 32.67 -41.75
CA THR J 64 -6.63 31.30 -41.99
C THR J 64 -5.45 30.33 -42.03
N ARG J 65 -4.35 30.78 -42.64
CA ARG J 65 -3.14 29.96 -42.73
C ARG J 65 -2.59 29.61 -41.35
N ILE J 66 -2.54 30.62 -40.47
CA ILE J 66 -2.08 30.43 -39.10
C ILE J 66 -2.98 29.44 -38.37
N ALA J 67 -4.28 29.62 -38.54
CA ALA J 67 -5.27 28.77 -37.90
C ALA J 67 -5.14 27.31 -38.35
N LYS J 68 -5.06 27.12 -39.67
CA LYS J 68 -4.98 25.78 -40.24
C LYS J 68 -3.73 25.03 -39.81
N GLU J 69 -2.63 25.76 -39.61
CA GLU J 69 -1.41 25.11 -39.17
C GLU J 69 -1.51 24.71 -37.71
N TRP J 70 -1.97 25.63 -36.86
CA TRP J 70 -2.15 25.35 -35.44
C TRP J 70 -3.11 24.18 -35.25
N GLU J 71 -4.09 24.06 -36.13
CA GLU J 71 -4.97 22.91 -36.13
C GLU J 71 -4.17 21.63 -36.37
N GLN J 72 -3.31 21.67 -37.39
CA GLN J 72 -2.49 20.51 -37.74
C GLN J 72 -1.54 20.15 -36.60
N ILE J 73 -1.04 21.16 -35.90
CA ILE J 73 -0.21 20.93 -34.73
C ILE J 73 -0.99 20.15 -33.68
N TYR J 74 -2.22 20.60 -33.42
CA TYR J 74 -3.06 20.02 -32.38
C TYR J 74 -3.37 18.53 -32.55
N ARG J 75 -3.42 18.07 -33.79
CA ARG J 75 -3.63 16.66 -34.07
C ARG J 75 -2.50 15.83 -33.45
N VAL J 76 -1.27 16.30 -33.67
CA VAL J 76 -0.08 15.65 -33.11
C VAL J 76 -0.11 15.68 -31.59
N ASP J 77 -0.48 16.83 -31.03
CA ASP J 77 -0.55 17.00 -29.59
C ASP J 77 -1.63 16.12 -28.96
N LEU J 78 -2.78 16.03 -29.62
CA LEU J 78 -3.89 15.20 -29.15
C LEU J 78 -3.47 13.74 -28.98
N ARG J 79 -2.71 13.25 -29.95
CA ARG J 79 -2.22 11.87 -29.92
C ARG J 79 -1.06 11.73 -28.94
N THR J 80 -0.25 12.78 -28.83
CA THR J 80 0.91 12.77 -27.95
C THR J 80 0.50 12.65 -26.49
N LEU J 81 -0.53 13.41 -26.10
CA LEU J 81 -1.03 13.35 -24.73
C LEU J 81 -1.74 12.03 -24.46
N ARG J 82 -2.26 11.41 -25.51
CA ARG J 82 -2.90 10.10 -25.39
C ARG J 82 -1.83 9.05 -25.11
N GLY J 83 -0.57 9.43 -25.33
CA GLY J 83 0.55 8.58 -24.99
C GLY J 83 1.05 8.84 -23.58
N TYR J 84 1.22 10.11 -23.24
CA TYR J 84 1.67 10.52 -21.91
C TYR J 84 0.77 9.95 -20.83
N TYR J 85 -0.54 10.18 -20.97
CA TYR J 85 -1.50 9.72 -19.99
C TYR J 85 -1.88 8.26 -20.20
N ASN J 86 -1.51 7.72 -21.35
CA ASN J 86 -1.77 6.33 -21.70
C ASN J 86 -3.26 5.97 -21.63
N GLN J 87 -3.94 6.06 -22.77
CA GLN J 87 -5.37 5.78 -22.81
C GLN J 87 -5.80 5.25 -24.18
N SER J 88 -6.94 4.57 -24.20
CA SER J 88 -7.45 3.92 -25.42
C SER J 88 -7.57 4.89 -26.59
N GLU J 89 -7.38 4.36 -27.79
CA GLU J 89 -7.43 5.18 -29.00
C GLU J 89 -8.83 5.20 -29.61
N GLY J 90 -9.83 4.86 -28.80
CA GLY J 90 -11.20 4.82 -29.26
C GLY J 90 -12.10 5.77 -28.47
N GLY J 91 -11.50 6.57 -27.61
CA GLY J 91 -12.23 7.53 -26.80
C GLY J 91 -11.97 8.96 -27.22
N SER J 92 -12.98 9.81 -27.10
CA SER J 92 -12.85 11.22 -27.46
C SER J 92 -12.19 12.00 -26.33
N HIS J 93 -11.33 12.94 -26.70
CA HIS J 93 -10.64 13.76 -25.72
C HIS J 93 -10.65 15.24 -26.12
N THR J 94 -10.09 16.09 -25.26
CA THR J 94 -10.22 17.53 -25.43
C THR J 94 -8.96 18.28 -25.00
N ILE J 95 -8.50 19.19 -25.87
CA ILE J 95 -7.43 20.11 -25.50
C ILE J 95 -7.91 21.55 -25.69
N GLN J 96 -7.94 22.31 -24.60
CA GLN J 96 -8.34 23.71 -24.64
C GLN J 96 -7.11 24.59 -24.47
N GLU J 97 -7.24 25.86 -24.85
CA GLU J 97 -6.11 26.78 -24.79
C GLU J 97 -6.59 28.23 -24.81
N MET J 98 -5.91 29.09 -24.06
CA MET J 98 -6.20 30.52 -24.12
C MET J 98 -4.98 31.38 -23.76
N TYR J 99 -4.60 32.25 -24.69
CA TYR J 99 -3.47 33.15 -24.53
C TYR J 99 -3.87 34.58 -24.91
N GLY J 100 -3.11 35.56 -24.43
CA GLY J 100 -3.44 36.95 -24.70
C GLY J 100 -2.73 37.96 -23.83
N CYS J 101 -3.14 39.22 -23.95
CA CYS J 101 -2.45 40.32 -23.29
C CYS J 101 -3.41 41.33 -22.65
N ASP J 102 -3.06 41.77 -21.44
CA ASP J 102 -3.82 42.82 -20.77
C ASP J 102 -3.07 44.15 -20.85
N VAL J 103 -3.52 45.03 -21.75
CA VAL J 103 -2.90 46.34 -21.91
C VAL J 103 -3.68 47.39 -21.12
N GLY J 104 -2.97 48.13 -20.27
CA GLY J 104 -3.62 49.10 -19.40
C GLY J 104 -3.78 50.47 -20.03
N SER J 105 -3.91 51.49 -19.19
CA SER J 105 -4.05 52.87 -19.64
C SER J 105 -2.70 53.46 -19.98
N ASP J 106 -1.64 52.83 -19.49
CA ASP J 106 -0.28 53.32 -19.74
C ASP J 106 0.20 52.84 -21.11
N GLY J 107 -0.41 51.77 -21.59
CA GLY J 107 0.07 51.09 -22.78
C GLY J 107 1.07 50.03 -22.35
N SER J 108 1.17 49.87 -21.03
CA SER J 108 1.99 48.81 -20.47
C SER J 108 1.36 47.46 -20.77
N LEU J 109 2.08 46.39 -20.45
CA LEU J 109 1.50 45.07 -20.50
C LEU J 109 1.26 44.61 -19.07
N LEU J 110 0.03 44.76 -18.61
CA LEU J 110 -0.34 44.42 -17.24
C LEU J 110 -0.11 42.94 -16.98
N ARG J 111 -0.53 42.10 -17.92
CA ARG J 111 -0.30 40.67 -17.80
C ARG J 111 -0.36 39.96 -19.15
N GLY J 112 0.68 39.19 -19.45
CA GLY J 112 0.68 38.28 -20.57
C GLY J 112 0.58 36.88 -20.00
N TYR J 113 -0.22 36.03 -20.63
CA TYR J 113 -0.48 34.69 -20.12
C TYR J 113 -0.58 33.64 -21.22
N ARG J 114 -0.49 32.38 -20.83
CA ARG J 114 -0.79 31.28 -21.72
C ARG J 114 -0.97 29.97 -20.96
N GLN J 115 -2.22 29.53 -20.83
CA GLN J 115 -2.50 28.25 -20.19
C GLN J 115 -3.37 27.38 -21.09
N ASP J 116 -3.17 26.06 -21.01
CA ASP J 116 -4.00 25.13 -21.74
C ASP J 116 -4.62 24.10 -20.79
N ALA J 117 -5.48 23.24 -21.33
CA ALA J 117 -6.15 22.24 -20.51
C ALA J 117 -6.41 20.94 -21.26
N TYR J 118 -6.19 19.82 -20.59
CA TYR J 118 -6.50 18.52 -21.16
C TYR J 118 -7.73 17.93 -20.48
N ASP J 119 -8.76 17.67 -21.28
CA ASP J 119 -10.01 17.10 -20.80
C ASP J 119 -10.63 17.94 -19.67
N GLY J 120 -10.48 19.26 -19.77
CA GLY J 120 -11.08 20.17 -18.81
C GLY J 120 -10.26 20.36 -17.55
N ARG J 121 -9.08 19.77 -17.50
CA ARG J 121 -8.20 19.92 -16.35
C ARG J 121 -6.93 20.67 -16.75
N ASP J 122 -6.36 21.41 -15.80
CA ASP J 122 -5.16 22.19 -16.05
C ASP J 122 -4.01 21.36 -16.61
N TYR J 123 -3.16 21.99 -17.40
CA TYR J 123 -1.98 21.33 -17.94
C TYR J 123 -0.74 22.20 -17.75
N ILE J 124 -0.28 22.86 -18.80
CA ILE J 124 0.91 23.70 -18.71
C ILE J 124 0.55 25.18 -18.89
N ALA J 125 1.17 26.04 -18.09
CA ALA J 125 0.82 27.46 -18.08
C ALA J 125 2.03 28.37 -17.92
N LEU J 126 2.10 29.39 -18.76
CA LEU J 126 3.14 30.40 -18.66
C LEU J 126 2.91 31.31 -17.47
N ASN J 127 3.94 31.52 -16.67
CA ASN J 127 3.81 32.30 -15.44
C ASN J 127 3.80 33.82 -15.65
N GLU J 128 3.70 34.55 -14.56
CA GLU J 128 3.63 36.01 -14.57
C GLU J 128 4.85 36.65 -15.23
N ASP J 129 6.00 35.99 -15.08
CA ASP J 129 7.28 36.55 -15.53
C ASP J 129 7.48 36.41 -17.03
N LEU J 130 6.60 35.68 -17.69
CA LEU J 130 6.72 35.35 -19.11
C LEU J 130 8.02 34.59 -19.41
N LYS J 131 8.60 33.97 -18.39
CA LYS J 131 9.91 33.32 -18.52
C LYS J 131 9.93 31.88 -18.04
N THR J 132 9.04 31.53 -17.11
CA THR J 132 9.02 30.20 -16.53
C THR J 132 7.66 29.51 -16.71
N TRP J 133 7.62 28.23 -16.36
CA TRP J 133 6.39 27.44 -16.50
C TRP J 133 5.99 26.77 -15.21
N THR J 134 4.69 26.49 -15.07
CA THR J 134 4.18 25.68 -13.96
C THR J 134 3.34 24.54 -14.51
N ALA J 135 3.72 23.32 -14.17
CA ALA J 135 3.05 22.12 -14.67
C ALA J 135 2.00 21.60 -13.70
N ALA J 136 0.87 21.15 -14.23
CA ALA J 136 -0.21 20.62 -13.41
C ALA J 136 0.12 19.24 -12.88
N ASP J 137 0.62 18.37 -13.76
CA ASP J 137 1.06 17.04 -13.36
C ASP J 137 2.31 16.62 -14.13
N PHE J 138 2.68 15.35 -14.01
CA PHE J 138 3.93 14.84 -14.57
C PHE J 138 3.99 14.96 -16.09
N ALA J 139 2.85 14.80 -16.76
CA ALA J 139 2.81 14.83 -18.22
C ALA J 139 3.13 16.22 -18.74
N ALA J 140 2.70 17.24 -18.00
CA ALA J 140 2.96 18.62 -18.37
C ALA J 140 4.43 18.97 -18.12
N GLN J 141 5.06 18.24 -17.21
CA GLN J 141 6.48 18.42 -16.93
C GLN J 141 7.32 17.98 -18.12
N ILE J 142 6.79 17.03 -18.89
CA ILE J 142 7.43 16.61 -20.13
C ILE J 142 7.38 17.73 -21.16
N THR J 143 6.21 18.34 -21.28
CA THR J 143 6.01 19.47 -22.17
C THR J 143 6.86 20.66 -21.73
N ARG J 144 6.90 20.88 -20.42
CA ARG J 144 7.68 21.99 -19.86
C ARG J 144 9.17 21.85 -20.21
N ASN J 145 9.74 20.69 -19.91
CA ASN J 145 11.14 20.42 -20.20
C ASN J 145 11.44 20.64 -21.68
N LYS J 146 10.63 20.07 -22.55
CA LYS J 146 10.80 20.22 -23.99
C LYS J 146 10.80 21.69 -24.41
N TRP J 147 9.91 22.48 -23.82
CA TRP J 147 9.76 23.88 -24.18
C TRP J 147 10.80 24.78 -23.54
N GLU J 148 11.23 24.44 -22.32
CA GLU J 148 12.19 25.27 -21.60
C GLU J 148 13.59 25.19 -22.20
N ARG J 149 13.93 24.03 -22.77
CA ARG J 149 15.25 23.85 -23.38
C ARG J 149 15.20 24.17 -24.87
N ALA J 150 13.99 24.43 -25.37
CA ALA J 150 13.83 25.01 -26.70
C ALA J 150 13.66 26.51 -26.55
N ARG J 151 13.75 26.97 -25.31
CA ARG J 151 13.59 28.38 -24.95
C ARG J 151 12.35 28.97 -25.60
N TYR J 152 11.20 28.39 -25.26
CA TYR J 152 9.93 28.73 -25.90
C TYR J 152 9.29 29.95 -25.26
N ALA J 153 9.66 30.24 -24.01
CA ALA J 153 9.10 31.37 -23.28
C ALA J 153 9.48 32.70 -23.90
N GLU J 154 10.60 32.72 -24.62
CA GLU J 154 11.08 33.92 -25.29
C GLU J 154 10.29 34.19 -26.57
N ARG J 155 9.99 33.12 -27.30
CA ARG J 155 9.18 33.21 -28.50
C ARG J 155 7.75 33.63 -28.14
N LEU J 156 7.36 33.31 -26.91
CA LEU J 156 6.03 33.68 -26.41
C LEU J 156 6.01 35.11 -25.88
N ARG J 157 7.02 35.46 -25.09
CA ARG J 157 7.12 36.80 -24.52
C ARG J 157 7.21 37.85 -25.63
N ALA J 158 7.84 37.48 -26.73
CA ALA J 158 7.99 38.37 -27.88
C ALA J 158 6.63 38.74 -28.47
N TYR J 159 5.81 37.72 -28.71
CA TYR J 159 4.48 37.94 -29.26
C TYR J 159 3.60 38.77 -28.34
N LEU J 160 3.59 38.41 -27.06
CA LEU J 160 2.70 39.03 -26.08
C LEU J 160 3.03 40.51 -25.85
N GLU J 161 4.32 40.82 -25.72
CA GLU J 161 4.74 42.19 -25.43
C GLU J 161 4.81 43.06 -26.68
N GLY J 162 4.82 42.42 -27.85
CA GLY J 162 4.95 43.14 -29.10
C GLY J 162 3.75 43.03 -30.01
N THR J 163 3.69 41.94 -30.76
CA THR J 163 2.64 41.73 -31.76
C THR J 163 1.24 41.85 -31.16
N CYS J 164 1.04 41.22 -30.02
CA CYS J 164 -0.27 41.19 -29.36
C CYS J 164 -0.77 42.59 -29.00
N VAL J 165 0.05 43.36 -28.29
CA VAL J 165 -0.36 44.68 -27.84
C VAL J 165 -0.57 45.65 -29.00
N GLU J 166 0.14 45.42 -30.10
CA GLU J 166 0.04 46.32 -31.25
C GLU J 166 -1.28 46.12 -31.97
N TRP J 167 -1.60 44.87 -32.28
CA TRP J 167 -2.85 44.56 -32.98
C TRP J 167 -4.06 44.85 -32.09
N LEU J 168 -3.87 44.75 -30.77
CA LEU J 168 -4.93 45.11 -29.84
C LEU J 168 -5.26 46.59 -29.98
N SER J 169 -4.22 47.42 -30.02
CA SER J 169 -4.40 48.86 -30.20
C SER J 169 -5.02 49.15 -31.57
N ARG J 170 -4.60 48.38 -32.57
CA ARG J 170 -5.15 48.50 -33.91
C ARG J 170 -6.63 48.09 -33.94
N TYR J 171 -6.94 46.95 -33.33
CA TYR J 171 -8.31 46.46 -33.28
C TYR J 171 -9.24 47.45 -32.57
N LEU J 172 -8.71 48.16 -31.58
CA LEU J 172 -9.49 49.11 -30.80
C LEU J 172 -9.93 50.32 -31.62
N GLU J 173 -9.10 50.74 -32.57
CA GLU J 173 -9.41 51.92 -33.38
C GLU J 173 -10.48 51.62 -34.42
N LEU J 174 -10.45 50.41 -34.97
CA LEU J 174 -11.43 50.00 -35.97
C LEU J 174 -12.84 49.95 -35.37
N GLY J 175 -12.92 49.71 -34.07
CA GLY J 175 -14.20 49.65 -33.39
C GLY J 175 -14.27 50.52 -32.15
N LYS J 176 -13.90 51.78 -32.28
CA LYS J 176 -13.94 52.71 -31.16
C LYS J 176 -15.37 53.15 -30.87
N GLU J 177 -16.26 52.96 -31.84
CA GLU J 177 -17.67 53.27 -31.68
C GLU J 177 -18.39 52.16 -30.92
N THR J 178 -17.71 51.02 -30.82
CA THR J 178 -18.27 49.84 -30.17
C THR J 178 -17.55 49.52 -28.87
N LEU J 179 -16.23 49.37 -28.95
CA LEU J 179 -15.44 48.86 -27.84
C LEU J 179 -15.19 49.89 -26.73
N LEU J 180 -15.29 51.17 -27.06
CA LEU J 180 -14.99 52.21 -26.09
C LEU J 180 -16.23 52.70 -25.37
N ARG J 181 -17.40 52.29 -25.85
CA ARG J 181 -18.66 52.69 -25.22
C ARG J 181 -18.75 52.08 -23.82
N SER J 182 -19.59 52.70 -22.98
CA SER J 182 -19.88 52.16 -21.66
C SER J 182 -21.38 52.21 -21.42
N ASP J 183 -22.05 51.07 -21.61
CA ASP J 183 -23.50 51.01 -21.51
C ASP J 183 -23.96 50.77 -20.08
N PRO J 184 -24.59 51.78 -19.46
CA PRO J 184 -25.12 51.65 -18.10
C PRO J 184 -26.31 50.71 -18.06
N PRO J 185 -26.45 49.94 -16.96
CA PRO J 185 -27.57 49.01 -16.81
C PRO J 185 -28.89 49.71 -16.53
N GLU J 186 -29.91 49.41 -17.33
CA GLU J 186 -31.25 49.90 -17.09
C GLU J 186 -32.00 48.93 -16.19
N ALA J 187 -32.18 49.31 -14.93
CA ALA J 187 -32.74 48.40 -13.94
C ALA J 187 -34.23 48.63 -13.73
N HIS J 188 -34.88 47.64 -13.12
CA HIS J 188 -36.26 47.74 -12.67
C HIS J 188 -36.56 46.58 -11.73
N VAL J 189 -37.73 46.60 -11.10
CA VAL J 189 -38.10 45.55 -10.16
C VAL J 189 -39.46 44.94 -10.49
N THR J 190 -39.50 43.62 -10.55
CA THR J 190 -40.74 42.88 -10.75
C THR J 190 -41.19 42.25 -9.44
N LEU J 191 -42.46 41.90 -9.35
CA LEU J 191 -43.02 41.33 -8.12
C LEU J 191 -43.83 40.08 -8.42
N HIS J 192 -43.47 38.97 -7.78
CA HIS J 192 -44.13 37.69 -8.03
C HIS J 192 -44.56 37.01 -6.74
N PRO J 193 -45.86 36.77 -6.59
CA PRO J 193 -46.42 36.13 -5.39
C PRO J 193 -45.98 34.67 -5.25
N ARG J 194 -45.79 34.24 -4.01
CA ARG J 194 -45.42 32.85 -3.74
C ARG J 194 -46.60 32.10 -3.13
N PRO J 195 -46.59 30.76 -3.24
CA PRO J 195 -47.66 29.97 -2.65
C PRO J 195 -47.68 30.04 -1.11
N GLU J 196 -46.57 30.44 -0.50
CA GLU J 196 -46.49 30.54 0.95
C GLU J 196 -47.30 31.73 1.48
N GLY J 197 -47.58 32.68 0.61
CA GLY J 197 -48.31 33.88 1.01
C GLY J 197 -47.45 35.11 0.93
N ASP J 198 -46.15 34.91 0.86
CA ASP J 198 -45.20 36.01 0.69
C ASP J 198 -44.95 36.26 -0.80
N VAL J 199 -44.08 37.21 -1.11
CA VAL J 199 -43.79 37.55 -2.50
C VAL J 199 -42.30 37.51 -2.78
N THR J 200 -41.94 37.59 -4.06
CA THR J 200 -40.56 37.64 -4.48
C THR J 200 -40.26 38.92 -5.25
N LEU J 201 -39.30 39.69 -4.75
CA LEU J 201 -38.84 40.89 -5.45
C LEU J 201 -37.67 40.54 -6.37
N ARG J 202 -37.86 40.70 -7.67
CA ARG J 202 -36.80 40.42 -8.62
C ARG J 202 -36.31 41.71 -9.31
N CYS J 203 -35.05 42.06 -9.05
CA CYS J 203 -34.46 43.25 -9.66
C CYS J 203 -33.63 42.89 -10.89
N TRP J 204 -34.08 43.38 -12.05
CA TRP J 204 -33.40 43.12 -13.31
C TRP J 204 -32.26 44.10 -13.55
N ALA J 205 -31.45 43.81 -14.56
CA ALA J 205 -30.39 44.70 -15.01
C ALA J 205 -30.10 44.37 -16.47
N LEU J 206 -30.66 45.18 -17.37
CA LEU J 206 -30.66 44.83 -18.80
C LEU J 206 -29.83 45.75 -19.67
N GLY J 207 -29.23 45.17 -20.71
CA GLY J 207 -28.57 45.93 -21.76
C GLY J 207 -27.34 46.72 -21.36
N PHE J 208 -26.47 46.13 -20.54
CA PHE J 208 -25.27 46.83 -20.12
C PHE J 208 -23.99 46.24 -20.72
N TYR J 209 -23.00 47.10 -20.92
CA TYR J 209 -21.67 46.70 -21.39
C TYR J 209 -20.64 47.63 -20.75
N PRO J 210 -19.54 47.07 -20.21
CA PRO J 210 -19.12 45.66 -20.22
C PRO J 210 -19.96 44.74 -19.34
N ALA J 211 -19.59 43.45 -19.31
CA ALA J 211 -20.40 42.41 -18.69
C ALA J 211 -20.33 42.42 -17.16
N ASP J 212 -19.32 43.06 -16.59
CA ASP J 212 -19.13 43.03 -15.15
C ASP J 212 -20.13 43.94 -14.43
N ILE J 213 -20.80 43.37 -13.43
CA ILE J 213 -21.83 44.09 -12.69
C ILE J 213 -22.04 43.42 -11.33
N THR J 214 -22.57 44.17 -10.37
CA THR J 214 -22.90 43.62 -9.07
C THR J 214 -24.29 44.02 -8.62
N LEU J 215 -25.12 43.03 -8.30
CA LEU J 215 -26.46 43.28 -7.79
C LEU J 215 -26.54 42.89 -6.32
N THR J 216 -27.09 43.77 -5.50
CA THR J 216 -27.19 43.50 -4.07
C THR J 216 -28.46 44.09 -3.45
N TRP J 217 -29.24 43.24 -2.80
CA TRP J 217 -30.35 43.70 -1.99
C TRP J 217 -29.86 44.03 -0.59
N GLN J 218 -30.46 45.04 0.04
CA GLN J 218 -30.32 45.20 1.48
C GLN J 218 -31.65 45.59 2.10
N LEU J 219 -31.99 44.92 3.20
CA LEU J 219 -33.15 45.26 4.00
C LEU J 219 -33.01 46.70 4.48
N ASN J 220 -31.95 46.94 5.25
CA ASN J 220 -31.60 48.29 5.69
C ASN J 220 -30.10 48.43 5.83
N GLY J 221 -29.46 49.10 4.87
CA GLY J 221 -28.03 49.34 4.91
C GLY J 221 -27.19 48.07 4.82
N GLU J 222 -27.35 47.20 5.81
CA GLU J 222 -26.57 45.96 5.87
C GLU J 222 -26.96 44.96 4.78
N ASP J 223 -25.95 44.25 4.28
CA ASP J 223 -26.09 43.30 3.17
C ASP J 223 -27.24 42.31 3.30
N LEU J 224 -27.67 41.76 2.16
CA LEU J 224 -28.65 40.68 2.16
C LEU J 224 -28.27 39.53 1.23
N THR J 225 -27.01 39.12 1.25
CA THR J 225 -26.61 37.89 0.57
C THR J 225 -26.98 36.69 1.45
N GLN J 226 -28.13 36.84 2.12
CA GLN J 226 -28.68 35.84 3.03
C GLN J 226 -29.47 34.79 2.25
N ASP J 227 -30.66 35.19 1.82
CA ASP J 227 -31.58 34.31 1.12
C ASP J 227 -31.75 34.70 -0.35
N MET J 228 -30.86 35.56 -0.83
CA MET J 228 -30.90 36.02 -2.22
C MET J 228 -30.43 34.92 -3.17
N GLU J 229 -31.06 34.82 -4.33
CA GLU J 229 -30.65 33.85 -5.34
C GLU J 229 -30.32 34.54 -6.66
N LEU J 230 -29.03 34.58 -6.98
CA LEU J 230 -28.53 35.27 -8.17
C LEU J 230 -28.43 34.34 -9.38
N VAL J 231 -28.25 34.94 -10.55
CA VAL J 231 -28.10 34.18 -11.79
C VAL J 231 -26.82 34.64 -12.51
N GLU J 232 -26.04 33.69 -13.02
CA GLU J 232 -24.79 34.04 -13.69
C GLU J 232 -25.08 34.94 -14.89
N THR J 233 -24.21 35.92 -15.11
CA THR J 233 -24.42 36.94 -16.14
C THR J 233 -24.59 36.30 -17.52
N ARG J 234 -25.62 36.74 -18.24
CA ARG J 234 -25.95 36.13 -19.52
C ARG J 234 -25.97 37.15 -20.65
N PRO J 235 -25.56 36.72 -21.86
CA PRO J 235 -25.55 37.59 -23.04
C PRO J 235 -26.94 37.80 -23.65
N ALA J 236 -27.28 39.04 -23.97
CA ALA J 236 -28.54 39.34 -24.62
C ALA J 236 -28.50 38.97 -26.09
N GLY J 237 -27.28 38.80 -26.61
CA GLY J 237 -27.09 38.39 -27.99
C GLY J 237 -26.84 39.54 -28.93
N ASP J 238 -26.61 40.73 -28.39
CA ASP J 238 -26.39 41.92 -29.19
C ASP J 238 -25.25 42.77 -28.65
N GLY J 239 -24.33 42.13 -27.92
CA GLY J 239 -23.20 42.83 -27.34
C GLY J 239 -23.48 43.37 -25.96
N THR J 240 -24.67 43.08 -25.43
CA THR J 240 -25.04 43.49 -24.09
C THR J 240 -25.32 42.28 -23.21
N PHE J 241 -25.45 42.51 -21.91
CA PHE J 241 -25.63 41.41 -20.97
C PHE J 241 -26.78 41.67 -19.99
N GLN J 242 -27.38 40.59 -19.49
CA GLN J 242 -28.46 40.69 -18.51
C GLN J 242 -28.12 39.94 -17.23
N LYS J 243 -28.84 40.27 -16.16
CA LYS J 243 -28.70 39.61 -14.87
C LYS J 243 -29.84 40.04 -13.95
N TRP J 244 -30.23 39.20 -13.01
CA TRP J 244 -31.22 39.62 -12.03
C TRP J 244 -31.00 39.01 -10.64
N ALA J 245 -31.67 39.61 -9.67
CA ALA J 245 -31.56 39.22 -8.27
C ALA J 245 -32.95 39.03 -7.67
N SER J 246 -33.12 38.03 -6.82
CA SER J 246 -34.43 37.79 -6.21
C SER J 246 -34.34 37.45 -4.73
N VAL J 247 -35.25 38.03 -3.94
CA VAL J 247 -35.35 37.74 -2.52
C VAL J 247 -36.81 37.52 -2.14
N VAL J 248 -37.05 36.66 -1.15
CA VAL J 248 -38.41 36.43 -0.68
C VAL J 248 -38.69 37.33 0.52
N VAL J 249 -39.90 37.87 0.57
CA VAL J 249 -40.22 38.91 1.54
C VAL J 249 -41.73 38.98 1.81
N PRO J 250 -42.13 39.22 3.07
CA PRO J 250 -43.54 39.30 3.48
C PRO J 250 -44.39 40.31 2.71
N LEU J 251 -45.68 40.03 2.62
CA LEU J 251 -46.65 40.90 1.95
C LEU J 251 -46.67 42.28 2.59
N GLY J 252 -46.72 43.32 1.75
CA GLY J 252 -46.84 44.68 2.23
C GLY J 252 -45.52 45.27 2.70
N LYS J 253 -44.45 44.51 2.54
CA LYS J 253 -43.12 44.96 2.93
C LYS J 253 -42.21 45.05 1.71
N GLU J 254 -42.81 45.24 0.54
CA GLU J 254 -42.08 45.24 -0.72
C GLU J 254 -41.36 46.57 -0.94
N GLN J 255 -42.04 47.68 -0.63
CA GLN J 255 -41.47 49.01 -0.78
C GLN J 255 -40.44 49.32 0.28
N ASN J 256 -40.18 48.34 1.15
CA ASN J 256 -39.25 48.52 2.26
C ASN J 256 -37.84 48.10 1.90
N TYR J 257 -37.67 47.52 0.72
CA TYR J 257 -36.40 46.93 0.32
C TYR J 257 -35.80 47.61 -0.91
N THR J 258 -34.48 47.70 -0.93
CA THR J 258 -33.76 48.37 -2.01
C THR J 258 -32.68 47.46 -2.61
N CYS J 259 -32.53 47.53 -3.93
CA CYS J 259 -31.48 46.79 -4.61
C CYS J 259 -30.53 47.72 -5.36
N ARG J 260 -29.28 47.74 -4.93
CA ARG J 260 -28.27 48.57 -5.58
C ARG J 260 -27.75 47.90 -6.84
N VAL J 261 -27.41 48.71 -7.84
CA VAL J 261 -26.84 48.20 -9.07
C VAL J 261 -25.47 48.86 -9.30
N GLU J 262 -24.42 48.06 -9.27
CA GLU J 262 -23.07 48.59 -9.42
C GLU J 262 -22.48 48.27 -10.79
N HIS J 263 -22.17 49.32 -11.54
CA HIS J 263 -21.62 49.18 -12.89
C HIS J 263 -20.89 50.45 -13.30
N GLU J 264 -19.82 50.29 -14.07
CA GLU J 264 -18.96 51.40 -14.48
C GLU J 264 -19.63 52.38 -15.44
N GLY J 265 -20.79 52.00 -15.96
CA GLY J 265 -21.48 52.81 -16.97
C GLY J 265 -22.28 53.96 -16.42
N LEU J 266 -22.53 53.96 -15.11
CA LEU J 266 -23.31 55.03 -14.48
C LEU J 266 -22.51 55.71 -13.37
N PRO J 267 -22.81 57.00 -13.10
CA PRO J 267 -22.05 57.84 -12.16
C PRO J 267 -21.83 57.19 -10.79
N LYS J 268 -22.91 56.76 -10.15
CA LYS J 268 -22.82 56.06 -8.88
C LYS J 268 -23.98 55.07 -8.76
N PRO J 269 -23.77 53.95 -8.04
CA PRO J 269 -24.71 52.83 -7.91
C PRO J 269 -26.19 53.23 -7.79
N LEU J 270 -27.05 52.48 -8.46
CA LEU J 270 -28.49 52.71 -8.41
C LEU J 270 -29.08 52.24 -7.09
N SER J 271 -30.38 52.45 -6.93
CA SER J 271 -31.13 51.93 -5.79
C SER J 271 -32.59 51.74 -6.20
N GLN J 272 -32.84 50.65 -6.93
CA GLN J 272 -34.17 50.39 -7.46
C GLN J 272 -35.06 49.71 -6.43
N ARG J 273 -36.28 50.22 -6.28
CA ARG J 273 -37.24 49.68 -5.34
C ARG J 273 -38.49 49.24 -6.08
N TRP J 274 -39.36 48.50 -5.40
CA TRP J 274 -40.64 48.13 -5.98
C TRP J 274 -41.58 49.32 -5.96
N GLU J 275 -42.30 49.53 -7.06
CA GLU J 275 -43.22 50.66 -7.17
C GLU J 275 -44.54 50.25 -7.81
N ILE K 2 -13.72 14.05 -16.74
CA ILE K 2 -14.65 14.80 -15.89
C ILE K 2 -15.93 15.14 -16.63
N GLN K 3 -17.03 15.29 -15.90
CA GLN K 3 -18.32 15.59 -16.50
C GLN K 3 -19.07 16.67 -15.72
N LYS K 4 -19.24 17.84 -16.33
CA LYS K 4 -20.01 18.91 -15.72
C LYS K 4 -21.35 19.07 -16.42
N THR K 5 -22.41 19.27 -15.64
CA THR K 5 -23.77 19.30 -16.16
C THR K 5 -24.18 20.69 -16.64
N PRO K 6 -24.66 20.79 -17.89
CA PRO K 6 -25.03 22.05 -18.55
C PRO K 6 -26.07 22.87 -17.80
N GLN K 7 -25.83 24.17 -17.70
CA GLN K 7 -26.77 25.09 -17.06
C GLN K 7 -27.57 25.85 -18.13
N ILE K 8 -28.89 25.69 -18.09
CA ILE K 8 -29.76 26.23 -19.12
C ILE K 8 -30.55 27.45 -18.63
N GLN K 9 -30.57 28.51 -19.44
CA GLN K 9 -31.39 29.68 -19.15
C GLN K 9 -32.16 30.11 -20.39
N VAL K 10 -33.46 30.30 -20.24
CA VAL K 10 -34.30 30.72 -21.36
C VAL K 10 -34.93 32.09 -21.06
N TYR K 11 -34.74 33.02 -21.98
CA TYR K 11 -35.15 34.41 -21.76
C TYR K 11 -35.24 35.18 -23.06
N SER K 12 -35.76 36.40 -22.99
CA SER K 12 -35.89 37.25 -24.18
C SER K 12 -34.85 38.36 -24.18
N ARG K 13 -34.46 38.79 -25.38
CA ARG K 13 -33.47 39.85 -25.52
C ARG K 13 -34.00 41.17 -24.96
N HIS K 14 -35.22 41.52 -25.33
CA HIS K 14 -35.89 42.70 -24.80
C HIS K 14 -37.12 42.28 -23.99
N PRO K 15 -37.50 43.07 -22.98
CA PRO K 15 -38.71 42.79 -22.18
C PRO K 15 -39.93 42.53 -23.05
N PRO K 16 -40.56 41.36 -22.88
CA PRO K 16 -41.61 40.87 -23.80
C PRO K 16 -42.95 41.59 -23.68
N GLU K 17 -43.67 41.62 -24.79
CA GLU K 17 -45.07 42.05 -24.80
C GLU K 17 -45.76 41.39 -25.99
N ASN K 18 -47.03 41.01 -25.80
CA ASN K 18 -47.77 40.24 -26.80
C ASN K 18 -47.92 40.96 -28.13
N GLY K 19 -47.38 40.36 -29.19
CA GLY K 19 -47.51 40.91 -30.52
C GLY K 19 -46.21 41.49 -31.06
N LYS K 20 -45.43 42.10 -30.18
CA LYS K 20 -44.16 42.70 -30.56
C LYS K 20 -43.08 41.66 -30.82
N PRO K 21 -42.45 41.73 -32.01
CA PRO K 21 -41.33 40.84 -32.35
C PRO K 21 -40.19 40.95 -31.36
N ASN K 22 -39.46 39.86 -31.15
CA ASN K 22 -38.37 39.84 -30.18
C ASN K 22 -37.27 38.86 -30.60
N PHE K 23 -36.43 38.48 -29.64
CA PHE K 23 -35.36 37.53 -29.90
C PHE K 23 -35.23 36.55 -28.73
N LEU K 24 -35.57 35.30 -29.00
CA LEU K 24 -35.57 34.26 -27.96
C LEU K 24 -34.16 33.68 -27.75
N ASN K 25 -33.74 33.60 -26.49
CA ASN K 25 -32.40 33.10 -26.18
C ASN K 25 -32.40 31.81 -25.36
N CYS K 26 -31.32 31.04 -25.48
CA CYS K 26 -31.11 29.85 -24.67
C CYS K 26 -29.62 29.71 -24.33
N TYR K 27 -29.23 30.22 -23.18
CA TYR K 27 -27.84 30.24 -22.77
C TYR K 27 -27.45 28.99 -21.99
N VAL K 28 -26.93 27.99 -22.71
CA VAL K 28 -26.48 26.75 -22.10
C VAL K 28 -25.00 26.87 -21.75
N SER K 29 -24.66 26.73 -20.47
CA SER K 29 -23.29 26.96 -20.02
C SER K 29 -22.80 25.95 -18.98
N GLN K 30 -21.51 26.05 -18.66
CA GLN K 30 -20.88 25.26 -17.60
C GLN K 30 -21.02 23.75 -17.79
N PHE K 31 -20.70 23.26 -18.99
CA PHE K 31 -20.79 21.83 -19.26
C PHE K 31 -19.50 21.27 -19.83
N HIS K 32 -19.32 19.97 -19.62
CA HIS K 32 -18.15 19.24 -20.11
C HIS K 32 -18.51 17.75 -20.12
N PRO K 33 -18.18 17.04 -21.20
CA PRO K 33 -17.48 17.39 -22.44
C PRO K 33 -18.26 18.39 -23.32
N PRO K 34 -17.58 19.00 -24.30
CA PRO K 34 -18.19 20.02 -25.18
C PRO K 34 -19.34 19.52 -26.04
N GLN K 35 -19.34 18.24 -26.40
CA GLN K 35 -20.38 17.70 -27.27
C GLN K 35 -21.76 17.86 -26.64
N ILE K 36 -22.63 18.58 -27.33
CA ILE K 36 -23.96 18.87 -26.80
C ILE K 36 -24.91 19.23 -27.94
N GLU K 37 -26.22 19.12 -27.70
CA GLU K 37 -27.22 19.48 -28.69
C GLU K 37 -28.34 20.32 -28.09
N ILE K 38 -28.71 21.38 -28.78
CA ILE K 38 -29.71 22.33 -28.29
C ILE K 38 -30.81 22.54 -29.32
N GLU K 39 -32.06 22.53 -28.86
CA GLU K 39 -33.20 22.73 -29.74
C GLU K 39 -34.24 23.64 -29.11
N LEU K 40 -34.71 24.62 -29.87
CA LEU K 40 -35.76 25.52 -29.40
C LEU K 40 -37.12 25.02 -29.88
N LEU K 41 -38.05 24.89 -28.95
CA LEU K 41 -39.34 24.28 -29.25
C LEU K 41 -40.49 25.29 -29.28
N LYS K 42 -41.15 25.37 -30.43
CA LYS K 42 -42.39 26.14 -30.55
C LYS K 42 -43.58 25.17 -30.46
N ASN K 43 -44.20 25.14 -29.29
CA ASN K 43 -45.31 24.22 -29.02
C ASN K 43 -44.93 22.77 -29.32
N GLY K 44 -43.73 22.37 -28.90
CA GLY K 44 -43.26 21.02 -29.11
C GLY K 44 -42.44 20.88 -30.39
N LYS K 45 -42.93 21.50 -31.47
CA LYS K 45 -42.27 21.44 -32.76
C LYS K 45 -40.99 22.29 -32.79
N LYS K 46 -39.88 21.67 -33.18
CA LYS K 46 -38.58 22.32 -33.27
C LYS K 46 -38.59 23.34 -34.42
N ILE K 47 -38.36 24.60 -34.07
CA ILE K 47 -38.23 25.69 -35.03
C ILE K 47 -37.17 25.41 -36.09
N PRO K 48 -37.52 25.59 -37.37
CA PRO K 48 -36.57 25.31 -38.46
C PRO K 48 -35.31 26.17 -38.43
N ASN K 49 -34.16 25.52 -38.23
CA ASN K 49 -32.84 26.15 -38.30
C ASN K 49 -32.62 27.30 -37.31
N ILE K 50 -31.92 27.00 -36.21
CA ILE K 50 -31.67 27.99 -35.18
C ILE K 50 -30.30 28.63 -35.32
N GLU K 51 -30.24 29.95 -35.19
CA GLU K 51 -28.97 30.66 -35.19
C GLU K 51 -28.16 30.27 -33.95
N MET K 52 -26.89 29.92 -34.18
CA MET K 52 -26.01 29.49 -33.11
C MET K 52 -24.60 30.05 -33.32
N SER K 53 -23.82 30.15 -32.25
CA SER K 53 -22.46 30.65 -32.35
C SER K 53 -21.47 29.74 -31.63
N ASP K 54 -21.90 28.50 -31.41
CA ASP K 54 -21.03 27.40 -30.98
C ASP K 54 -20.18 27.66 -29.73
N LEU K 55 -19.08 26.91 -29.64
CA LEU K 55 -18.38 26.72 -28.37
C LEU K 55 -17.32 27.79 -28.04
N SER K 56 -17.47 28.37 -26.86
CA SER K 56 -16.40 29.10 -26.20
C SER K 56 -16.32 28.54 -24.78
N PHE K 57 -15.37 28.99 -23.98
CA PHE K 57 -15.25 28.47 -22.63
C PHE K 57 -14.76 29.49 -21.62
N SER K 58 -15.27 29.41 -20.40
CA SER K 58 -14.90 30.30 -19.32
C SER K 58 -13.49 30.04 -18.83
N LYS K 59 -13.06 30.79 -17.82
CA LYS K 59 -11.72 30.66 -17.25
C LYS K 59 -11.52 29.31 -16.56
N ASP K 60 -12.61 28.69 -16.14
CA ASP K 60 -12.53 27.37 -15.48
C ASP K 60 -12.65 26.26 -16.52
N TRP K 61 -12.39 26.60 -17.78
CA TRP K 61 -12.36 25.66 -18.90
C TRP K 61 -13.71 25.01 -19.21
N SER K 62 -14.76 25.48 -18.55
CA SER K 62 -16.10 24.94 -18.78
C SER K 62 -16.78 25.68 -19.93
N PHE K 63 -17.48 24.94 -20.78
CA PHE K 63 -18.04 25.50 -22.00
C PHE K 63 -19.35 26.25 -21.81
N TYR K 64 -19.61 27.17 -22.74
CA TYR K 64 -20.90 27.86 -22.82
C TYR K 64 -21.26 28.08 -24.28
N ILE K 65 -22.55 28.10 -24.59
CA ILE K 65 -22.99 28.21 -25.97
C ILE K 65 -24.39 28.82 -26.06
N LEU K 66 -24.53 29.87 -26.85
CA LEU K 66 -25.78 30.60 -26.97
C LEU K 66 -26.50 30.29 -28.28
N ALA K 67 -27.77 29.95 -28.19
CA ALA K 67 -28.59 29.69 -29.37
C ALA K 67 -29.81 30.61 -29.38
N HIS K 68 -29.96 31.41 -30.44
CA HIS K 68 -31.02 32.40 -30.49
C HIS K 68 -31.87 32.31 -31.76
N THR K 69 -33.03 32.98 -31.71
CA THR K 69 -33.95 33.03 -32.84
C THR K 69 -34.64 34.39 -32.93
N GLU K 70 -35.66 34.48 -33.78
CA GLU K 70 -36.54 35.65 -33.81
C GLU K 70 -37.88 35.24 -33.21
N PHE K 71 -38.47 36.13 -32.42
CA PHE K 71 -39.42 35.69 -31.40
C PHE K 71 -40.71 36.51 -31.32
N THR K 72 -41.81 35.81 -31.09
CA THR K 72 -43.10 36.46 -30.98
C THR K 72 -43.75 36.00 -29.66
N PRO K 73 -43.65 36.82 -28.61
CA PRO K 73 -44.26 36.39 -27.34
C PRO K 73 -45.76 36.58 -27.33
N THR K 74 -46.46 35.56 -26.83
CA THR K 74 -47.91 35.55 -26.74
C THR K 74 -48.25 34.72 -25.49
N GLU K 75 -49.51 34.75 -25.06
CA GLU K 75 -49.92 34.00 -23.87
C GLU K 75 -50.54 32.65 -24.24
N THR K 76 -50.56 32.31 -25.52
CA THR K 76 -51.06 31.01 -25.96
C THR K 76 -49.91 30.10 -26.38
N ASP K 77 -49.00 30.62 -27.21
CA ASP K 77 -47.85 29.83 -27.63
C ASP K 77 -46.91 29.54 -26.45
N VAL K 78 -46.29 28.37 -26.50
CA VAL K 78 -45.29 28.00 -25.51
C VAL K 78 -43.92 27.90 -26.18
N TYR K 79 -42.89 28.40 -25.52
CA TYR K 79 -41.54 28.32 -26.03
C TYR K 79 -40.61 27.71 -24.99
N ALA K 80 -39.81 26.74 -25.42
CA ALA K 80 -38.93 26.04 -24.49
C ALA K 80 -37.59 25.69 -25.13
N CYS K 81 -36.72 25.06 -24.35
CA CYS K 81 -35.39 24.72 -24.80
C CYS K 81 -34.98 23.33 -24.31
N ARG K 82 -34.94 22.37 -25.21
CA ARG K 82 -34.55 21.01 -24.86
C ARG K 82 -33.06 20.78 -25.11
N VAL K 83 -32.38 20.25 -24.09
CA VAL K 83 -30.94 20.05 -24.17
C VAL K 83 -30.55 18.59 -23.98
N LYS K 84 -29.84 18.03 -24.96
CA LYS K 84 -29.32 16.67 -24.87
C LYS K 84 -27.84 16.67 -24.53
N HIS K 85 -27.46 15.91 -23.51
CA HIS K 85 -26.06 15.82 -23.10
C HIS K 85 -25.76 14.47 -22.45
N VAL K 86 -24.48 14.14 -22.32
CA VAL K 86 -24.06 12.87 -21.74
C VAL K 86 -24.37 12.80 -20.25
N THR K 87 -24.24 13.94 -19.56
CA THR K 87 -24.53 14.00 -18.13
C THR K 87 -26.01 13.76 -17.85
N LEU K 88 -26.86 14.33 -18.71
CA LEU K 88 -28.30 14.13 -18.60
C LEU K 88 -28.72 12.79 -19.18
N LYS K 89 -29.36 11.96 -18.37
CA LYS K 89 -29.85 10.66 -18.85
C LYS K 89 -31.08 10.85 -19.73
N GLU K 90 -31.77 11.98 -19.54
CA GLU K 90 -32.92 12.32 -20.37
C GLU K 90 -32.84 13.80 -20.77
N PRO K 91 -33.24 14.11 -22.02
CA PRO K 91 -33.20 15.46 -22.57
C PRO K 91 -33.97 16.46 -21.69
N LYS K 92 -33.25 17.37 -21.04
CA LYS K 92 -33.88 18.33 -20.14
C LYS K 92 -34.43 19.53 -20.90
N THR K 93 -35.72 19.79 -20.72
CA THR K 93 -36.37 20.91 -21.36
C THR K 93 -36.68 22.00 -20.35
N VAL K 94 -36.40 23.25 -20.72
CA VAL K 94 -36.70 24.38 -19.85
C VAL K 94 -37.64 25.35 -20.57
N THR K 95 -38.80 25.60 -19.96
CA THR K 95 -39.82 26.44 -20.57
C THR K 95 -39.57 27.93 -20.31
N TRP K 96 -39.72 28.74 -21.34
CA TRP K 96 -39.56 30.18 -21.22
C TRP K 96 -40.62 30.80 -20.32
N ASP K 97 -40.21 31.75 -19.50
CA ASP K 97 -41.11 32.41 -18.57
C ASP K 97 -40.72 33.87 -18.40
N ARG K 98 -41.69 34.77 -18.54
CA ARG K 98 -41.43 36.21 -18.50
C ARG K 98 -40.88 36.66 -17.16
N ASP K 99 -41.19 35.91 -16.11
CA ASP K 99 -40.74 36.26 -14.76
C ASP K 99 -39.26 35.93 -14.56
N MET K 100 -38.69 35.14 -15.46
CA MET K 100 -37.31 34.72 -15.34
C MET K 100 -36.50 34.97 -16.62
N TYR L 1 -4.67 39.18 -34.10
CA TYR L 1 -3.67 38.48 -34.92
C TYR L 1 -3.15 37.26 -34.16
N LEU L 2 -3.47 36.07 -34.67
CA LEU L 2 -3.06 34.81 -34.06
C LEU L 2 -1.55 34.71 -33.90
N ARG L 3 -1.10 34.05 -32.85
CA ARG L 3 0.32 33.84 -32.64
C ARG L 3 0.84 32.73 -33.53
N TYR L 4 1.83 33.05 -34.35
CA TYR L 4 2.41 32.08 -35.27
C TYR L 4 3.90 31.93 -35.04
N VAL L 8 8.64 26.84 -36.51
CA VAL L 8 9.18 25.79 -35.66
C VAL L 8 8.09 24.79 -35.29
N GLY L 9 6.92 25.31 -34.90
CA GLY L 9 5.80 24.48 -34.51
C GLY L 9 5.71 24.29 -33.01
N GLU L 10 6.74 23.68 -32.43
CA GLU L 10 6.85 23.44 -30.99
C GLU L 10 5.66 22.65 -30.45
N TYR L 11 5.77 21.32 -30.51
CA TYR L 11 4.73 20.43 -30.03
C TYR L 11 4.86 20.19 -28.52
N ARG L 12 3.74 19.86 -27.88
CA ARG L 12 3.75 19.57 -26.45
C ARG L 12 4.49 18.27 -26.16
N GLY M 1 -29.30 -26.56 12.71
CA GLY M 1 -30.51 -25.78 12.58
C GLY M 1 -30.28 -24.32 12.93
N SER M 2 -29.59 -23.61 12.05
CA SER M 2 -29.20 -22.23 12.31
C SER M 2 -30.12 -21.21 11.65
N HIS M 3 -30.02 -19.97 12.10
CA HIS M 3 -30.72 -18.85 11.48
C HIS M 3 -29.76 -17.67 11.28
N SER M 4 -30.26 -16.61 10.67
CA SER M 4 -29.40 -15.46 10.40
C SER M 4 -30.18 -14.15 10.25
N LEU M 5 -29.72 -13.14 10.97
CA LEU M 5 -30.19 -11.77 10.80
C LEU M 5 -29.11 -10.94 10.13
N ARG M 6 -29.44 -10.25 9.04
CA ARG M 6 -28.45 -9.49 8.31
C ARG M 6 -29.05 -8.29 7.58
N TYR M 7 -28.35 -7.16 7.62
CA TYR M 7 -28.81 -5.92 7.00
C TYR M 7 -28.00 -5.58 5.76
N PHE M 8 -28.64 -4.87 4.82
CA PHE M 8 -28.02 -4.52 3.55
C PHE M 8 -28.10 -3.01 3.30
N TYR M 9 -26.94 -2.36 3.24
CA TYR M 9 -26.88 -0.93 2.94
C TYR M 9 -26.43 -0.67 1.51
N THR M 10 -27.06 0.31 0.85
CA THR M 10 -26.70 0.66 -0.52
C THR M 10 -26.89 2.15 -0.80
N ALA M 11 -25.85 2.79 -1.31
CA ALA M 11 -25.93 4.19 -1.69
C ALA M 11 -25.39 4.40 -3.10
N VAL M 12 -26.17 5.07 -3.95
CA VAL M 12 -25.75 5.35 -5.32
C VAL M 12 -25.73 6.85 -5.58
N SER M 13 -24.77 7.29 -6.38
CA SER M 13 -24.62 8.72 -6.67
C SER M 13 -25.44 9.15 -7.88
N ARG M 14 -26.21 10.21 -7.71
CA ARG M 14 -26.92 10.83 -8.82
C ARG M 14 -26.41 12.26 -9.00
N PRO M 15 -25.25 12.40 -9.67
CA PRO M 15 -24.55 13.67 -9.80
C PRO M 15 -25.37 14.73 -10.51
N GLY M 16 -25.67 15.82 -9.80
CA GLY M 16 -26.41 16.92 -10.38
C GLY M 16 -27.89 16.66 -10.52
N LEU M 17 -28.42 15.72 -9.73
CA LEU M 17 -29.86 15.48 -9.70
C LEU M 17 -30.46 14.68 -8.51
N GLY M 18 -29.94 14.75 -7.29
CA GLY M 18 -28.80 15.53 -6.87
C GLY M 18 -28.24 14.94 -5.59
N GLU M 19 -29.13 14.30 -4.83
CA GLU M 19 -28.76 13.66 -3.57
C GLU M 19 -28.69 12.14 -3.72
N PRO M 20 -27.70 11.52 -3.09
CA PRO M 20 -27.53 10.06 -3.14
C PRO M 20 -28.70 9.31 -2.52
N ARG M 21 -29.21 8.31 -3.24
CA ARG M 21 -30.27 7.45 -2.73
C ARG M 21 -29.67 6.43 -1.76
N PHE M 22 -30.37 6.19 -0.65
CA PHE M 22 -29.87 5.24 0.35
C PHE M 22 -30.94 4.22 0.72
N ILE M 23 -30.63 2.94 0.48
CA ILE M 23 -31.55 1.86 0.80
C ILE M 23 -31.00 0.98 1.92
N ALA M 24 -31.82 0.74 2.93
CA ALA M 24 -31.45 -0.17 4.01
C ALA M 24 -32.47 -1.31 4.10
N VAL M 25 -32.02 -2.52 3.77
CA VAL M 25 -32.89 -3.69 3.81
C VAL M 25 -32.49 -4.61 4.94
N GLY M 26 -33.47 -5.28 5.54
CA GLY M 26 -33.22 -6.21 6.62
C GLY M 26 -33.72 -7.60 6.30
N TYR M 27 -32.98 -8.61 6.74
CA TYR M 27 -33.34 -10.00 6.43
C TYR M 27 -33.25 -10.91 7.64
N VAL M 28 -34.30 -11.69 7.86
CA VAL M 28 -34.22 -12.85 8.74
C VAL M 28 -34.27 -14.09 7.86
N ASP M 29 -33.19 -14.89 7.91
CA ASP M 29 -32.97 -15.95 6.94
C ASP M 29 -33.01 -15.37 5.52
N ASP M 30 -33.98 -15.80 4.73
CA ASP M 30 -34.16 -15.27 3.38
C ASP M 30 -35.44 -14.43 3.31
N THR M 31 -36.04 -14.18 4.46
CA THR M 31 -37.26 -13.38 4.53
C THR M 31 -36.94 -11.92 4.81
N GLU M 32 -37.19 -11.06 3.83
CA GLU M 32 -37.09 -9.62 4.03
C GLU M 32 -38.21 -9.19 4.98
N PHE M 33 -37.86 -8.44 6.02
CA PHE M 33 -38.85 -8.10 7.04
C PHE M 33 -38.91 -6.60 7.34
N VAL M 34 -38.05 -5.83 6.68
CA VAL M 34 -37.99 -4.38 6.92
C VAL M 34 -37.16 -3.66 5.85
N ARG M 35 -37.57 -2.44 5.50
CA ARG M 35 -36.89 -1.68 4.44
C ARG M 35 -37.05 -0.17 4.57
N PHE M 36 -35.96 0.56 4.31
CA PHE M 36 -35.93 2.02 4.35
C PHE M 36 -35.36 2.54 3.03
N ASP M 37 -36.14 3.36 2.32
CA ASP M 37 -35.68 3.95 1.06
C ASP M 37 -35.78 5.47 1.08
N SER M 38 -34.72 6.13 0.60
CA SER M 38 -34.65 7.59 0.61
C SER M 38 -35.62 8.21 -0.39
N ASP M 39 -35.93 7.49 -1.46
CA ASP M 39 -36.82 7.98 -2.50
C ASP M 39 -38.28 7.74 -2.16
N ALA M 40 -38.56 7.49 -0.87
CA ALA M 40 -39.92 7.37 -0.41
C ALA M 40 -40.53 8.74 -0.20
N GLU M 41 -41.83 8.85 -0.40
CA GLU M 41 -42.55 10.11 -0.21
C GLU M 41 -42.44 10.57 1.25
N ASN M 42 -42.40 9.61 2.16
CA ASN M 42 -42.10 9.89 3.56
C ASN M 42 -41.14 8.85 4.12
N PRO M 43 -39.83 9.09 3.95
CA PRO M 43 -38.73 8.19 4.31
C PRO M 43 -38.84 7.68 5.75
N ARG M 44 -39.02 6.37 5.91
CA ARG M 44 -39.14 5.77 7.23
C ARG M 44 -38.91 4.26 7.17
N MET M 45 -38.41 3.71 8.27
CA MET M 45 -38.25 2.27 8.41
C MET M 45 -39.61 1.58 8.41
N GLU M 46 -39.89 0.80 7.38
CA GLU M 46 -41.20 0.16 7.23
C GLU M 46 -41.13 -1.37 7.26
N PRO M 47 -42.19 -2.02 7.75
CA PRO M 47 -42.28 -3.48 7.76
C PRO M 47 -42.37 -4.07 6.36
N ARG M 48 -41.91 -5.31 6.17
CA ARG M 48 -41.98 -5.97 4.88
C ARG M 48 -42.46 -7.41 5.05
N ALA M 49 -42.44 -7.85 6.30
CA ALA M 49 -43.14 -9.07 6.71
C ALA M 49 -44.28 -8.63 7.63
N ARG M 50 -45.36 -9.40 7.66
CA ARG M 50 -46.55 -8.92 8.37
C ARG M 50 -46.57 -9.38 9.82
N TRP M 51 -45.63 -10.26 10.18
CA TRP M 51 -45.40 -10.61 11.56
C TRP M 51 -44.62 -9.52 12.27
N MET M 52 -44.19 -8.53 11.50
CA MET M 52 -43.47 -7.39 12.03
C MET M 52 -44.39 -6.20 12.27
N GLU M 53 -45.64 -6.28 11.81
CA GLU M 53 -46.51 -5.12 11.76
C GLU M 53 -47.13 -4.74 13.09
N ARG M 54 -46.90 -5.54 14.13
CA ARG M 54 -47.32 -5.16 15.47
C ARG M 54 -46.12 -5.07 16.39
N GLU M 55 -45.31 -4.03 16.19
CA GLU M 55 -44.22 -3.72 17.09
C GLU M 55 -44.43 -2.30 17.59
N GLY M 56 -43.99 -2.01 18.81
CA GLY M 56 -44.15 -0.69 19.40
C GLY M 56 -43.57 0.38 18.49
N PRO M 57 -44.34 1.47 18.27
CA PRO M 57 -43.92 2.57 17.40
C PRO M 57 -42.58 3.20 17.81
N GLU M 58 -42.12 2.92 19.03
CA GLU M 58 -40.78 3.33 19.45
C GLU M 58 -39.73 2.60 18.63
N TYR M 59 -40.01 1.33 18.32
CA TYR M 59 -39.13 0.53 17.48
C TYR M 59 -38.94 1.23 16.14
N TRP M 60 -40.04 1.44 15.41
CA TRP M 60 -39.99 2.07 14.11
C TRP M 60 -39.42 3.48 14.17
N GLU M 61 -39.61 4.14 15.31
CA GLU M 61 -39.06 5.48 15.51
C GLU M 61 -37.53 5.42 15.60
N GLN M 62 -37.03 4.48 16.39
CA GLN M 62 -35.59 4.37 16.60
C GLN M 62 -34.90 3.77 15.38
N GLN M 63 -35.59 2.87 14.69
CA GLN M 63 -35.02 2.24 13.51
C GLN M 63 -34.90 3.22 12.36
N THR M 64 -35.92 4.06 12.18
CA THR M 64 -35.89 5.06 11.11
C THR M 64 -34.90 6.16 11.42
N ARG M 65 -34.56 6.31 12.70
CA ARG M 65 -33.64 7.34 13.16
C ARG M 65 -32.20 6.97 12.81
N ILE M 66 -31.87 5.70 12.97
CA ILE M 66 -30.53 5.20 12.70
C ILE M 66 -30.29 5.01 11.21
N ALA M 67 -31.33 4.56 10.51
CA ALA M 67 -31.25 4.39 9.06
C ALA M 67 -31.00 5.74 8.38
N LYS M 68 -31.48 6.81 9.00
CA LYS M 68 -31.28 8.16 8.49
C LYS M 68 -29.86 8.64 8.75
N GLU M 69 -29.29 8.24 9.88
CA GLU M 69 -27.96 8.70 10.27
C GLU M 69 -26.86 7.91 9.55
N TRP M 70 -27.21 6.73 9.05
CA TRP M 70 -26.31 6.00 8.17
C TRP M 70 -26.38 6.57 6.75
N GLU M 71 -27.51 7.18 6.42
CA GLU M 71 -27.70 7.84 5.13
C GLU M 71 -26.75 9.02 5.01
N GLN M 72 -26.42 9.63 6.15
CA GLN M 72 -25.52 10.78 6.17
C GLN M 72 -24.06 10.35 6.12
N ILE M 73 -23.73 9.29 6.86
CA ILE M 73 -22.39 8.71 6.85
C ILE M 73 -22.01 8.29 5.43
N TYR M 74 -22.96 7.74 4.71
CA TYR M 74 -22.73 7.27 3.36
C TYR M 74 -22.58 8.41 2.35
N ARG M 75 -23.24 9.53 2.60
CA ARG M 75 -23.09 10.70 1.74
C ARG M 75 -21.71 11.31 1.87
N VAL M 76 -21.13 11.21 3.06
CA VAL M 76 -19.79 11.70 3.30
C VAL M 76 -18.75 10.75 2.69
N ASP M 77 -18.95 9.46 2.91
CA ASP M 77 -18.01 8.44 2.43
C ASP M 77 -17.95 8.35 0.90
N LEU M 78 -19.08 8.62 0.25
CA LEU M 78 -19.13 8.60 -1.21
C LEU M 78 -18.16 9.61 -1.81
N ARG M 79 -17.98 10.73 -1.11
CA ARG M 79 -17.01 11.74 -1.52
C ARG M 79 -15.60 11.32 -1.10
N THR M 80 -15.48 10.84 0.14
CA THR M 80 -14.20 10.43 0.71
C THR M 80 -13.53 9.36 -0.15
N LEU M 81 -14.30 8.41 -0.65
CA LEU M 81 -13.75 7.34 -1.48
C LEU M 81 -13.58 7.80 -2.94
N ARG M 82 -14.29 8.85 -3.33
CA ARG M 82 -14.07 9.44 -4.64
C ARG M 82 -12.71 10.13 -4.65
N GLY M 83 -12.27 10.57 -3.46
CA GLY M 83 -10.98 11.19 -3.31
C GLY M 83 -9.84 10.17 -3.24
N TYR M 84 -10.08 9.06 -2.55
CA TYR M 84 -9.08 8.00 -2.42
C TYR M 84 -8.66 7.44 -3.78
N TYR M 85 -9.60 7.39 -4.71
CA TYR M 85 -9.36 6.78 -6.01
C TYR M 85 -9.03 7.82 -7.10
N ASN M 86 -9.18 9.10 -6.76
CA ASN M 86 -8.95 10.19 -7.71
C ASN M 86 -9.83 10.05 -8.95
N GLN M 87 -11.10 10.42 -8.82
CA GLN M 87 -12.06 10.20 -9.89
C GLN M 87 -12.85 11.44 -10.28
N SER M 88 -12.77 11.81 -11.56
CA SER M 88 -13.63 12.81 -12.21
C SER M 88 -14.26 13.87 -11.30
N GLU M 89 -15.60 13.93 -11.34
CA GLU M 89 -16.35 14.88 -10.53
C GLU M 89 -17.84 14.55 -10.57
N GLY M 90 -18.31 14.08 -11.73
CA GLY M 90 -19.73 13.83 -11.92
C GLY M 90 -20.05 12.48 -12.52
N GLY M 91 -19.52 11.43 -11.92
CA GLY M 91 -19.85 10.07 -12.31
C GLY M 91 -20.68 9.39 -11.23
N SER M 92 -21.38 8.33 -11.58
CA SER M 92 -22.21 7.61 -10.62
C SER M 92 -21.41 6.50 -9.92
N HIS M 93 -21.47 6.48 -8.59
CA HIS M 93 -20.73 5.50 -7.81
C HIS M 93 -21.62 4.73 -6.85
N THR M 94 -21.12 3.60 -6.36
CA THR M 94 -21.91 2.71 -5.51
C THR M 94 -21.14 2.22 -4.29
N ILE M 95 -21.73 2.40 -3.11
CA ILE M 95 -21.19 1.80 -1.89
C ILE M 95 -22.18 0.82 -1.28
N GLN M 96 -21.81 -0.45 -1.24
CA GLN M 96 -22.65 -1.49 -0.65
C GLN M 96 -22.01 -1.99 0.63
N GLU M 97 -22.83 -2.55 1.52
CA GLU M 97 -22.34 -3.14 2.76
C GLU M 97 -23.33 -4.14 3.32
N MET M 98 -22.83 -5.31 3.68
CA MET M 98 -23.66 -6.35 4.29
C MET M 98 -23.09 -6.72 5.66
N TYR M 99 -23.95 -6.72 6.67
CA TYR M 99 -23.53 -7.14 8.01
C TYR M 99 -24.64 -7.85 8.75
N GLY M 100 -24.25 -8.77 9.63
CA GLY M 100 -25.21 -9.54 10.41
C GLY M 100 -24.54 -10.66 11.18
N CYS M 101 -25.29 -11.71 11.47
CA CYS M 101 -24.77 -12.81 12.26
C CYS M 101 -25.52 -14.11 12.02
N ASP M 102 -24.77 -15.21 11.96
CA ASP M 102 -25.36 -16.54 11.86
C ASP M 102 -25.44 -17.15 13.25
N VAL M 103 -26.64 -17.56 13.65
CA VAL M 103 -26.84 -18.15 14.96
C VAL M 103 -27.43 -19.56 14.85
N GLY M 104 -26.79 -20.51 15.51
CA GLY M 104 -27.19 -21.91 15.43
C GLY M 104 -28.44 -22.30 16.19
N SER M 105 -28.51 -23.57 16.58
CA SER M 105 -29.69 -24.13 17.22
C SER M 105 -29.89 -23.61 18.64
N ASP M 106 -28.89 -23.79 19.49
CA ASP M 106 -28.99 -23.43 20.91
C ASP M 106 -29.18 -21.94 21.11
N GLY M 107 -28.69 -21.13 20.17
CA GLY M 107 -28.87 -19.69 20.24
C GLY M 107 -27.56 -18.93 20.35
N SER M 108 -26.45 -19.65 20.34
CA SER M 108 -25.14 -19.02 20.41
C SER M 108 -24.68 -18.52 19.04
N LEU M 109 -23.65 -17.66 19.04
CA LEU M 109 -23.15 -17.09 17.79
C LEU M 109 -22.21 -18.04 17.07
N LEU M 110 -22.47 -18.24 15.78
CA LEU M 110 -21.58 -19.03 14.93
C LEU M 110 -20.60 -18.13 14.18
N ARG M 111 -21.14 -17.27 13.33
CA ARG M 111 -20.33 -16.40 12.49
C ARG M 111 -20.83 -14.96 12.54
N GLY M 112 -19.89 -14.02 12.61
CA GLY M 112 -20.20 -12.60 12.54
C GLY M 112 -19.43 -11.98 11.39
N TYR M 113 -20.03 -10.98 10.73
CA TYR M 113 -19.42 -10.40 9.55
C TYR M 113 -19.90 -8.98 9.25
N ARG M 114 -19.01 -8.19 8.65
CA ARG M 114 -19.35 -6.87 8.15
C ARG M 114 -18.49 -6.53 6.95
N GLN M 115 -18.99 -6.82 5.75
CA GLN M 115 -18.26 -6.58 4.52
C GLN M 115 -18.87 -5.40 3.76
N ASP M 116 -18.06 -4.74 2.93
CA ASP M 116 -18.58 -3.65 2.12
C ASP M 116 -17.89 -3.60 0.75
N ALA M 117 -18.46 -2.84 -0.17
CA ALA M 117 -17.94 -2.77 -1.53
C ALA M 117 -18.10 -1.39 -2.15
N TYR M 118 -17.13 -1.00 -2.96
CA TYR M 118 -17.21 0.26 -3.70
C TYR M 118 -17.20 -0.02 -5.19
N ASP M 119 -18.23 0.47 -5.88
CA ASP M 119 -18.45 0.18 -7.30
C ASP M 119 -18.48 -1.31 -7.59
N GLY M 120 -19.13 -2.07 -6.71
CA GLY M 120 -19.35 -3.49 -6.93
C GLY M 120 -18.13 -4.37 -6.76
N ARG M 121 -17.10 -3.87 -6.07
CA ARG M 121 -15.90 -4.65 -5.81
C ARG M 121 -15.53 -4.60 -4.34
N ASP M 122 -14.98 -5.71 -3.82
CA ASP M 122 -14.60 -5.83 -2.41
C ASP M 122 -13.82 -4.62 -1.92
N TYR M 123 -14.11 -4.18 -0.70
CA TYR M 123 -13.40 -3.06 -0.10
C TYR M 123 -12.70 -3.50 1.17
N ILE M 124 -13.38 -3.43 2.31
CA ILE M 124 -12.80 -3.89 3.57
C ILE M 124 -13.76 -4.79 4.33
N ALA M 125 -13.26 -5.92 4.82
CA ALA M 125 -14.10 -6.90 5.49
C ALA M 125 -13.55 -7.32 6.84
N LEU M 126 -14.45 -7.44 7.82
CA LEU M 126 -14.08 -7.93 9.14
C LEU M 126 -13.93 -9.45 9.07
N ASN M 127 -12.89 -9.97 9.72
CA ASN M 127 -12.65 -11.41 9.70
C ASN M 127 -13.44 -12.14 10.79
N GLU M 128 -13.39 -13.47 10.76
CA GLU M 128 -14.22 -14.30 11.64
C GLU M 128 -13.87 -14.13 13.11
N ASP M 129 -12.66 -13.64 13.40
CA ASP M 129 -12.23 -13.42 14.77
C ASP M 129 -12.87 -12.15 15.34
N LEU M 130 -13.44 -11.35 14.45
CA LEU M 130 -14.08 -10.09 14.81
C LEU M 130 -13.10 -9.14 15.49
N LYS M 131 -11.85 -9.16 15.05
CA LYS M 131 -10.80 -8.34 15.64
C LYS M 131 -9.93 -7.67 14.57
N THR M 132 -9.81 -8.30 13.42
CA THR M 132 -8.90 -7.82 12.38
C THR M 132 -9.58 -7.60 11.03
N TRP M 133 -9.02 -6.71 10.22
CA TRP M 133 -9.58 -6.35 8.93
C TRP M 133 -8.78 -6.91 7.77
N THR M 134 -9.46 -7.13 6.64
CA THR M 134 -8.79 -7.54 5.41
C THR M 134 -9.19 -6.59 4.28
N ALA M 135 -8.23 -5.76 3.84
CA ALA M 135 -8.49 -4.75 2.83
C ALA M 135 -8.21 -5.28 1.42
N ALA M 136 -8.91 -4.73 0.44
CA ALA M 136 -8.81 -5.23 -0.93
C ALA M 136 -7.75 -4.48 -1.75
N ASP M 137 -7.68 -3.16 -1.58
CA ASP M 137 -6.72 -2.35 -2.32
C ASP M 137 -6.13 -1.24 -1.46
N PHE M 138 -5.29 -0.40 -2.08
CA PHE M 138 -4.62 0.70 -1.40
C PHE M 138 -5.59 1.62 -0.66
N ALA M 139 -6.76 1.84 -1.24
CA ALA M 139 -7.75 2.75 -0.67
C ALA M 139 -8.41 2.14 0.56
N ALA M 140 -8.63 0.84 0.52
CA ALA M 140 -9.21 0.14 1.66
C ALA M 140 -8.20 0.04 2.79
N GLN M 141 -6.91 0.06 2.43
CA GLN M 141 -5.85 0.07 3.43
C GLN M 141 -5.88 1.38 4.22
N ILE M 142 -6.28 2.46 3.55
CA ILE M 142 -6.41 3.75 4.20
C ILE M 142 -7.47 3.70 5.29
N THR M 143 -8.61 3.11 4.97
CA THR M 143 -9.70 2.98 5.92
C THR M 143 -9.32 2.06 7.07
N ARG M 144 -8.72 0.92 6.74
CA ARG M 144 -8.26 -0.03 7.75
C ARG M 144 -7.29 0.63 8.72
N ASN M 145 -6.38 1.43 8.19
CA ASN M 145 -5.42 2.17 9.00
C ASN M 145 -6.13 3.09 9.97
N LYS M 146 -7.17 3.76 9.50
CA LYS M 146 -7.93 4.69 10.34
C LYS M 146 -8.79 3.95 11.35
N TRP M 147 -9.42 2.87 10.92
CA TRP M 147 -10.31 2.10 11.79
C TRP M 147 -9.54 1.36 12.89
N GLU M 148 -8.32 0.93 12.59
CA GLU M 148 -7.49 0.28 13.60
C GLU M 148 -7.11 1.27 14.68
N ARG M 149 -6.82 2.50 14.27
CA ARG M 149 -6.50 3.57 15.21
C ARG M 149 -7.71 3.92 16.08
N ALA M 150 -8.90 3.82 15.50
CA ALA M 150 -10.12 4.19 16.19
C ALA M 150 -10.67 3.05 17.06
N ARG M 151 -10.00 1.90 17.00
CA ARG M 151 -10.42 0.69 17.73
C ARG M 151 -11.88 0.37 17.43
N TYR M 152 -12.22 0.34 16.13
CA TYR M 152 -13.60 0.30 15.69
C TYR M 152 -14.17 -1.12 15.63
N ALA M 153 -13.32 -2.12 15.42
CA ALA M 153 -13.76 -3.51 15.31
C ALA M 153 -14.39 -4.00 16.61
N GLU M 154 -13.96 -3.43 17.71
CA GLU M 154 -14.46 -3.84 19.02
C GLU M 154 -15.93 -3.48 19.20
N ARG M 155 -16.35 -2.38 18.58
CA ARG M 155 -17.76 -1.98 18.59
C ARG M 155 -18.61 -2.98 17.83
N LEU M 156 -18.19 -3.32 16.62
CA LEU M 156 -18.90 -4.28 15.80
C LEU M 156 -18.94 -5.63 16.49
N ARG M 157 -17.83 -6.00 17.12
CA ARG M 157 -17.75 -7.23 17.89
C ARG M 157 -18.77 -7.19 19.02
N ALA M 158 -18.90 -6.03 19.66
CA ALA M 158 -19.86 -5.85 20.74
C ALA M 158 -21.29 -5.99 20.22
N TYR M 159 -21.55 -5.42 19.04
CA TYR M 159 -22.88 -5.48 18.45
C TYR M 159 -23.25 -6.89 18.01
N LEU M 160 -22.38 -7.50 17.21
CA LEU M 160 -22.65 -8.82 16.63
C LEU M 160 -22.79 -9.91 17.71
N GLU M 161 -21.96 -9.83 18.75
CA GLU M 161 -22.01 -10.81 19.82
C GLU M 161 -23.25 -10.66 20.70
N GLY M 162 -23.64 -9.41 20.97
CA GLY M 162 -24.73 -9.15 21.90
C GLY M 162 -25.69 -8.04 21.50
N THR M 163 -26.43 -8.27 20.43
CA THR M 163 -27.53 -7.40 20.00
C THR M 163 -28.16 -8.02 18.77
N CYS M 164 -27.31 -8.30 17.78
CA CYS M 164 -27.72 -9.03 16.59
C CYS M 164 -28.32 -10.37 17.00
N VAL M 165 -27.61 -11.07 17.90
CA VAL M 165 -28.08 -12.35 18.41
C VAL M 165 -29.38 -12.21 19.19
N GLU M 166 -29.40 -11.25 20.12
CA GLU M 166 -30.56 -11.03 20.98
C GLU M 166 -31.83 -10.72 20.21
N TRP M 167 -31.72 -9.85 19.23
CA TRP M 167 -32.89 -9.41 18.47
C TRP M 167 -33.28 -10.40 17.37
N LEU M 168 -32.34 -11.25 16.97
CA LEU M 168 -32.65 -12.30 16.01
C LEU M 168 -33.60 -13.31 16.64
N SER M 169 -33.33 -13.66 17.89
CA SER M 169 -34.18 -14.56 18.64
C SER M 169 -35.56 -13.96 18.84
N ARG M 170 -35.59 -12.65 19.10
CA ARG M 170 -36.83 -11.93 19.26
C ARG M 170 -37.65 -11.96 17.99
N TYR M 171 -36.99 -11.71 16.86
CA TYR M 171 -37.65 -11.75 15.55
C TYR M 171 -38.16 -13.16 15.24
N LEU M 172 -37.41 -14.17 15.65
CA LEU M 172 -37.79 -15.56 15.41
C LEU M 172 -39.04 -15.94 16.19
N GLU M 173 -39.21 -15.36 17.38
CA GLU M 173 -40.42 -15.56 18.16
C GLU M 173 -41.60 -14.85 17.50
N LEU M 174 -41.37 -13.60 17.08
CA LEU M 174 -42.41 -12.80 16.45
C LEU M 174 -42.92 -13.41 15.15
N GLY M 175 -42.10 -14.24 14.52
CA GLY M 175 -42.48 -14.87 13.26
C GLY M 175 -42.24 -16.36 13.27
N LYS M 176 -42.51 -17.00 14.41
CA LYS M 176 -42.30 -18.43 14.57
C LYS M 176 -43.14 -19.27 13.60
N GLU M 177 -44.24 -18.69 13.13
CA GLU M 177 -45.21 -19.43 12.31
C GLU M 177 -44.87 -19.40 10.82
N THR M 178 -43.92 -18.55 10.43
CA THR M 178 -43.53 -18.46 9.03
C THR M 178 -42.03 -18.63 8.84
N LEU M 179 -41.24 -18.01 9.70
CA LEU M 179 -39.79 -18.16 9.64
C LEU M 179 -39.42 -19.63 9.81
N LEU M 180 -40.08 -20.26 10.78
CA LEU M 180 -39.93 -21.70 10.98
C LEU M 180 -40.99 -22.44 10.16
N ARG M 181 -40.60 -22.90 8.98
CA ARG M 181 -41.51 -23.63 8.11
C ARG M 181 -40.72 -24.42 7.09
N SER M 182 -41.39 -25.31 6.38
CA SER M 182 -40.74 -26.06 5.32
C SER M 182 -41.72 -26.39 4.20
N ASP M 183 -41.40 -25.90 3.00
CA ASP M 183 -42.11 -26.28 1.81
C ASP M 183 -41.24 -27.22 1.01
N PRO M 184 -41.46 -28.54 1.13
CA PRO M 184 -40.67 -29.49 0.34
C PRO M 184 -40.93 -29.33 -1.16
N PRO M 185 -39.87 -29.37 -1.96
CA PRO M 185 -40.01 -29.21 -3.42
C PRO M 185 -40.76 -30.38 -4.04
N GLU M 186 -41.35 -30.16 -5.21
CA GLU M 186 -41.98 -31.23 -5.97
C GLU M 186 -41.24 -31.41 -7.29
N ALA M 187 -40.47 -32.49 -7.39
CA ALA M 187 -39.65 -32.74 -8.57
C ALA M 187 -40.39 -33.54 -9.63
N HIS M 188 -40.07 -33.28 -10.89
CA HIS M 188 -40.61 -34.02 -12.01
C HIS M 188 -39.70 -33.85 -13.24
N VAL M 189 -39.46 -34.94 -13.95
CA VAL M 189 -38.52 -34.92 -15.08
C VAL M 189 -39.23 -34.81 -16.42
N THR M 190 -38.89 -33.76 -17.17
CA THR M 190 -39.41 -33.59 -18.52
C THR M 190 -38.36 -34.00 -19.54
N LEU M 191 -38.81 -34.38 -20.74
CA LEU M 191 -37.93 -34.95 -21.74
C LEU M 191 -37.98 -34.14 -23.04
N HIS M 192 -36.84 -33.56 -23.42
CA HIS M 192 -36.76 -32.70 -24.59
C HIS M 192 -35.76 -33.23 -25.61
N PRO M 193 -36.24 -34.01 -26.60
CA PRO M 193 -35.37 -34.58 -27.62
C PRO M 193 -34.74 -33.51 -28.51
N ARG M 194 -33.45 -33.67 -28.80
CA ARG M 194 -32.74 -32.73 -29.65
C ARG M 194 -32.62 -33.28 -31.07
N PRO M 195 -32.61 -32.40 -32.07
CA PRO M 195 -32.55 -32.82 -33.49
C PRO M 195 -31.21 -33.44 -33.89
N GLU M 196 -30.52 -34.06 -32.93
CA GLU M 196 -29.22 -34.65 -33.17
C GLU M 196 -29.22 -36.11 -32.74
N GLY M 197 -30.35 -36.56 -32.19
CA GLY M 197 -30.48 -37.93 -31.74
C GLY M 197 -30.66 -38.03 -30.23
N ASP M 198 -29.75 -37.39 -29.50
CA ASP M 198 -29.78 -37.42 -28.04
C ASP M 198 -30.91 -36.57 -27.48
N VAL M 199 -31.25 -36.80 -26.21
CA VAL M 199 -32.35 -36.09 -25.57
C VAL M 199 -31.88 -35.31 -24.35
N THR M 200 -32.55 -34.19 -24.07
CA THR M 200 -32.28 -33.42 -22.87
C THR M 200 -33.25 -33.80 -21.74
N LEU M 201 -32.71 -34.32 -20.65
CA LEU M 201 -33.51 -34.65 -19.49
C LEU M 201 -33.49 -33.47 -18.52
N ARG M 202 -34.67 -32.96 -18.17
CA ARG M 202 -34.76 -31.78 -17.30
C ARG M 202 -35.44 -32.11 -15.98
N CYS M 203 -34.70 -31.96 -14.89
CA CYS M 203 -35.22 -32.22 -13.55
C CYS M 203 -35.68 -30.94 -12.88
N TRP M 204 -36.98 -30.84 -12.64
CA TRP M 204 -37.57 -29.64 -12.04
C TRP M 204 -37.65 -29.75 -10.52
N ALA M 205 -37.82 -28.61 -9.87
CA ALA M 205 -38.00 -28.55 -8.41
C ALA M 205 -38.57 -27.20 -8.04
N LEU M 206 -39.86 -27.17 -7.71
CA LEU M 206 -40.55 -25.90 -7.49
C LEU M 206 -41.22 -25.82 -6.13
N GLY M 207 -41.65 -24.60 -5.78
CA GLY M 207 -42.42 -24.36 -4.58
C GLY M 207 -41.74 -24.67 -3.27
N PHE M 208 -40.41 -24.55 -3.22
CA PHE M 208 -39.69 -24.89 -2.01
C PHE M 208 -39.15 -23.66 -1.26
N TYR M 209 -39.18 -23.74 0.06
CA TYR M 209 -38.60 -22.73 0.93
C TYR M 209 -37.90 -23.43 2.09
N PRO M 210 -36.67 -22.98 2.44
CA PRO M 210 -35.91 -21.85 1.88
C PRO M 210 -35.30 -22.14 0.51
N ALA M 211 -34.45 -21.22 0.04
CA ALA M 211 -33.94 -21.26 -1.33
C ALA M 211 -32.79 -22.26 -1.53
N ASP M 212 -32.21 -22.73 -0.44
CA ASP M 212 -31.11 -23.69 -0.53
C ASP M 212 -31.60 -25.06 -1.01
N ILE M 213 -30.95 -25.57 -2.05
CA ILE M 213 -31.30 -26.87 -2.62
C ILE M 213 -30.17 -27.35 -3.53
N THR M 214 -30.04 -28.67 -3.67
CA THR M 214 -29.06 -29.23 -4.59
C THR M 214 -29.71 -30.20 -5.56
N LEU M 215 -29.53 -29.95 -6.85
CA LEU M 215 -29.99 -30.86 -7.88
C LEU M 215 -28.80 -31.61 -8.47
N THR M 216 -28.92 -32.94 -8.56
CA THR M 216 -27.82 -33.74 -9.07
C THR M 216 -28.32 -34.90 -9.93
N TRP M 217 -27.94 -34.89 -11.20
CA TRP M 217 -28.21 -36.01 -12.09
C TRP M 217 -27.19 -37.11 -11.86
N GLN M 218 -27.63 -38.36 -12.02
CA GLN M 218 -26.78 -39.51 -11.79
C GLN M 218 -27.25 -40.72 -12.59
N LEU M 219 -26.34 -41.31 -13.35
CA LEU M 219 -26.55 -42.62 -13.92
C LEU M 219 -26.34 -43.61 -12.78
N ASN M 220 -27.39 -44.35 -12.43
CA ASN M 220 -27.32 -45.40 -11.42
C ASN M 220 -26.88 -44.86 -10.08
N GLY M 221 -25.56 -44.87 -9.87
CA GLY M 221 -24.99 -44.41 -8.60
C GLY M 221 -23.70 -43.63 -8.75
N GLU M 222 -23.63 -42.75 -9.74
CA GLU M 222 -22.45 -41.92 -9.91
C GLU M 222 -22.82 -40.50 -10.35
N ASP M 223 -22.34 -39.48 -9.64
CA ASP M 223 -22.65 -38.09 -9.95
C ASP M 223 -22.05 -37.65 -11.30
N LEU M 224 -22.79 -36.88 -12.07
CA LEU M 224 -22.32 -36.37 -13.35
C LEU M 224 -22.49 -34.86 -13.43
N THR M 225 -21.78 -34.16 -12.55
CA THR M 225 -21.91 -32.71 -12.42
C THR M 225 -21.04 -31.95 -13.44
N GLN M 226 -20.52 -32.66 -14.44
CA GLN M 226 -19.65 -32.04 -15.43
C GLN M 226 -20.39 -31.72 -16.73
N ASP M 227 -21.44 -32.48 -17.02
CA ASP M 227 -22.20 -32.29 -18.25
C ASP M 227 -23.57 -31.68 -17.97
N MET M 228 -23.84 -31.43 -16.69
CA MET M 228 -25.10 -30.80 -16.29
C MET M 228 -25.18 -29.35 -16.75
N GLU M 229 -26.41 -28.88 -16.94
CA GLU M 229 -26.66 -27.45 -17.07
C GLU M 229 -27.52 -27.02 -15.89
N LEU M 230 -26.97 -26.18 -15.02
CA LEU M 230 -27.68 -25.74 -13.83
C LEU M 230 -28.12 -24.29 -13.98
N VAL M 231 -29.25 -23.95 -13.37
CA VAL M 231 -29.81 -22.61 -13.45
C VAL M 231 -30.00 -22.04 -12.05
N GLU M 232 -29.72 -20.74 -11.90
CA GLU M 232 -29.86 -20.07 -10.60
C GLU M 232 -31.26 -20.21 -10.01
N THR M 233 -31.31 -20.47 -8.70
CA THR M 233 -32.59 -20.54 -7.99
C THR M 233 -33.33 -19.21 -8.14
N ARG M 234 -34.60 -19.29 -8.49
CA ARG M 234 -35.38 -18.11 -8.83
C ARG M 234 -36.69 -18.04 -8.05
N PRO M 235 -37.06 -16.84 -7.57
CA PRO M 235 -38.30 -16.64 -6.82
C PRO M 235 -39.54 -16.83 -7.69
N ALA M 236 -40.56 -17.48 -7.14
CA ALA M 236 -41.80 -17.70 -7.88
C ALA M 236 -42.75 -16.53 -7.72
N GLY M 237 -42.67 -15.85 -6.59
CA GLY M 237 -43.52 -14.71 -6.31
C GLY M 237 -44.37 -14.90 -5.07
N ASP M 238 -44.50 -16.14 -4.62
CA ASP M 238 -45.30 -16.46 -3.45
C ASP M 238 -44.45 -16.69 -2.21
N GLY M 239 -43.17 -16.36 -2.32
CA GLY M 239 -42.24 -16.58 -1.23
C GLY M 239 -41.47 -17.88 -1.40
N THR M 240 -41.99 -18.73 -2.27
CA THR M 240 -41.34 -20.00 -2.59
C THR M 240 -40.37 -19.83 -3.76
N PHE M 241 -39.51 -20.82 -3.97
CA PHE M 241 -38.49 -20.75 -5.01
C PHE M 241 -38.61 -21.91 -5.99
N GLN M 242 -37.76 -21.90 -7.01
CA GLN M 242 -37.73 -22.99 -7.98
C GLN M 242 -36.38 -23.06 -8.70
N LYS M 243 -36.08 -24.22 -9.26
CA LYS M 243 -34.79 -24.48 -9.88
C LYS M 243 -34.87 -25.72 -10.76
N TRP M 244 -34.07 -25.76 -11.83
CA TRP M 244 -34.01 -26.95 -12.67
C TRP M 244 -32.61 -27.23 -13.21
N ALA M 245 -32.28 -28.52 -13.31
CA ALA M 245 -31.00 -28.95 -13.87
C ALA M 245 -31.25 -29.90 -15.04
N SER M 246 -30.28 -30.00 -15.95
CA SER M 246 -30.47 -30.83 -17.14
C SER M 246 -29.20 -31.46 -17.68
N VAL M 247 -29.29 -32.73 -18.07
CA VAL M 247 -28.19 -33.44 -18.73
C VAL M 247 -28.59 -33.85 -20.14
N VAL M 248 -27.60 -34.04 -20.99
CA VAL M 248 -27.84 -34.55 -22.34
C VAL M 248 -27.39 -36.00 -22.44
N VAL M 249 -28.34 -36.89 -22.70
CA VAL M 249 -28.09 -38.33 -22.64
C VAL M 249 -28.51 -39.03 -23.94
N PRO M 250 -27.93 -40.21 -24.22
CA PRO M 250 -28.29 -40.96 -25.43
C PRO M 250 -29.73 -41.46 -25.44
N LEU M 251 -30.33 -41.53 -26.63
CA LEU M 251 -31.72 -41.92 -26.79
C LEU M 251 -31.99 -43.36 -26.37
N GLY M 252 -33.20 -43.62 -25.91
CA GLY M 252 -33.60 -44.97 -25.52
C GLY M 252 -33.34 -45.27 -24.06
N LYS M 253 -32.17 -44.87 -23.57
CA LYS M 253 -31.79 -45.09 -22.19
C LYS M 253 -32.09 -43.85 -21.35
N GLU M 254 -33.11 -43.11 -21.77
CA GLU M 254 -33.61 -41.96 -21.03
C GLU M 254 -34.20 -42.39 -19.70
N GLN M 255 -34.44 -43.69 -19.57
CA GLN M 255 -34.99 -44.28 -18.36
C GLN M 255 -33.95 -44.41 -17.26
N ASN M 256 -32.70 -44.65 -17.66
CA ASN M 256 -31.65 -45.03 -16.73
C ASN M 256 -31.03 -43.89 -15.92
N TYR M 257 -31.54 -42.68 -16.08
CA TYR M 257 -30.96 -41.54 -15.39
C TYR M 257 -31.83 -41.02 -14.24
N THR M 258 -31.21 -40.87 -13.08
CA THR M 258 -31.92 -40.46 -11.86
C THR M 258 -31.52 -39.05 -11.44
N CYS M 259 -32.51 -38.25 -11.05
CA CYS M 259 -32.24 -36.91 -10.52
C CYS M 259 -32.42 -36.87 -9.01
N ARG M 260 -31.36 -36.51 -8.30
CA ARG M 260 -31.39 -36.48 -6.84
C ARG M 260 -31.47 -35.06 -6.31
N VAL M 261 -32.63 -34.69 -5.75
CA VAL M 261 -32.77 -33.38 -5.14
C VAL M 261 -32.69 -33.49 -3.62
N GLU M 262 -31.92 -32.60 -3.01
CA GLU M 262 -31.75 -32.58 -1.56
C GLU M 262 -32.21 -31.25 -0.99
N HIS M 263 -33.12 -31.29 -0.04
CA HIS M 263 -33.66 -30.09 0.57
C HIS M 263 -33.79 -30.25 2.08
N GLU M 264 -33.61 -29.14 2.79
CA GLU M 264 -33.68 -29.13 4.26
C GLU M 264 -35.01 -29.66 4.77
N GLY M 265 -36.10 -29.27 4.11
CA GLY M 265 -37.42 -29.66 4.52
C GLY M 265 -37.88 -30.98 3.93
N LEU M 266 -36.93 -31.89 3.73
CA LEU M 266 -37.24 -33.22 3.23
C LEU M 266 -36.72 -34.30 4.17
N PRO M 267 -37.60 -35.22 4.58
CA PRO M 267 -37.26 -36.34 5.46
C PRO M 267 -36.25 -37.27 4.80
N LYS M 268 -36.28 -37.32 3.48
CA LYS M 268 -35.32 -38.10 2.70
C LYS M 268 -35.24 -37.55 1.29
N PRO M 269 -34.05 -37.59 0.68
CA PRO M 269 -33.82 -37.06 -0.68
C PRO M 269 -34.68 -37.77 -1.73
N LEU M 270 -35.13 -37.01 -2.73
CA LEU M 270 -35.90 -37.59 -3.82
C LEU M 270 -34.98 -38.18 -4.89
N SER M 271 -35.49 -39.18 -5.60
CA SER M 271 -34.77 -39.79 -6.71
C SER M 271 -35.72 -39.97 -7.88
N GLN M 272 -35.72 -38.99 -8.79
CA GLN M 272 -36.73 -38.92 -9.83
C GLN M 272 -36.22 -39.35 -11.20
N ARG M 273 -37.07 -40.03 -11.96
CA ARG M 273 -36.78 -40.40 -13.34
C ARG M 273 -37.98 -40.07 -14.21
N TRP M 274 -37.96 -40.50 -15.47
CA TRP M 274 -39.06 -40.19 -16.38
C TRP M 274 -40.28 -41.06 -16.09
N GLU M 275 -41.35 -40.84 -16.85
CA GLU M 275 -42.63 -41.52 -16.61
C GLU M 275 -42.69 -42.90 -17.28
N ILE N 2 -16.54 -1.61 -11.78
CA ILE N 2 -16.97 -2.90 -12.32
C ILE N 2 -18.10 -2.71 -13.32
N GLN N 3 -18.38 -3.74 -14.11
CA GLN N 3 -19.49 -3.71 -15.05
C GLN N 3 -19.96 -5.12 -15.36
N LYS N 4 -21.02 -5.56 -14.69
CA LYS N 4 -21.55 -6.90 -14.87
C LYS N 4 -22.83 -6.91 -15.71
N THR N 5 -22.93 -7.88 -16.61
CA THR N 5 -24.06 -7.97 -17.55
C THR N 5 -25.19 -8.84 -16.98
N PRO N 6 -26.42 -8.30 -17.00
CA PRO N 6 -27.60 -8.95 -16.41
C PRO N 6 -27.96 -10.32 -17.02
N GLN N 7 -28.41 -11.23 -16.16
CA GLN N 7 -28.93 -12.53 -16.58
C GLN N 7 -30.44 -12.49 -16.56
N ILE N 8 -31.07 -13.07 -17.58
CA ILE N 8 -32.53 -12.97 -17.70
C ILE N 8 -33.22 -14.33 -17.74
N GLN N 9 -34.20 -14.51 -16.88
CA GLN N 9 -35.02 -15.71 -16.88
C GLN N 9 -36.50 -15.36 -16.94
N VAL N 10 -37.18 -15.85 -17.97
CA VAL N 10 -38.62 -15.62 -18.09
C VAL N 10 -39.37 -16.93 -17.89
N TYR N 11 -40.24 -16.96 -16.87
CA TYR N 11 -40.88 -18.19 -16.46
C TYR N 11 -42.20 -17.91 -15.74
N SER N 12 -43.00 -18.97 -15.57
CA SER N 12 -44.27 -18.86 -14.87
C SER N 12 -44.17 -19.43 -13.46
N ARG N 13 -45.00 -18.92 -12.56
CA ARG N 13 -45.00 -19.37 -11.17
C ARG N 13 -45.44 -20.82 -11.07
N HIS N 14 -46.54 -21.15 -11.74
CA HIS N 14 -47.04 -22.52 -11.79
C HIS N 14 -46.87 -23.08 -13.20
N PRO N 15 -46.76 -24.42 -13.32
CA PRO N 15 -46.68 -25.06 -14.63
C PRO N 15 -47.84 -24.66 -15.55
N PRO N 16 -47.51 -24.04 -16.69
CA PRO N 16 -48.49 -23.45 -17.62
C PRO N 16 -49.53 -24.44 -18.15
N GLU N 17 -50.79 -24.05 -18.05
CA GLU N 17 -51.90 -24.76 -18.69
C GLU N 17 -52.60 -23.81 -19.63
N ASN N 18 -52.50 -24.07 -20.93
CA ASN N 18 -53.01 -23.17 -21.96
C ASN N 18 -54.48 -22.79 -21.78
N GLY N 19 -54.74 -21.87 -20.85
CA GLY N 19 -56.09 -21.40 -20.59
C GLY N 19 -56.31 -21.00 -19.14
N LYS N 20 -55.48 -21.51 -18.24
CA LYS N 20 -55.63 -21.25 -16.81
C LYS N 20 -54.70 -20.12 -16.35
N PRO N 21 -55.25 -19.16 -15.59
CA PRO N 21 -54.54 -17.98 -15.08
C PRO N 21 -53.25 -18.30 -14.34
N ASN N 22 -52.23 -17.46 -14.49
CA ASN N 22 -50.93 -17.67 -13.88
C ASN N 22 -50.21 -16.36 -13.60
N PHE N 23 -48.89 -16.43 -13.41
CA PHE N 23 -48.08 -15.25 -13.14
C PHE N 23 -46.76 -15.32 -13.91
N LEU N 24 -46.41 -14.23 -14.60
CA LEU N 24 -45.20 -14.20 -15.43
C LEU N 24 -44.05 -13.50 -14.73
N ASN N 25 -43.02 -14.27 -14.38
CA ASN N 25 -41.86 -13.71 -13.70
C ASN N 25 -40.72 -13.39 -14.65
N CYS N 26 -40.19 -12.18 -14.56
CA CYS N 26 -38.97 -11.81 -15.25
C CYS N 26 -37.86 -11.60 -14.23
N TYR N 27 -36.96 -12.56 -14.13
CA TYR N 27 -35.91 -12.50 -13.12
C TYR N 27 -34.59 -12.03 -13.71
N VAL N 28 -34.22 -10.80 -13.37
CA VAL N 28 -32.98 -10.21 -13.86
C VAL N 28 -31.98 -10.09 -12.72
N SER N 29 -30.89 -10.85 -12.81
CA SER N 29 -29.93 -10.94 -11.71
C SER N 29 -28.49 -10.70 -12.15
N GLN N 30 -27.61 -10.56 -11.16
CA GLN N 30 -26.18 -10.44 -11.38
C GLN N 30 -25.79 -9.26 -12.26
N PHE N 31 -26.45 -8.12 -12.07
CA PHE N 31 -26.11 -6.93 -12.85
C PHE N 31 -25.60 -5.79 -11.97
N HIS N 32 -24.73 -4.96 -12.56
CA HIS N 32 -24.13 -3.82 -11.87
C HIS N 32 -23.62 -2.86 -12.94
N PRO N 33 -23.91 -1.55 -12.80
CA PRO N 33 -24.62 -0.79 -11.77
C PRO N 33 -26.11 -1.13 -11.66
N PRO N 34 -26.76 -0.75 -10.55
CA PRO N 34 -28.16 -1.13 -10.30
C PRO N 34 -29.19 -0.38 -11.14
N GLN N 35 -28.77 0.64 -11.89
CA GLN N 35 -29.72 1.38 -12.72
C GLN N 35 -30.07 0.58 -13.97
N ILE N 36 -31.33 0.16 -14.06
CA ILE N 36 -31.78 -0.75 -15.09
C ILE N 36 -33.28 -0.63 -15.29
N GLU N 37 -33.75 -0.86 -16.50
CA GLU N 37 -35.18 -0.80 -16.79
C GLU N 37 -35.66 -2.09 -17.45
N ILE N 38 -36.77 -2.63 -16.94
CA ILE N 38 -37.26 -3.93 -17.36
C ILE N 38 -38.71 -3.86 -17.82
N GLU N 39 -39.00 -4.51 -18.96
CA GLU N 39 -40.34 -4.52 -19.52
C GLU N 39 -40.84 -5.92 -19.83
N LEU N 40 -42.10 -6.17 -19.50
CA LEU N 40 -42.77 -7.42 -19.87
C LEU N 40 -43.63 -7.18 -21.11
N LEU N 41 -43.59 -8.10 -22.06
CA LEU N 41 -44.26 -7.92 -23.34
C LEU N 41 -45.30 -8.99 -23.63
N LYS N 42 -46.41 -8.58 -24.25
CA LYS N 42 -47.42 -9.51 -24.73
C LYS N 42 -47.66 -9.30 -26.22
N ASN N 43 -47.23 -10.28 -27.02
CA ASN N 43 -47.33 -10.21 -28.47
C ASN N 43 -46.61 -9.00 -29.06
N GLY N 44 -45.43 -8.71 -28.52
CA GLY N 44 -44.63 -7.59 -29.02
C GLY N 44 -44.98 -6.25 -28.39
N LYS N 45 -46.18 -6.17 -27.83
CA LYS N 45 -46.63 -4.93 -27.18
C LYS N 45 -46.29 -4.95 -25.70
N LYS N 46 -46.26 -3.77 -25.07
CA LYS N 46 -45.90 -3.66 -23.67
C LYS N 46 -47.08 -3.85 -22.73
N ILE N 47 -46.87 -4.64 -21.67
CA ILE N 47 -47.86 -4.83 -20.63
C ILE N 47 -47.74 -3.73 -19.57
N PRO N 48 -48.86 -3.09 -19.22
CA PRO N 48 -48.83 -1.99 -18.25
C PRO N 48 -49.13 -2.43 -16.81
N ASN N 49 -48.79 -1.57 -15.86
CA ASN N 49 -49.00 -1.82 -14.43
C ASN N 49 -48.47 -3.17 -13.95
N ILE N 50 -47.23 -3.48 -14.28
CA ILE N 50 -46.59 -4.68 -13.78
C ILE N 50 -45.95 -4.39 -12.42
N GLU N 51 -45.66 -5.44 -11.67
CA GLU N 51 -45.07 -5.28 -10.35
C GLU N 51 -43.57 -5.55 -10.39
N MET N 52 -42.81 -4.77 -9.62
CA MET N 52 -41.36 -4.94 -9.56
C MET N 52 -40.88 -4.99 -8.12
N SER N 53 -40.11 -6.02 -7.80
CA SER N 53 -39.52 -6.14 -6.47
C SER N 53 -38.58 -4.97 -6.22
N ASP N 54 -38.56 -4.49 -4.99
CA ASP N 54 -37.69 -3.38 -4.62
C ASP N 54 -36.22 -3.81 -4.76
N LEU N 55 -35.34 -2.84 -4.96
CA LEU N 55 -33.94 -3.10 -5.26
C LEU N 55 -33.24 -3.90 -4.16
N SER N 56 -32.58 -4.98 -4.57
CA SER N 56 -31.82 -5.82 -3.65
C SER N 56 -30.56 -6.33 -4.33
N PHE N 57 -29.55 -6.69 -3.54
CA PHE N 57 -28.34 -7.29 -4.10
C PHE N 57 -27.96 -8.56 -3.37
N SER N 58 -26.89 -9.21 -3.84
CA SER N 58 -26.52 -10.53 -3.37
C SER N 58 -25.18 -10.56 -2.65
N LYS N 59 -24.73 -11.76 -2.32
CA LYS N 59 -23.46 -11.99 -1.64
C LYS N 59 -22.29 -11.38 -2.42
N ASP N 60 -22.35 -11.46 -3.74
CA ASP N 60 -21.27 -10.99 -4.59
C ASP N 60 -21.50 -9.56 -5.07
N TRP N 61 -22.29 -8.81 -4.31
CA TRP N 61 -22.54 -7.38 -4.57
C TRP N 61 -23.27 -7.13 -5.90
N SER N 62 -23.93 -8.14 -6.44
CA SER N 62 -24.64 -7.97 -7.71
C SER N 62 -26.15 -7.86 -7.49
N PHE N 63 -26.76 -6.86 -8.11
CA PHE N 63 -28.17 -6.55 -7.88
C PHE N 63 -29.12 -7.46 -8.64
N TYR N 64 -30.35 -7.55 -8.15
CA TYR N 64 -31.38 -8.35 -8.81
C TYR N 64 -32.77 -7.76 -8.56
N ILE N 65 -33.63 -7.86 -9.57
CA ILE N 65 -35.00 -7.38 -9.48
C ILE N 65 -35.95 -8.39 -10.13
N LEU N 66 -37.13 -8.58 -9.54
CA LEU N 66 -38.12 -9.47 -10.12
C LEU N 66 -39.33 -8.71 -10.63
N ALA N 67 -39.49 -8.67 -11.95
CA ALA N 67 -40.67 -8.10 -12.57
C ALA N 67 -41.69 -9.20 -12.81
N HIS N 68 -42.95 -8.96 -12.42
CA HIS N 68 -43.97 -9.97 -12.61
C HIS N 68 -45.37 -9.39 -12.77
N THR N 69 -46.16 -10.04 -13.64
CA THR N 69 -47.52 -9.63 -13.92
C THR N 69 -48.46 -10.83 -13.98
N GLU N 70 -49.76 -10.57 -13.98
CA GLU N 70 -50.74 -11.61 -14.21
C GLU N 70 -50.87 -11.88 -15.70
N PHE N 71 -50.98 -13.15 -16.06
CA PHE N 71 -51.20 -13.51 -17.46
C PHE N 71 -51.91 -14.85 -17.56
N THR N 72 -52.34 -15.19 -18.77
CA THR N 72 -52.99 -16.46 -19.03
C THR N 72 -52.42 -17.06 -20.31
N PRO N 73 -51.70 -18.18 -20.19
CA PRO N 73 -51.00 -18.79 -21.32
C PRO N 73 -51.95 -19.24 -22.43
N THR N 74 -51.66 -18.84 -23.67
CA THR N 74 -52.33 -19.41 -24.82
C THR N 74 -51.27 -19.97 -25.75
N GLU N 75 -51.70 -20.76 -26.72
CA GLU N 75 -50.78 -21.51 -27.57
C GLU N 75 -50.11 -20.64 -28.63
N THR N 76 -50.66 -19.46 -28.88
CA THR N 76 -50.13 -18.60 -29.93
C THR N 76 -49.63 -17.24 -29.41
N ASP N 77 -50.07 -16.84 -28.23
CA ASP N 77 -49.62 -15.58 -27.65
C ASP N 77 -48.14 -15.66 -27.28
N VAL N 78 -47.39 -14.63 -27.65
CA VAL N 78 -45.95 -14.61 -27.43
C VAL N 78 -45.56 -13.65 -26.31
N TYR N 79 -45.29 -14.20 -25.14
CA TYR N 79 -44.86 -13.40 -23.99
C TYR N 79 -43.34 -13.37 -23.90
N ALA N 80 -42.80 -12.21 -23.55
CA ALA N 80 -41.35 -12.06 -23.46
C ALA N 80 -40.96 -10.97 -22.46
N CYS N 81 -39.65 -10.81 -22.27
CA CYS N 81 -39.13 -9.80 -21.36
C CYS N 81 -37.97 -9.03 -22.00
N ARG N 82 -38.02 -7.72 -21.90
CA ARG N 82 -36.99 -6.86 -22.48
C ARG N 82 -36.28 -6.05 -21.40
N VAL N 83 -34.95 -6.00 -21.47
CA VAL N 83 -34.15 -5.35 -20.44
C VAL N 83 -33.13 -4.38 -21.03
N LYS N 84 -33.14 -3.15 -20.52
CA LYS N 84 -32.18 -2.14 -20.95
C LYS N 84 -31.20 -1.79 -19.83
N HIS N 85 -29.91 -2.04 -20.09
CA HIS N 85 -28.86 -1.78 -19.11
C HIS N 85 -27.64 -1.15 -19.79
N VAL N 86 -26.74 -0.60 -18.97
CA VAL N 86 -25.53 0.05 -19.47
C VAL N 86 -24.66 -0.91 -20.28
N THR N 87 -24.75 -2.20 -19.95
CA THR N 87 -23.89 -3.21 -20.55
C THR N 87 -24.36 -3.67 -21.92
N LEU N 88 -25.63 -3.40 -22.23
CA LEU N 88 -26.21 -3.85 -23.49
C LEU N 88 -26.25 -2.72 -24.51
N LYS N 89 -25.74 -3.00 -25.71
CA LYS N 89 -25.72 -2.01 -26.78
C LYS N 89 -27.14 -1.65 -27.21
N GLU N 90 -28.02 -2.63 -27.21
CA GLU N 90 -29.44 -2.43 -27.49
C GLU N 90 -30.23 -3.51 -26.76
N PRO N 91 -31.36 -3.13 -26.13
CA PRO N 91 -32.28 -3.99 -25.36
C PRO N 91 -32.32 -5.45 -25.78
N LYS N 92 -32.03 -6.35 -24.85
CA LYS N 92 -32.11 -7.78 -25.11
C LYS N 92 -33.47 -8.32 -24.71
N THR N 93 -34.06 -9.12 -25.58
CA THR N 93 -35.39 -9.68 -25.34
C THR N 93 -35.34 -11.20 -25.23
N VAL N 94 -35.87 -11.73 -24.14
CA VAL N 94 -35.95 -13.17 -23.95
C VAL N 94 -37.39 -13.64 -23.97
N THR N 95 -37.71 -14.53 -24.91
CA THR N 95 -39.07 -15.01 -25.10
C THR N 95 -39.37 -16.19 -24.19
N TRP N 96 -40.55 -16.18 -23.57
CA TRP N 96 -40.99 -17.24 -22.69
C TRP N 96 -41.04 -18.59 -23.40
N ASP N 97 -40.62 -19.63 -22.70
CA ASP N 97 -40.73 -20.99 -23.20
C ASP N 97 -41.19 -21.92 -22.08
N ARG N 98 -42.21 -22.72 -22.35
CA ARG N 98 -42.77 -23.63 -21.36
C ARG N 98 -41.77 -24.71 -20.94
N ASP N 99 -40.78 -24.95 -21.79
CA ASP N 99 -39.78 -25.99 -21.53
C ASP N 99 -38.69 -25.52 -20.57
N MET N 100 -38.71 -24.24 -20.23
CA MET N 100 -37.69 -23.66 -19.36
C MET N 100 -38.28 -22.73 -18.31
N TYR O 1 -32.31 -5.58 14.94
CA TYR O 1 -32.10 -4.21 15.37
C TYR O 1 -30.89 -3.60 14.67
N LEU O 2 -31.06 -2.40 14.13
CA LEU O 2 -30.00 -1.72 13.40
C LEU O 2 -28.85 -1.32 14.31
N ARG O 3 -27.62 -1.55 13.86
CA ARG O 3 -26.45 -1.11 14.60
C ARG O 3 -26.20 0.38 14.42
N TYR O 4 -26.05 1.10 15.52
CA TYR O 4 -25.67 2.51 15.46
C TYR O 4 -24.29 2.72 16.06
N VAL O 8 -21.62 8.07 18.00
CA VAL O 8 -20.52 8.33 17.07
C VAL O 8 -20.89 7.95 15.64
N GLY O 9 -20.53 8.81 14.70
CA GLY O 9 -20.60 8.48 13.28
C GLY O 9 -19.21 8.14 12.78
N GLU O 10 -18.99 6.86 12.48
CA GLU O 10 -17.66 6.38 12.08
C GLU O 10 -17.50 6.33 10.56
N TYR O 11 -16.57 7.10 10.04
CA TYR O 11 -16.41 7.27 8.60
C TYR O 11 -15.27 6.44 8.02
N ARG O 12 -15.35 6.17 6.72
CA ARG O 12 -14.31 5.43 6.01
C ARG O 12 -13.13 6.33 5.66
#